data_6MFP
#
_entry.id   6MFP
#
_cell.length_a   63.487
_cell.length_b   80.093
_cell.length_c   88.688
_cell.angle_alpha   84.82
_cell.angle_beta   82.33
_cell.angle_gamma   82.24
#
_symmetry.space_group_name_H-M   'P 1'
#
loop_
_entity.id
_entity.type
_entity.pdbx_description
1 polymer 'clade A/E 93TH057 HIV-1 gp120 core'
2 polymer 'M48U1 CD4 MIMETIC PEPTIDE'
3 polymer 'DH677.3 Fab heavy chain'
4 polymer 'DH677.3 Fab light chain'
5 branched 2-acetamido-2-deoxy-beta-D-glucopyranose-(1-4)-[alpha-L-fucopyranose-(1-6)]2-acetamido-2-deoxy-beta-D-glucopyranose
6 non-polymer 2-acetamido-2-deoxy-beta-D-glucopyranose
7 non-polymer 'CHLORIDE ION'
#
loop_
_entity_poly.entity_id
_entity_poly.type
_entity_poly.pdbx_seq_one_letter_code
_entity_poly.pdbx_strand_id
1 'polypeptide(L)'
;VPVWKDADTTLFCASDAKAHETEVHNVWATHACVPTDPNPQEIHLENVTENFNMWKNNMVEQMQEDVISLWDQSLQPCVK
LTGGSVIKQACPKISFDPIPIHYCTPAGYVILKCNDKNFNGTGPCKNVSSVQCTHGIKPVVSTQLLLNGSLAEEEIIIRS
ENLTNNAKTIIVHLNKSVEINCTRPSNGGSGSGGDIRKAYCEINGTKWNKVLKQVTEKLKEHFNNKTIIFQPPSGGDLEI
TMHSFNCRGEFFYCNTTQLFNNTCIGNETMKGCNGTITLPCKIKQIINMWQGTGQAMYAPPIDGKINCVSNITGILLTRD
GGANNTSNETFRPGGGNIKDNWRSELYKYKVVQIE
;
G,A
2 'polypeptide(L)' (MPT)NLHFCQLRCKSLGLLGRCA(DPR)T(U2X)CACV(NH2) N,M
3 'polypeptide(L)'
;QVQLVQSGAEVQKPGASVKVSCKASGYTFASYDINWVRQATGQGLEWMGWMNPKTGNTGYAQKFQGRVTLTRNTSISTAY
MELTSLRSEDTAVYYCATYRIIAAVGYRYFQYWGQGTLVTVSSASTKGPSVFPLAPSSKSTSGGTAALGCLVKDYFPEPV
TVSWNSGALTSGVHTFPAVLQSSGLYSLSSVVTVPSSSLGTQTYICNVNHKPSNTKVDKRVEPKSCDK
;
H,C
4 'polypeptide(L)'
;DIQLTQSPSSLSASVGDSVTITCRASQGFGNYLAWYQQRPGKVPEVLIYAATTLQSGVPSRFSGSGSGTDFTLTISSLQP
EDVATYYCQKYNSAPFTFGQGTRLEIKRTVAAPSVFIFPPSDEQLKSGTASVVCLLNNFYPREAKVQWKVDNALQSGNSQ
ESVTEQDSKDSTYSLSSTLTLSKADYEKHKVYACEVTHQGLSSPVTKSFNRGEC
;
L,D
#
loop_
_chem_comp.id
_chem_comp.type
_chem_comp.name
_chem_comp.formula
CL non-polymer 'CHLORIDE ION' 'Cl -1'
FUC L-saccharide, alpha linking alpha-L-fucopyranose 'C6 H12 O5'
MPT non-polymer 'BETA-MERCAPTOPROPIONIC ACID' 'C3 H6 O2 S'
NAG D-saccharide, beta linking 2-acetamido-2-deoxy-beta-D-glucopyranose 'C8 H15 N O6'
NH2 non-polymer 'AMINO GROUP' 'H2 N'
#
# COMPACT_ATOMS: atom_id res chain seq x y z
N VAL A 3 22.53 -12.48 -11.74
CA VAL A 3 21.52 -12.34 -10.66
C VAL A 3 21.00 -13.75 -10.29
N TRP A 4 20.16 -14.34 -11.13
CA TRP A 4 19.51 -15.64 -10.86
C TRP A 4 19.73 -16.60 -12.02
N LYS A 5 19.33 -17.87 -11.85
CA LYS A 5 19.73 -19.01 -12.71
C LYS A 5 18.77 -20.18 -12.50
N ASP A 6 18.36 -20.82 -13.60
CA ASP A 6 17.63 -22.11 -13.60
C ASP A 6 18.39 -23.12 -12.74
N ALA A 7 17.66 -23.83 -11.90
CA ALA A 7 18.20 -24.88 -11.02
C ALA A 7 17.14 -25.96 -10.79
N ASP A 8 17.60 -27.17 -10.48
CA ASP A 8 16.77 -28.34 -10.10
C ASP A 8 17.11 -28.72 -8.66
N THR A 9 16.56 -28.00 -7.68
CA THR A 9 16.81 -28.27 -6.25
C THR A 9 15.72 -29.25 -5.78
N THR A 10 15.84 -29.73 -4.54
CA THR A 10 14.77 -30.52 -3.85
C THR A 10 13.85 -29.55 -3.10
N LEU A 11 12.58 -29.51 -3.48
CA LEU A 11 11.54 -28.67 -2.81
C LEU A 11 11.04 -29.40 -1.56
N PHE A 12 10.18 -28.77 -0.76
CA PHE A 12 9.37 -29.46 0.28
C PHE A 12 7.91 -29.07 0.07
N CYS A 13 6.99 -29.83 0.65
CA CYS A 13 5.54 -29.60 0.51
C CYS A 13 5.02 -28.95 1.79
N ALA A 14 3.98 -28.15 1.62
CA ALA A 14 3.23 -27.48 2.68
C ALA A 14 1.76 -27.77 2.46
N SER A 15 0.98 -27.90 3.52
CA SER A 15 -0.47 -28.20 3.43
C SER A 15 -1.16 -27.80 4.71
N ASP A 16 -2.45 -27.49 4.60
CA ASP A 16 -3.35 -27.19 5.73
C ASP A 16 -3.96 -28.50 6.20
N ALA A 17 -3.12 -29.52 6.41
CA ALA A 17 -3.53 -30.84 6.93
C ALA A 17 -3.94 -30.72 8.40
N LYS A 18 -4.66 -31.73 8.86
CA LYS A 18 -5.14 -31.90 10.26
C LYS A 18 -4.62 -33.25 10.75
N ALA A 19 -3.85 -33.26 11.84
CA ALA A 19 -3.05 -34.42 12.29
C ALA A 19 -3.96 -35.49 12.89
N HIS A 20 -5.13 -35.08 13.39
CA HIS A 20 -6.13 -35.94 14.08
C HIS A 20 -6.85 -36.82 13.04
N GLU A 21 -7.26 -36.24 11.90
CA GLU A 21 -8.03 -36.96 10.84
C GLU A 21 -7.17 -38.09 10.25
N THR A 22 -7.75 -39.29 10.10
CA THR A 22 -7.08 -40.52 9.60
C THR A 22 -7.22 -40.59 8.09
N GLU A 23 -7.57 -39.46 7.44
CA GLU A 23 -7.69 -39.34 5.97
C GLU A 23 -6.30 -39.52 5.37
N VAL A 24 -6.19 -40.42 4.39
CA VAL A 24 -4.94 -40.83 3.69
C VAL A 24 -4.10 -39.58 3.36
N HIS A 25 -4.72 -38.57 2.75
CA HIS A 25 -4.06 -37.32 2.28
C HIS A 25 -3.57 -36.52 3.49
N ASN A 26 -4.46 -36.30 4.47
CA ASN A 26 -4.13 -35.61 5.74
C ASN A 26 -3.01 -36.40 6.43
N VAL A 27 -3.14 -37.73 6.45
CA VAL A 27 -2.16 -38.65 7.10
C VAL A 27 -0.80 -38.46 6.42
N TRP A 28 -0.72 -38.62 5.10
CA TRP A 28 0.57 -38.58 4.36
C TRP A 28 1.15 -37.16 4.46
N ALA A 29 0.30 -36.13 4.34
CA ALA A 29 0.71 -34.71 4.35
C ALA A 29 1.02 -34.25 5.79
N THR A 30 0.63 -34.99 6.83
CA THR A 30 0.95 -34.62 8.23
C THR A 30 2.45 -34.77 8.44
N HIS A 31 3.07 -35.77 7.80
CA HIS A 31 4.56 -35.84 7.67
C HIS A 31 4.88 -35.48 6.21
N ALA A 32 6.15 -35.46 5.83
CA ALA A 32 6.62 -35.06 4.47
C ALA A 32 6.30 -33.59 4.19
N CYS A 33 5.13 -33.08 4.59
CA CYS A 33 4.79 -31.64 4.49
C CYS A 33 5.07 -30.89 5.81
N VAL A 34 5.25 -29.57 5.70
CA VAL A 34 5.22 -28.62 6.86
C VAL A 34 3.82 -28.02 6.87
N PRO A 35 3.46 -27.14 7.83
CA PRO A 35 2.19 -26.42 7.75
C PRO A 35 2.01 -25.69 6.41
N THR A 36 1.75 -24.40 6.44
CA THR A 36 1.29 -23.63 5.26
C THR A 36 1.50 -22.16 5.56
N ASP A 37 1.99 -21.41 4.58
CA ASP A 37 2.28 -19.97 4.75
C ASP A 37 0.94 -19.23 4.85
N PRO A 38 0.62 -18.55 5.96
CA PRO A 38 -0.58 -17.73 6.03
C PRO A 38 -0.37 -16.34 5.42
N ASN A 39 0.85 -16.03 4.96
CA ASN A 39 1.18 -14.71 4.37
C ASN A 39 2.11 -14.90 3.19
N PRO A 40 1.66 -15.60 2.12
CA PRO A 40 2.53 -15.99 1.02
C PRO A 40 2.97 -14.71 0.32
N GLN A 41 4.28 -14.44 0.28
CA GLN A 41 4.85 -13.18 -0.27
C GLN A 41 5.02 -13.36 -1.78
N GLU A 42 4.18 -12.68 -2.56
CA GLU A 42 4.31 -12.54 -4.03
C GLU A 42 5.06 -11.22 -4.28
N ILE A 43 6.07 -11.28 -5.15
CA ILE A 43 6.96 -10.13 -5.50
C ILE A 43 6.99 -10.01 -7.02
N HIS A 44 6.18 -9.08 -7.54
CA HIS A 44 6.07 -8.70 -8.97
C HIS A 44 7.44 -8.24 -9.48
N LEU A 45 8.08 -9.02 -10.35
CA LEU A 45 9.41 -8.70 -10.93
C LEU A 45 9.23 -7.55 -11.91
N GLU A 46 9.39 -6.31 -11.42
CA GLU A 46 9.37 -5.01 -12.17
C GLU A 46 8.75 -5.20 -13.56
N ASN A 47 9.55 -5.38 -14.61
CA ASN A 47 9.09 -5.55 -16.01
C ASN A 47 9.97 -6.60 -16.70
N VAL A 48 10.32 -7.69 -16.00
CA VAL A 48 11.27 -8.73 -16.50
C VAL A 48 10.55 -9.65 -17.50
N THR A 49 11.31 -10.44 -18.25
CA THR A 49 10.79 -11.46 -19.19
C THR A 49 11.70 -12.69 -19.13
N GLU A 50 11.11 -13.86 -18.88
CA GLU A 50 11.81 -15.13 -18.62
C GLU A 50 11.33 -16.22 -19.58
N ASN A 51 12.04 -17.35 -19.62
CA ASN A 51 11.75 -18.48 -20.55
C ASN A 51 11.25 -19.67 -19.73
N PHE A 52 9.96 -20.00 -19.86
CA PHE A 52 9.30 -21.18 -19.22
C PHE A 52 9.27 -22.35 -20.20
N ASN A 53 9.11 -23.57 -19.67
CA ASN A 53 8.96 -24.82 -20.48
C ASN A 53 8.30 -25.88 -19.60
N MET A 54 6.97 -25.97 -19.66
CA MET A 54 6.21 -26.83 -18.71
C MET A 54 6.58 -28.30 -18.92
N TRP A 55 7.20 -28.67 -20.05
CA TRP A 55 7.46 -30.10 -20.38
C TRP A 55 8.89 -30.50 -20.02
N LYS A 56 9.73 -29.56 -19.59
CA LYS A 56 11.07 -29.83 -19.00
C LYS A 56 11.07 -29.17 -17.62
N ASN A 57 10.07 -29.49 -16.81
CA ASN A 57 9.93 -28.92 -15.43
C ASN A 57 10.15 -30.03 -14.39
N ASN A 58 11.21 -29.90 -13.60
CA ASN A 58 11.62 -30.92 -12.59
C ASN A 58 10.54 -31.04 -11.51
N MET A 59 9.81 -29.96 -11.24
CA MET A 59 8.73 -29.90 -10.22
C MET A 59 7.70 -30.99 -10.47
N VAL A 60 7.47 -31.30 -11.75
CA VAL A 60 6.48 -32.34 -12.16
C VAL A 60 7.00 -33.70 -11.68
N GLU A 61 8.31 -33.96 -11.81
CA GLU A 61 8.93 -35.25 -11.40
C GLU A 61 8.87 -35.35 -9.87
N GLN A 62 9.11 -34.24 -9.14
CA GLN A 62 9.13 -34.23 -7.65
C GLN A 62 7.71 -34.46 -7.15
N MET A 63 6.71 -33.78 -7.73
CA MET A 63 5.28 -34.00 -7.39
C MET A 63 4.85 -35.41 -7.79
N GLN A 64 5.31 -35.91 -8.94
CA GLN A 64 5.02 -37.29 -9.39
C GLN A 64 5.45 -38.26 -8.29
N GLU A 65 6.69 -38.13 -7.82
CA GLU A 65 7.26 -38.99 -6.74
C GLU A 65 6.39 -38.83 -5.49
N ASP A 66 5.99 -37.62 -5.15
CA ASP A 66 5.23 -37.37 -3.89
C ASP A 66 3.89 -38.11 -3.98
N VAL A 67 3.17 -37.94 -5.08
CA VAL A 67 1.80 -38.52 -5.21
C VAL A 67 1.94 -40.04 -5.30
N ILE A 68 2.99 -40.54 -5.97
CA ILE A 68 3.36 -42.00 -5.99
C ILE A 68 3.37 -42.47 -4.54
N SER A 69 4.27 -41.90 -3.73
CA SER A 69 4.55 -42.31 -2.33
C SER A 69 3.32 -42.05 -1.46
N LEU A 70 2.49 -41.06 -1.78
CA LEU A 70 1.17 -40.92 -1.10
C LEU A 70 0.38 -42.22 -1.26
N TRP A 71 0.20 -42.68 -2.50
CA TRP A 71 -0.80 -43.70 -2.90
C TRP A 71 -0.39 -45.09 -2.41
N ASP A 72 0.78 -45.58 -2.84
CA ASP A 72 1.23 -46.98 -2.59
C ASP A 72 1.91 -47.06 -1.21
N GLN A 73 1.45 -46.26 -0.23
CA GLN A 73 1.84 -46.35 1.19
C GLN A 73 0.61 -46.11 2.07
N SER A 74 -0.49 -45.65 1.48
CA SER A 74 -1.71 -45.25 2.19
C SER A 74 -2.96 -45.83 1.54
N LEU A 75 -2.89 -46.22 0.27
CA LEU A 75 -3.89 -47.13 -0.37
C LEU A 75 -3.38 -48.58 -0.32
N GLN A 76 -4.07 -49.40 0.47
CA GLN A 76 -3.65 -50.76 0.84
C GLN A 76 -4.11 -51.72 -0.25
N PRO A 77 -3.19 -52.27 -1.06
CA PRO A 77 -3.53 -53.22 -2.12
C PRO A 77 -3.51 -54.67 -1.61
N CYS A 78 -4.64 -55.38 -1.77
CA CYS A 78 -4.82 -56.80 -1.34
C CYS A 78 -3.64 -57.66 -1.81
N VAL A 79 -3.18 -57.45 -3.06
CA VAL A 79 -1.90 -58.00 -3.63
C VAL A 79 -1.52 -57.21 -4.90
N LYS A 80 -0.23 -56.89 -5.06
CA LYS A 80 0.35 -56.17 -6.23
C LYS A 80 1.27 -57.13 -7.02
N LEU A 81 1.14 -57.15 -8.35
CA LEU A 81 2.01 -57.93 -9.26
C LEU A 81 2.70 -56.98 -10.24
N THR A 82 4.04 -56.96 -10.25
CA THR A 82 4.90 -56.05 -11.06
C THR A 82 6.13 -56.81 -11.58
N GLY A 83 7.33 -56.39 -11.20
CA GLY A 83 8.57 -57.00 -11.72
C GLY A 83 8.81 -58.41 -11.22
N GLY A 84 8.08 -59.39 -11.78
CA GLY A 84 8.43 -60.83 -11.77
C GLY A 84 8.25 -61.41 -10.39
N SER A 85 7.64 -60.60 -9.53
CA SER A 85 7.39 -60.83 -8.09
C SER A 85 5.90 -60.61 -7.80
N VAL A 86 5.36 -61.25 -6.76
CA VAL A 86 4.00 -60.98 -6.21
C VAL A 86 4.11 -60.81 -4.69
N ILE A 87 3.49 -59.74 -4.16
CA ILE A 87 3.52 -59.36 -2.71
C ILE A 87 2.11 -59.50 -2.14
N LYS A 88 2.01 -59.70 -0.83
CA LYS A 88 0.72 -59.80 -0.08
C LYS A 88 0.67 -58.67 0.97
N GLN A 89 -0.51 -58.09 1.17
CA GLN A 89 -0.79 -57.01 2.18
C GLN A 89 -2.27 -57.11 2.60
N ALA A 90 -2.65 -56.45 3.69
CA ALA A 90 -4.07 -56.28 4.09
C ALA A 90 -4.62 -55.02 3.42
N CYS A 91 -5.90 -55.02 3.07
CA CYS A 91 -6.58 -53.94 2.30
C CYS A 91 -7.78 -53.43 3.08
N PRO A 92 -7.54 -52.67 4.17
CA PRO A 92 -8.59 -51.97 4.92
C PRO A 92 -9.14 -50.74 4.21
N LYS A 93 -10.47 -50.67 4.02
CA LYS A 93 -11.12 -49.52 3.31
C LYS A 93 -10.83 -48.22 4.08
N ILE A 94 -10.71 -47.11 3.36
CA ILE A 94 -10.31 -45.80 3.94
C ILE A 94 -11.15 -44.67 3.34
N SER A 95 -11.16 -43.54 4.06
CA SER A 95 -11.68 -42.22 3.61
C SER A 95 -10.67 -41.61 2.65
N PHE A 96 -11.12 -40.80 1.70
CA PHE A 96 -10.31 -40.36 0.53
C PHE A 96 -10.86 -39.05 -0.05
N ASP A 97 -10.09 -37.98 0.12
CA ASP A 97 -10.38 -36.63 -0.41
C ASP A 97 -9.06 -35.88 -0.55
N PRO A 98 -8.70 -35.46 -1.78
CA PRO A 98 -7.42 -34.83 -2.05
C PRO A 98 -7.41 -33.40 -1.50
N ILE A 99 -6.48 -33.10 -0.59
CA ILE A 99 -6.32 -31.72 -0.06
C ILE A 99 -5.20 -31.03 -0.85
N PRO A 100 -5.37 -29.71 -1.13
CA PRO A 100 -4.34 -28.91 -1.77
C PRO A 100 -2.93 -29.04 -1.15
N ILE A 101 -1.95 -29.24 -2.00
CA ILE A 101 -0.50 -29.33 -1.64
C ILE A 101 0.22 -28.16 -2.30
N HIS A 102 0.97 -27.39 -1.51
CA HIS A 102 1.84 -26.29 -1.98
C HIS A 102 3.28 -26.84 -2.06
N TYR A 103 4.00 -26.49 -3.13
CA TYR A 103 5.44 -26.84 -3.31
C TYR A 103 6.28 -25.58 -3.09
N CYS A 104 7.38 -25.75 -2.36
CA CYS A 104 8.12 -24.68 -1.65
C CYS A 104 9.61 -24.83 -1.96
N THR A 105 10.32 -23.73 -2.21
CA THR A 105 11.77 -23.74 -2.44
C THR A 105 12.51 -23.49 -1.14
N PRO A 106 13.63 -24.19 -0.89
CA PRO A 106 14.47 -23.91 0.27
C PRO A 106 15.24 -22.60 0.07
N ALA A 107 15.66 -21.99 1.18
CA ALA A 107 16.53 -20.81 1.21
C ALA A 107 17.63 -20.99 0.18
N GLY A 108 17.88 -19.95 -0.62
CA GLY A 108 18.85 -19.95 -1.72
C GLY A 108 18.16 -20.13 -3.06
N TYR A 109 16.83 -20.27 -3.07
CA TYR A 109 16.03 -20.50 -4.31
C TYR A 109 14.66 -19.84 -4.19
N VAL A 110 14.04 -19.53 -5.32
CA VAL A 110 12.66 -18.98 -5.40
C VAL A 110 11.98 -19.62 -6.62
N ILE A 111 10.65 -19.59 -6.65
CA ILE A 111 9.85 -20.06 -7.81
C ILE A 111 9.43 -18.82 -8.59
N LEU A 112 9.79 -18.72 -9.87
CA LEU A 112 9.20 -17.69 -10.77
C LEU A 112 7.82 -18.20 -11.21
N LYS A 113 6.86 -17.27 -11.33
CA LYS A 113 5.46 -17.58 -11.68
C LYS A 113 5.06 -16.69 -12.85
N CYS A 114 4.33 -17.23 -13.83
CA CYS A 114 3.81 -16.50 -15.01
C CYS A 114 2.34 -16.11 -14.77
N ASN A 115 2.02 -14.81 -14.77
CA ASN A 115 0.63 -14.31 -14.60
C ASN A 115 0.02 -13.91 -15.95
N ASP A 116 0.69 -14.27 -17.06
CA ASP A 116 0.11 -14.15 -18.44
C ASP A 116 -1.22 -14.90 -18.51
N LYS A 117 -2.32 -14.14 -18.42
CA LYS A 117 -3.74 -14.58 -18.52
C LYS A 117 -3.92 -15.73 -19.55
N ASN A 118 -3.36 -15.59 -20.75
CA ASN A 118 -3.38 -16.63 -21.82
C ASN A 118 -1.94 -17.01 -22.14
N PHE A 119 -1.50 -18.18 -21.66
CA PHE A 119 -0.10 -18.65 -21.73
C PHE A 119 -0.15 -20.17 -21.78
N ASN A 120 0.63 -20.80 -22.67
CA ASN A 120 0.49 -22.24 -22.95
C ASN A 120 1.73 -22.99 -22.46
N GLY A 121 2.41 -22.45 -21.43
CA GLY A 121 3.45 -23.17 -20.65
C GLY A 121 4.78 -23.25 -21.37
N THR A 122 4.90 -22.76 -22.61
CA THR A 122 6.20 -22.70 -23.34
C THR A 122 6.53 -21.25 -23.72
N GLY A 123 7.80 -20.89 -23.56
CA GLY A 123 8.41 -19.67 -24.11
C GLY A 123 8.37 -18.48 -23.15
N PRO A 124 8.59 -17.27 -23.71
CA PRO A 124 8.41 -16.00 -23.00
C PRO A 124 7.17 -15.83 -22.13
N CYS A 125 7.29 -15.02 -21.06
CA CYS A 125 6.18 -14.74 -20.13
C CYS A 125 5.81 -13.25 -20.11
N LYS A 126 6.72 -12.38 -19.67
CA LYS A 126 6.51 -10.90 -19.52
C LYS A 126 6.06 -10.59 -18.09
N ASN A 127 4.82 -10.92 -17.70
CA ASN A 127 4.33 -10.60 -16.33
C ASN A 127 4.92 -11.63 -15.35
N VAL A 128 6.24 -11.57 -15.16
CA VAL A 128 6.98 -12.53 -14.29
C VAL A 128 6.79 -12.10 -12.83
N SER A 129 6.50 -13.06 -11.98
CA SER A 129 6.32 -12.91 -10.51
C SER A 129 7.28 -13.88 -9.82
N SER A 130 7.38 -13.79 -8.51
CA SER A 130 8.32 -14.61 -7.70
C SER A 130 7.64 -14.95 -6.37
N VAL A 131 7.57 -16.24 -6.06
CA VAL A 131 6.98 -16.78 -4.80
C VAL A 131 7.95 -17.81 -4.23
N GLN A 132 7.85 -18.07 -2.93
CA GLN A 132 8.71 -19.08 -2.26
C GLN A 132 7.91 -20.37 -2.12
N CYS A 133 6.67 -20.39 -2.60
CA CYS A 133 5.80 -21.59 -2.57
C CYS A 133 4.72 -21.50 -3.65
N THR A 134 4.37 -22.63 -4.28
CA THR A 134 3.29 -22.72 -5.29
C THR A 134 1.96 -22.54 -4.55
N HIS A 135 0.85 -23.00 -5.12
CA HIS A 135 -0.49 -22.78 -4.52
C HIS A 135 -1.21 -24.11 -4.30
N GLY A 136 -2.45 -24.05 -3.81
CA GLY A 136 -3.27 -25.24 -3.52
C GLY A 136 -3.48 -26.07 -4.76
N ILE A 137 -2.68 -27.13 -4.95
CA ILE A 137 -2.75 -28.07 -6.10
C ILE A 137 -3.18 -29.44 -5.59
N LYS A 138 -4.47 -29.78 -5.76
CA LYS A 138 -5.02 -31.10 -5.36
C LYS A 138 -4.38 -32.15 -6.27
N PRO A 139 -3.80 -33.22 -5.69
CA PRO A 139 -3.14 -34.26 -6.48
C PRO A 139 -4.18 -35.19 -7.11
N VAL A 140 -5.21 -34.64 -7.76
CA VAL A 140 -6.35 -35.43 -8.31
C VAL A 140 -5.82 -36.27 -9.48
N VAL A 141 -5.83 -37.61 -9.33
CA VAL A 141 -5.36 -38.54 -10.40
C VAL A 141 -6.59 -38.97 -11.20
N SER A 142 -6.59 -38.67 -12.50
CA SER A 142 -7.72 -38.89 -13.42
C SER A 142 -7.19 -39.12 -14.84
N THR A 143 -8.10 -39.53 -15.73
CA THR A 143 -7.84 -39.87 -17.15
C THR A 143 -8.95 -39.24 -18.00
N GLN A 144 -8.55 -38.69 -19.15
CA GLN A 144 -9.47 -38.03 -20.11
C GLN A 144 -9.92 -36.67 -19.57
N LEU A 145 -10.21 -36.53 -18.27
CA LEU A 145 -10.74 -35.26 -17.70
C LEU A 145 -9.97 -34.91 -16.43
N LEU A 146 -9.54 -33.65 -16.34
CA LEU A 146 -8.84 -33.09 -15.16
C LEU A 146 -9.90 -32.47 -14.25
N LEU A 147 -9.91 -32.84 -12.97
CA LEU A 147 -10.97 -32.38 -12.04
C LEU A 147 -10.38 -31.55 -10.92
N ASN A 148 -11.14 -30.57 -10.42
CA ASN A 148 -10.83 -29.82 -9.17
C ASN A 148 -9.48 -29.10 -9.31
N GLY A 149 -9.16 -28.65 -10.52
CA GLY A 149 -7.85 -28.03 -10.82
C GLY A 149 -8.05 -26.55 -11.02
N SER A 150 -7.06 -25.89 -11.62
CA SER A 150 -7.02 -24.44 -11.93
C SER A 150 -8.02 -24.11 -13.06
N LEU A 151 -8.04 -22.88 -13.54
CA LEU A 151 -8.87 -22.43 -14.67
C LEU A 151 -8.11 -21.34 -15.40
N ALA A 152 -8.16 -21.32 -16.74
CA ALA A 152 -7.64 -20.21 -17.54
C ALA A 152 -8.40 -18.93 -17.18
N GLU A 153 -7.70 -17.86 -16.81
CA GLU A 153 -8.36 -16.60 -16.37
C GLU A 153 -9.26 -16.13 -17.51
N GLU A 154 -8.70 -15.88 -18.71
CA GLU A 154 -9.50 -15.33 -19.83
C GLU A 154 -10.00 -16.46 -20.75
N GLU A 155 -9.29 -16.74 -21.84
CA GLU A 155 -9.78 -17.60 -22.95
C GLU A 155 -9.36 -19.04 -22.66
N ILE A 156 -9.85 -20.00 -23.44
CA ILE A 156 -9.42 -21.42 -23.35
C ILE A 156 -8.01 -21.47 -23.93
N ILE A 157 -7.10 -22.18 -23.25
CA ILE A 157 -5.68 -22.33 -23.70
C ILE A 157 -5.47 -23.78 -24.09
N ILE A 158 -4.55 -24.01 -25.03
CA ILE A 158 -4.24 -25.36 -25.59
C ILE A 158 -2.74 -25.59 -25.44
N ARG A 159 -2.37 -26.50 -24.53
CA ARG A 159 -0.94 -26.82 -24.25
C ARG A 159 -0.61 -28.13 -24.95
N SER A 160 0.57 -28.22 -25.56
CA SER A 160 1.13 -29.43 -26.21
C SER A 160 2.63 -29.21 -26.40
N GLU A 161 3.47 -30.16 -26.03
CA GLU A 161 4.94 -30.01 -26.17
C GLU A 161 5.29 -29.81 -27.65
N ASN A 162 4.50 -30.40 -28.56
CA ASN A 162 4.72 -30.38 -30.04
C ASN A 162 3.40 -30.78 -30.70
N LEU A 163 2.67 -29.85 -31.30
CA LEU A 163 1.34 -30.14 -31.88
C LEU A 163 1.47 -31.09 -33.07
N THR A 164 2.55 -30.98 -33.86
CA THR A 164 2.77 -31.77 -35.11
C THR A 164 3.10 -33.22 -34.72
N ASN A 165 3.76 -33.43 -33.57
CA ASN A 165 3.95 -34.79 -32.99
C ASN A 165 2.61 -35.19 -32.35
N ASN A 166 1.98 -36.25 -32.84
CA ASN A 166 0.63 -36.68 -32.39
C ASN A 166 0.78 -37.78 -31.33
N ALA A 167 2.02 -38.10 -30.95
CA ALA A 167 2.37 -39.01 -29.84
C ALA A 167 2.48 -38.19 -28.55
N LYS A 168 2.37 -36.87 -28.66
CA LYS A 168 2.32 -35.96 -27.49
C LYS A 168 0.86 -35.72 -27.14
N THR A 169 0.60 -35.53 -25.85
CA THR A 169 -0.74 -35.27 -25.28
C THR A 169 -1.05 -33.79 -25.45
N ILE A 170 -2.33 -33.49 -25.61
CA ILE A 170 -2.86 -32.12 -25.68
C ILE A 170 -3.61 -31.89 -24.38
N ILE A 171 -3.20 -30.91 -23.60
CA ILE A 171 -4.00 -30.39 -22.46
C ILE A 171 -4.82 -29.24 -23.02
N VAL A 172 -6.14 -29.25 -22.77
CA VAL A 172 -7.01 -28.07 -23.02
C VAL A 172 -7.47 -27.57 -21.66
N HIS A 173 -7.21 -26.29 -21.40
CA HIS A 173 -7.43 -25.63 -20.09
C HIS A 173 -8.67 -24.72 -20.23
N LEU A 174 -9.73 -25.04 -19.49
CA LEU A 174 -11.06 -24.38 -19.63
C LEU A 174 -11.06 -23.07 -18.86
N ASN A 175 -11.82 -22.09 -19.35
CA ASN A 175 -12.15 -20.85 -18.61
C ASN A 175 -13.53 -21.01 -17.97
N LYS A 176 -14.11 -22.21 -18.05
CA LYS A 176 -15.42 -22.51 -17.44
C LYS A 176 -15.34 -23.85 -16.71
N SER A 177 -15.58 -23.85 -15.40
CA SER A 177 -15.78 -25.08 -14.62
C SER A 177 -17.00 -25.82 -15.18
N VAL A 178 -17.04 -27.13 -15.03
CA VAL A 178 -18.27 -27.94 -15.32
C VAL A 178 -18.45 -28.98 -14.22
N GLU A 179 -19.65 -29.04 -13.64
CA GLU A 179 -20.04 -30.06 -12.61
C GLU A 179 -20.05 -31.46 -13.26
N ILE A 180 -19.59 -32.46 -12.51
CA ILE A 180 -19.75 -33.92 -12.84
C ILE A 180 -20.13 -34.65 -11.57
N ASN A 181 -21.39 -35.09 -11.47
CA ASN A 181 -21.99 -35.79 -10.31
C ASN A 181 -21.93 -37.31 -10.56
N CYS A 182 -21.06 -38.03 -9.84
CA CYS A 182 -20.86 -39.50 -10.01
C CYS A 182 -21.34 -40.21 -8.74
N THR A 183 -22.22 -41.21 -8.91
CA THR A 183 -22.99 -41.85 -7.82
C THR A 183 -22.90 -43.36 -7.93
N ARG A 184 -22.77 -44.01 -6.77
CA ARG A 184 -22.70 -45.49 -6.58
C ARG A 184 -23.76 -45.80 -5.53
N PRO A 185 -25.05 -45.81 -5.93
CA PRO A 185 -26.13 -45.77 -4.96
C PRO A 185 -26.11 -46.98 -4.02
N SER A 186 -27.18 -47.14 -3.24
CA SER A 186 -27.49 -48.34 -2.43
C SER A 186 -28.87 -48.85 -2.84
N ASN A 187 -28.99 -50.16 -3.10
CA ASN A 187 -30.28 -50.81 -3.44
C ASN A 187 -30.97 -50.05 -4.57
N ASP A 195 -27.11 -53.22 -9.39
CA ASP A 195 -25.89 -54.05 -9.17
C ASP A 195 -24.93 -53.34 -8.21
N ILE A 196 -24.12 -54.14 -7.52
CA ILE A 196 -23.10 -53.70 -6.53
C ILE A 196 -22.10 -52.77 -7.23
N ARG A 197 -21.49 -53.18 -8.35
CA ARG A 197 -20.37 -52.44 -8.99
C ARG A 197 -20.90 -51.33 -9.92
N LYS A 198 -22.22 -51.27 -10.13
CA LYS A 198 -22.83 -50.37 -11.14
C LYS A 198 -22.93 -48.96 -10.56
N ALA A 199 -22.17 -48.02 -11.11
CA ALA A 199 -22.30 -46.57 -10.86
C ALA A 199 -22.88 -45.89 -12.10
N TYR A 200 -23.16 -44.60 -12.02
CA TYR A 200 -23.49 -43.74 -13.18
C TYR A 200 -23.05 -42.30 -12.88
N CYS A 201 -22.82 -41.51 -13.93
CA CYS A 201 -22.38 -40.10 -13.83
C CYS A 201 -23.29 -39.18 -14.66
N GLU A 202 -23.55 -37.99 -14.13
CA GLU A 202 -24.53 -36.99 -14.63
C GLU A 202 -23.80 -35.65 -14.80
N ILE A 203 -24.08 -34.96 -15.91
CA ILE A 203 -23.41 -33.70 -16.32
C ILE A 203 -24.41 -32.90 -17.13
N ASN A 204 -24.62 -31.65 -16.74
CA ASN A 204 -25.56 -30.71 -17.42
C ASN A 204 -25.16 -30.62 -18.89
N GLY A 205 -25.89 -31.31 -19.76
CA GLY A 205 -25.60 -31.43 -21.20
C GLY A 205 -25.54 -30.07 -21.89
N THR A 206 -26.49 -29.17 -21.60
CA THR A 206 -26.57 -27.82 -22.21
C THR A 206 -25.28 -27.08 -21.84
N LYS A 207 -25.01 -26.92 -20.54
CA LYS A 207 -23.77 -26.28 -20.01
C LYS A 207 -22.53 -26.89 -20.67
N TRP A 208 -22.45 -28.23 -20.66
CA TRP A 208 -21.28 -29.00 -21.15
C TRP A 208 -21.02 -28.69 -22.62
N ASN A 209 -22.08 -28.65 -23.43
CA ASN A 209 -21.96 -28.52 -24.90
C ASN A 209 -21.52 -27.09 -25.25
N LYS A 210 -21.87 -26.11 -24.41
CA LYS A 210 -21.37 -24.72 -24.53
C LYS A 210 -19.83 -24.77 -24.50
N VAL A 211 -19.27 -25.36 -23.44
CA VAL A 211 -17.79 -25.49 -23.23
C VAL A 211 -17.18 -26.15 -24.48
N LEU A 212 -17.68 -27.32 -24.88
CA LEU A 212 -17.12 -28.12 -26.00
C LEU A 212 -17.12 -27.30 -27.28
N LYS A 213 -18.23 -26.61 -27.57
CA LYS A 213 -18.38 -25.77 -28.78
C LYS A 213 -17.20 -24.77 -28.81
N GLN A 214 -16.94 -24.08 -27.70
CA GLN A 214 -15.84 -23.07 -27.63
C GLN A 214 -14.48 -23.78 -27.68
N VAL A 215 -14.37 -24.99 -27.11
CA VAL A 215 -13.12 -25.81 -27.13
C VAL A 215 -12.78 -26.16 -28.59
N THR A 216 -13.77 -26.62 -29.35
CA THR A 216 -13.61 -26.94 -30.80
C THR A 216 -13.28 -25.67 -31.58
N GLU A 217 -13.86 -24.52 -31.19
CA GLU A 217 -13.60 -23.22 -31.85
C GLU A 217 -12.12 -22.83 -31.64
N LYS A 218 -11.61 -22.93 -30.41
CA LYS A 218 -10.20 -22.64 -30.07
C LYS A 218 -9.27 -23.61 -30.80
N LEU A 219 -9.58 -24.92 -30.72
CA LEU A 219 -8.80 -25.98 -31.40
C LEU A 219 -8.74 -25.65 -32.90
N LYS A 220 -9.85 -25.19 -33.47
CA LYS A 220 -9.92 -24.73 -34.89
C LYS A 220 -8.97 -23.55 -35.10
N GLU A 221 -8.84 -22.64 -34.12
CA GLU A 221 -7.92 -21.48 -34.21
C GLU A 221 -6.49 -22.00 -34.45
N HIS A 222 -6.07 -23.05 -33.75
CA HIS A 222 -4.72 -23.64 -33.91
C HIS A 222 -4.59 -24.37 -35.25
N PHE A 223 -5.71 -24.79 -35.85
CA PHE A 223 -5.71 -25.58 -37.11
C PHE A 223 -6.53 -24.84 -38.18
N ASN A 224 -5.83 -24.04 -38.99
CA ASN A 224 -6.34 -23.22 -40.12
C ASN A 224 -7.77 -23.61 -40.52
N ASN A 225 -8.76 -23.16 -39.74
CA ASN A 225 -10.22 -23.35 -39.98
C ASN A 225 -10.47 -24.81 -40.37
N LYS A 226 -9.93 -25.82 -39.78
CA LYS A 226 -10.07 -27.25 -40.17
C LYS A 226 -11.24 -27.85 -39.39
N THR A 227 -12.09 -28.66 -40.06
CA THR A 227 -13.30 -29.30 -39.47
C THR A 227 -12.87 -30.12 -38.25
N ILE A 228 -13.50 -29.94 -37.10
CA ILE A 228 -13.05 -30.55 -35.81
C ILE A 228 -13.94 -31.75 -35.50
N ILE A 229 -13.34 -32.92 -35.34
CA ILE A 229 -14.07 -34.20 -35.11
C ILE A 229 -13.62 -34.78 -33.78
N PHE A 230 -14.57 -35.24 -32.97
CA PHE A 230 -14.34 -36.03 -31.75
C PHE A 230 -14.76 -37.49 -31.97
N GLN A 231 -13.85 -38.43 -31.71
CA GLN A 231 -14.09 -39.89 -31.83
C GLN A 231 -13.68 -40.58 -30.54
N PRO A 232 -14.45 -41.58 -30.05
CA PRO A 232 -14.03 -42.40 -28.91
C PRO A 232 -12.61 -42.94 -29.06
N PRO A 233 -11.92 -43.24 -27.93
CA PRO A 233 -10.51 -43.64 -27.98
C PRO A 233 -10.35 -44.92 -28.81
N SER A 234 -9.21 -45.04 -29.50
CA SER A 234 -8.89 -46.15 -30.42
C SER A 234 -8.93 -47.48 -29.65
N GLY A 235 -7.85 -47.87 -28.98
CA GLY A 235 -7.78 -49.12 -28.20
C GLY A 235 -6.96 -48.94 -26.94
N GLY A 236 -6.85 -50.00 -26.13
CA GLY A 236 -5.85 -50.13 -25.05
C GLY A 236 -6.46 -50.48 -23.71
N ASP A 237 -5.69 -50.30 -22.63
CA ASP A 237 -6.07 -50.63 -21.23
C ASP A 237 -7.29 -49.78 -20.88
N LEU A 238 -8.26 -50.35 -20.17
CA LEU A 238 -9.57 -49.70 -19.85
C LEU A 238 -9.34 -48.39 -19.10
N GLU A 239 -8.13 -48.20 -18.56
CA GLU A 239 -7.77 -47.02 -17.75
C GLU A 239 -7.73 -45.77 -18.63
N ILE A 240 -7.45 -45.90 -19.93
CA ILE A 240 -7.35 -44.73 -20.86
C ILE A 240 -8.62 -44.65 -21.72
N THR A 241 -9.23 -45.79 -22.05
CA THR A 241 -10.46 -45.85 -22.89
C THR A 241 -11.66 -45.35 -22.08
N MET A 242 -11.53 -45.40 -20.74
CA MET A 242 -12.53 -44.90 -19.76
C MET A 242 -11.91 -43.72 -19.00
N HIS A 243 -12.69 -42.66 -18.76
CA HIS A 243 -12.36 -41.63 -17.75
C HIS A 243 -12.28 -42.32 -16.38
N SER A 244 -11.09 -42.77 -16.00
CA SER A 244 -10.81 -43.50 -14.74
C SER A 244 -10.20 -42.56 -13.69
N PHE A 245 -11.02 -42.16 -12.71
CA PHE A 245 -10.67 -41.25 -11.60
C PHE A 245 -10.81 -42.00 -10.27
N ASN A 246 -11.19 -41.31 -9.19
CA ASN A 246 -11.30 -41.90 -7.83
C ASN A 246 -12.43 -41.24 -7.01
N CYS A 247 -12.99 -42.01 -6.08
CA CYS A 247 -14.13 -41.63 -5.23
C CYS A 247 -14.10 -42.43 -3.94
N ARG A 248 -13.85 -41.77 -2.81
CA ARG A 248 -13.95 -42.38 -1.46
C ARG A 248 -13.18 -43.71 -1.46
N GLY A 249 -12.06 -43.74 -2.20
CA GLY A 249 -11.09 -44.86 -2.25
C GLY A 249 -11.46 -45.91 -3.28
N GLU A 250 -12.63 -45.76 -3.94
CA GLU A 250 -13.19 -46.76 -4.89
C GLU A 250 -13.09 -46.19 -6.30
N PHE A 251 -12.22 -46.80 -7.10
CA PHE A 251 -11.83 -46.37 -8.47
C PHE A 251 -13.02 -46.54 -9.42
N PHE A 252 -13.58 -45.45 -9.95
CA PHE A 252 -14.63 -45.46 -11.01
C PHE A 252 -13.96 -45.60 -12.38
N TYR A 253 -14.75 -45.98 -13.39
CA TYR A 253 -14.36 -46.09 -14.81
C TYR A 253 -15.53 -45.65 -15.70
N CYS A 254 -15.39 -44.56 -16.45
CA CYS A 254 -16.52 -43.84 -17.10
C CYS A 254 -16.41 -43.90 -18.62
N ASN A 255 -17.51 -44.29 -19.29
CA ASN A 255 -17.61 -44.33 -20.76
C ASN A 255 -18.06 -42.95 -21.28
N THR A 256 -17.13 -42.22 -21.89
CA THR A 256 -17.29 -40.79 -22.28
C THR A 256 -17.71 -40.68 -23.75
N THR A 257 -18.19 -41.77 -24.36
CA THR A 257 -18.61 -41.76 -25.79
C THR A 257 -19.83 -40.85 -25.93
N GLN A 258 -20.83 -40.99 -25.03
CA GLN A 258 -22.07 -40.15 -25.00
C GLN A 258 -21.69 -38.68 -24.76
N LEU A 259 -20.49 -38.44 -24.23
CA LEU A 259 -20.02 -37.11 -23.81
C LEU A 259 -19.56 -36.29 -25.02
N PHE A 260 -18.56 -36.78 -25.75
CA PHE A 260 -18.01 -36.13 -26.97
C PHE A 260 -18.93 -36.42 -28.16
N ASN A 261 -20.11 -35.79 -28.17
CA ASN A 261 -21.21 -36.11 -29.10
C ASN A 261 -21.19 -35.09 -30.25
N ASN A 262 -20.75 -35.51 -31.44
CA ASN A 262 -20.56 -34.63 -32.62
C ASN A 262 -21.90 -34.00 -33.02
N THR A 263 -23.01 -34.75 -32.90
CA THR A 263 -24.38 -34.30 -33.23
C THR A 263 -24.77 -33.17 -32.26
N CYS A 264 -24.93 -33.49 -30.97
CA CYS A 264 -25.30 -32.54 -29.87
C CYS A 264 -24.32 -31.38 -29.84
N ILE A 265 -24.47 -30.43 -30.79
CA ILE A 265 -23.57 -29.26 -31.01
C ILE A 265 -24.41 -28.08 -31.53
N LYS A 271 -28.61 -28.43 -33.56
CA LYS A 271 -29.02 -27.16 -32.90
C LYS A 271 -29.88 -27.44 -31.65
N GLY A 272 -30.66 -28.53 -31.64
CA GLY A 272 -31.62 -28.89 -30.57
C GLY A 272 -30.98 -29.62 -29.41
N CYS A 273 -30.65 -30.91 -29.59
CA CYS A 273 -29.95 -31.76 -28.59
C CYS A 273 -30.87 -31.96 -27.37
N ASN A 274 -30.32 -31.91 -26.14
CA ASN A 274 -31.06 -32.05 -24.86
C ASN A 274 -30.22 -31.50 -23.68
N GLY A 275 -30.43 -32.05 -22.47
CA GLY A 275 -29.77 -31.64 -21.22
C GLY A 275 -29.06 -32.80 -20.56
N THR A 276 -29.53 -33.23 -19.37
CA THR A 276 -28.84 -34.18 -18.45
C THR A 276 -28.20 -35.33 -19.22
N ILE A 277 -26.88 -35.25 -19.48
CA ILE A 277 -26.07 -36.35 -20.08
C ILE A 277 -25.72 -37.35 -18.97
N THR A 278 -26.10 -38.61 -19.18
CA THR A 278 -25.93 -39.74 -18.24
C THR A 278 -25.04 -40.79 -18.90
N LEU A 279 -23.83 -40.99 -18.40
CA LEU A 279 -22.91 -42.00 -18.98
C LEU A 279 -22.69 -43.09 -17.95
N PRO A 280 -22.38 -44.33 -18.42
CA PRO A 280 -22.40 -45.52 -17.56
C PRO A 280 -21.46 -45.41 -16.36
N CYS A 281 -20.19 -45.81 -16.51
CA CYS A 281 -19.22 -45.78 -15.38
C CYS A 281 -19.47 -46.93 -14.40
N LYS A 282 -18.40 -47.47 -13.83
CA LYS A 282 -18.38 -48.73 -13.03
C LYS A 282 -17.11 -48.79 -12.17
N ILE A 283 -17.18 -49.42 -11.00
CA ILE A 283 -16.00 -49.62 -10.10
C ILE A 283 -15.23 -50.85 -10.61
N LYS A 284 -13.94 -50.92 -10.32
CA LYS A 284 -13.05 -52.07 -10.64
C LYS A 284 -12.28 -52.45 -9.37
N GLN A 285 -11.96 -53.73 -9.18
CA GLN A 285 -11.22 -54.25 -8.01
C GLN A 285 -9.77 -54.54 -8.41
N ILE A 286 -9.57 -55.03 -9.62
CA ILE A 286 -8.23 -55.17 -10.27
C ILE A 286 -8.04 -53.98 -11.20
N ILE A 287 -6.91 -53.30 -11.13
CA ILE A 287 -6.59 -52.17 -12.04
C ILE A 287 -5.13 -52.31 -12.48
N ASN A 288 -4.72 -51.43 -13.38
CA ASN A 288 -3.29 -51.21 -13.73
C ASN A 288 -2.79 -50.02 -12.93
N MET A 289 -1.81 -50.25 -12.06
CA MET A 289 -1.18 -49.19 -11.26
C MET A 289 -0.60 -48.17 -12.25
N TRP A 290 -0.80 -46.88 -11.98
CA TRP A 290 -0.15 -45.77 -12.71
C TRP A 290 1.22 -45.48 -12.08
N GLN A 291 1.45 -45.97 -10.86
CA GLN A 291 2.71 -45.78 -10.09
C GLN A 291 3.84 -46.60 -10.72
N GLY A 292 3.50 -47.72 -11.37
CA GLY A 292 4.43 -48.53 -12.18
C GLY A 292 3.69 -49.50 -13.08
N THR A 293 4.38 -50.09 -14.07
CA THR A 293 3.82 -51.16 -14.95
C THR A 293 3.54 -52.39 -14.07
N GLY A 294 2.26 -52.65 -13.77
CA GLY A 294 1.81 -53.82 -13.01
C GLY A 294 0.31 -53.75 -12.72
N GLN A 295 -0.26 -54.81 -12.17
CA GLN A 295 -1.70 -54.85 -11.84
C GLN A 295 -1.87 -55.01 -10.33
N ALA A 296 -3.05 -54.65 -9.84
CA ALA A 296 -3.32 -54.39 -8.41
C ALA A 296 -4.69 -54.92 -8.04
N MET A 297 -4.76 -55.66 -6.94
CA MET A 297 -6.02 -56.26 -6.42
C MET A 297 -6.54 -55.39 -5.27
N TYR A 298 -7.86 -55.14 -5.26
CA TYR A 298 -8.57 -54.32 -4.24
C TYR A 298 -9.95 -54.92 -3.96
N ALA A 299 -10.61 -54.48 -2.90
CA ALA A 299 -11.90 -55.03 -2.42
C ALA A 299 -13.04 -54.15 -2.92
N PRO A 300 -14.31 -54.63 -2.86
CA PRO A 300 -15.46 -53.83 -3.30
C PRO A 300 -15.88 -52.88 -2.20
N PRO A 301 -16.91 -52.03 -2.42
CA PRO A 301 -17.41 -51.15 -1.37
C PRO A 301 -18.28 -51.89 -0.33
N ILE A 302 -19.07 -51.15 0.47
CA ILE A 302 -20.02 -51.69 1.49
C ILE A 302 -21.22 -50.74 1.60
N ASP A 303 -22.20 -50.87 0.70
CA ASP A 303 -23.62 -50.43 0.88
C ASP A 303 -23.75 -48.91 1.02
N GLY A 304 -22.63 -48.18 1.04
CA GLY A 304 -22.66 -46.70 1.08
C GLY A 304 -23.17 -46.16 -0.24
N LYS A 305 -23.82 -44.99 -0.20
CA LYS A 305 -24.12 -44.19 -1.41
C LYS A 305 -22.84 -43.44 -1.79
N ILE A 306 -21.83 -44.15 -2.35
CA ILE A 306 -20.54 -43.56 -2.80
C ILE A 306 -20.86 -42.47 -3.83
N ASN A 307 -20.40 -41.24 -3.59
CA ASN A 307 -20.71 -40.08 -4.46
C ASN A 307 -19.59 -39.05 -4.37
N CYS A 308 -19.12 -38.57 -5.52
CA CYS A 308 -18.28 -37.35 -5.64
C CYS A 308 -18.85 -36.44 -6.72
N VAL A 309 -18.98 -35.16 -6.42
CA VAL A 309 -19.09 -34.08 -7.43
C VAL A 309 -17.65 -33.64 -7.72
N SER A 310 -17.35 -33.32 -8.97
CA SER A 310 -16.02 -32.81 -9.37
C SER A 310 -16.19 -31.67 -10.36
N ASN A 311 -15.21 -30.77 -10.42
CA ASN A 311 -15.15 -29.66 -11.41
C ASN A 311 -14.32 -30.17 -12.60
N ILE A 312 -14.92 -30.18 -13.79
CA ILE A 312 -14.15 -30.37 -15.05
C ILE A 312 -13.43 -29.05 -15.28
N THR A 313 -12.10 -29.11 -15.45
CA THR A 313 -11.25 -27.92 -15.69
C THR A 313 -10.39 -28.10 -16.94
N GLY A 314 -10.30 -29.32 -17.48
CA GLY A 314 -9.53 -29.55 -18.71
C GLY A 314 -9.73 -30.94 -19.27
N ILE A 315 -9.35 -31.13 -20.53
CA ILE A 315 -9.46 -32.43 -21.27
C ILE A 315 -8.05 -32.85 -21.70
N LEU A 316 -7.74 -34.14 -21.56
CA LEU A 316 -6.53 -34.79 -22.13
C LEU A 316 -6.91 -35.35 -23.51
N LEU A 317 -6.26 -34.87 -24.58
CA LEU A 317 -6.65 -35.20 -25.98
C LEU A 317 -5.46 -35.75 -26.77
N THR A 318 -5.76 -36.40 -27.88
CA THR A 318 -4.78 -36.99 -28.82
C THR A 318 -5.23 -36.69 -30.24
N ARG A 319 -4.33 -36.16 -31.09
CA ARG A 319 -4.61 -35.88 -32.52
C ARG A 319 -4.24 -37.12 -33.34
N ASP A 320 -4.94 -37.41 -34.44
CA ASP A 320 -4.69 -38.57 -35.33
C ASP A 320 -3.57 -38.19 -36.31
N GLY A 321 -3.46 -38.87 -37.47
CA GLY A 321 -2.41 -38.63 -38.48
C GLY A 321 -2.86 -38.98 -39.89
N GLY A 322 -4.17 -39.00 -40.14
CA GLY A 322 -4.73 -39.08 -41.51
C GLY A 322 -5.26 -37.74 -41.98
N ALA A 323 -4.80 -36.63 -41.38
CA ALA A 323 -5.22 -35.24 -41.68
C ALA A 323 -4.17 -34.54 -42.56
N ASN A 324 -3.14 -35.28 -42.99
CA ASN A 324 -2.27 -34.88 -44.11
C ASN A 324 -3.11 -34.86 -45.40
N ASN A 325 -4.26 -35.55 -45.40
CA ASN A 325 -5.34 -35.51 -46.43
C ASN A 325 -6.56 -34.78 -45.83
N THR A 326 -7.74 -34.90 -46.45
CA THR A 326 -9.07 -34.51 -45.89
C THR A 326 -9.12 -32.99 -45.68
N SER A 327 -9.95 -32.52 -44.75
CA SER A 327 -10.05 -31.12 -44.26
C SER A 327 -10.62 -31.11 -42.83
N ASN A 328 -10.64 -32.27 -42.17
CA ASN A 328 -11.15 -32.45 -40.78
C ASN A 328 -10.03 -33.07 -39.92
N GLU A 329 -9.77 -32.49 -38.75
CA GLU A 329 -8.83 -33.05 -37.72
C GLU A 329 -9.66 -33.72 -36.61
N THR A 330 -9.34 -34.98 -36.34
CA THR A 330 -10.02 -35.84 -35.34
C THR A 330 -9.27 -35.70 -34.02
N PHE A 331 -9.97 -35.86 -32.90
CA PHE A 331 -9.38 -35.78 -31.54
C PHE A 331 -10.04 -36.84 -30.66
N ARG A 332 -9.22 -37.55 -29.90
CA ARG A 332 -9.68 -38.68 -29.04
C ARG A 332 -9.30 -38.38 -27.59
N PRO A 333 -10.16 -38.75 -26.62
CA PRO A 333 -9.82 -38.62 -25.20
C PRO A 333 -8.51 -39.34 -24.93
N GLY A 334 -7.72 -38.83 -23.99
CA GLY A 334 -6.37 -39.34 -23.68
C GLY A 334 -6.17 -39.55 -22.20
N GLY A 335 -4.91 -39.50 -21.75
CA GLY A 335 -4.53 -39.70 -20.35
C GLY A 335 -3.53 -40.82 -20.20
N GLY A 336 -3.36 -41.29 -18.97
CA GLY A 336 -2.38 -42.34 -18.64
C GLY A 336 -1.04 -41.76 -18.19
N ASN A 337 -0.53 -40.74 -18.89
CA ASN A 337 0.68 -40.04 -18.42
C ASN A 337 0.23 -39.09 -17.31
N ILE A 338 0.48 -39.47 -16.06
CA ILE A 338 -0.12 -38.78 -14.88
C ILE A 338 0.70 -37.53 -14.57
N LYS A 339 1.96 -37.49 -14.98
CA LYS A 339 2.79 -36.26 -14.97
C LYS A 339 1.99 -35.13 -15.61
N ASP A 340 1.27 -35.41 -16.69
CA ASP A 340 0.49 -34.38 -17.43
C ASP A 340 -0.53 -33.73 -16.49
N ASN A 341 -1.23 -34.50 -15.65
CA ASN A 341 -2.14 -33.94 -14.62
C ASN A 341 -1.36 -32.86 -13.83
N TRP A 342 -0.15 -33.18 -13.37
CA TRP A 342 0.68 -32.26 -12.55
C TRP A 342 1.18 -31.12 -13.45
N ARG A 343 1.43 -31.40 -14.73
CA ARG A 343 1.85 -30.36 -15.70
C ARG A 343 0.73 -29.32 -15.87
N SER A 344 -0.53 -29.71 -15.71
CA SER A 344 -1.71 -28.83 -15.95
C SER A 344 -1.84 -27.80 -14.82
N GLU A 345 -1.08 -27.92 -13.73
CA GLU A 345 -1.17 -27.00 -12.55
C GLU A 345 0.18 -26.34 -12.28
N LEU A 346 1.28 -26.96 -12.73
CA LEU A 346 2.68 -26.49 -12.49
C LEU A 346 3.28 -25.79 -13.71
N TYR A 347 2.45 -25.32 -14.65
CA TYR A 347 2.90 -24.82 -15.98
C TYR A 347 3.50 -23.41 -15.82
N LYS A 348 2.89 -22.59 -14.97
CA LYS A 348 3.23 -21.16 -14.79
C LYS A 348 4.41 -21.02 -13.83
N TYR A 349 4.84 -22.10 -13.17
CA TYR A 349 5.97 -22.07 -12.20
C TYR A 349 7.26 -22.59 -12.83
N LYS A 350 8.39 -22.11 -12.33
CA LYS A 350 9.71 -22.74 -12.56
C LYS A 350 10.67 -22.30 -11.46
N VAL A 351 11.51 -23.23 -11.00
CA VAL A 351 12.43 -23.05 -9.85
C VAL A 351 13.67 -22.30 -10.35
N VAL A 352 14.10 -21.30 -9.59
CA VAL A 352 15.24 -20.42 -9.94
C VAL A 352 16.12 -20.22 -8.70
N GLN A 353 17.43 -20.09 -8.91
CA GLN A 353 18.46 -20.00 -7.84
C GLN A 353 19.00 -18.57 -7.76
N ILE A 354 18.82 -17.91 -6.61
CA ILE A 354 19.34 -16.55 -6.32
C ILE A 354 20.48 -16.70 -5.31
N GLU A 355 20.91 -15.59 -4.69
CA GLU A 355 21.94 -15.56 -3.60
C GLU A 355 21.37 -16.28 -2.37
CA MPT B 1 3.96 -50.02 -20.05
C MPT B 1 4.68 -51.23 -20.63
O MPT B 1 5.85 -51.06 -21.05
CB MPT B 1 2.92 -49.41 -20.95
SG MPT B 1 3.09 -49.83 -22.71
N ASN B 2 4.39 -52.48 -20.55
CA ASN B 2 5.03 -53.60 -21.34
C ASN B 2 4.80 -53.32 -22.83
N LEU B 3 5.80 -52.69 -23.48
CA LEU B 3 5.65 -52.11 -24.84
C LEU B 3 5.35 -53.23 -25.84
N HIS B 4 6.29 -54.15 -26.05
CA HIS B 4 6.17 -55.24 -27.06
C HIS B 4 4.84 -55.99 -26.86
N PHE B 5 4.48 -56.28 -25.60
CA PHE B 5 3.15 -56.84 -25.22
C PHE B 5 2.03 -55.95 -25.77
N CYS B 6 2.16 -54.62 -25.59
CA CYS B 6 1.20 -53.58 -26.04
C CYS B 6 1.13 -53.54 -27.58
N GLN B 7 2.27 -53.66 -28.26
CA GLN B 7 2.35 -53.58 -29.75
C GLN B 7 1.58 -54.75 -30.36
N LEU B 8 1.80 -55.95 -29.84
CA LEU B 8 1.11 -57.21 -30.28
C LEU B 8 -0.40 -57.10 -30.02
N ARG B 9 -0.79 -56.72 -28.80
CA ARG B 9 -2.22 -56.69 -28.36
C ARG B 9 -3.00 -55.63 -29.14
N CYS B 10 -2.34 -54.56 -29.59
CA CYS B 10 -2.96 -53.51 -30.45
C CYS B 10 -3.05 -54.02 -31.89
N LYS B 11 -2.00 -54.72 -32.36
CA LYS B 11 -1.96 -55.35 -33.71
C LYS B 11 -3.17 -56.29 -33.85
N SER B 12 -3.64 -56.89 -32.76
CA SER B 12 -4.93 -57.64 -32.71
C SER B 12 -6.04 -56.83 -33.42
N LEU B 13 -6.02 -55.51 -33.30
CA LEU B 13 -7.05 -54.61 -33.89
C LEU B 13 -6.48 -53.86 -35.10
N GLY B 14 -5.36 -54.34 -35.66
CA GLY B 14 -4.68 -53.72 -36.82
C GLY B 14 -4.23 -52.31 -36.54
N LEU B 15 -3.96 -51.98 -35.27
CA LEU B 15 -3.50 -50.65 -34.78
C LEU B 15 -2.07 -50.79 -34.24
N LEU B 16 -1.31 -49.70 -34.24
CA LEU B 16 0.04 -49.61 -33.63
C LEU B 16 -0.10 -49.47 -32.11
N GLY B 17 0.94 -49.86 -31.38
CA GLY B 17 1.00 -49.78 -29.91
C GLY B 17 1.80 -48.58 -29.47
N ARG B 18 1.27 -47.85 -28.47
CA ARG B 18 2.02 -46.80 -27.73
C ARG B 18 1.76 -46.98 -26.23
N CYS B 19 2.80 -46.80 -25.41
CA CYS B 19 2.68 -46.68 -23.94
C CYS B 19 2.11 -45.29 -23.62
N ALA B 20 1.04 -45.23 -22.82
CA ALA B 20 0.48 -43.99 -22.25
C ALA B 20 0.81 -43.96 -20.75
N DPR B 21 2.07 -43.64 -20.36
CA DPR B 21 2.50 -43.86 -18.98
CB DPR B 21 3.78 -43.01 -18.84
CG DPR B 21 4.28 -42.78 -20.25
CD DPR B 21 3.12 -43.07 -21.20
C DPR B 21 2.79 -45.36 -18.77
O DPR B 21 3.53 -45.93 -19.54
N THR B 22 2.16 -45.93 -17.74
CA THR B 22 2.29 -47.37 -17.35
C THR B 22 1.17 -48.17 -18.03
N U2X B 23 0.36 -47.87 -18.97
C U2X B 23 -0.38 -48.63 -21.18
O U2X B 23 0.28 -47.74 -21.73
CA U2X B 23 -0.78 -48.36 -19.71
CB U2X B 23 -1.95 -47.39 -19.64
CG U2X B 23 -2.34 -47.02 -18.22
CD1 U2X B 23 -2.51 -47.97 -17.21
CD2 U2X B 23 -2.53 -45.66 -17.92
CE1 U2X B 23 -2.87 -47.57 -15.91
CE2 U2X B 23 -2.88 -45.26 -16.62
CZ U2X B 23 -3.04 -46.21 -15.62
OH U2X B 23 -3.44 -45.77 -14.29
C7 U2X B 23 -4.70 -45.04 -14.34
C1 U2X B 23 -6.88 -43.31 -11.73
C2 U2X B 23 -6.22 -43.59 -13.05
C3 U2X B 23 -5.21 -44.71 -12.94
C4 U2X B 23 -5.76 -45.96 -12.30
C5 U2X B 23 -6.54 -45.68 -11.04
C6 U2X B 23 -7.55 -44.55 -11.21
N CYS B 24 -1.26 -49.18 -21.97
CA CYS B 24 -1.22 -49.45 -23.42
C CYS B 24 -2.30 -48.63 -24.14
N ALA B 25 -1.92 -47.95 -25.22
CA ALA B 25 -2.80 -47.22 -26.16
C ALA B 25 -2.60 -47.78 -27.58
N CYS B 26 -3.65 -47.76 -28.40
CA CYS B 26 -3.65 -48.27 -29.79
C CYS B 26 -4.06 -47.13 -30.75
N VAL B 27 -3.17 -46.76 -31.69
CA VAL B 27 -3.51 -45.97 -32.92
C VAL B 27 -2.58 -46.44 -34.04
N NH2 B 28 -1.61 -46.02 -34.76
N GLN C 1 20.41 3.79 8.80
CA GLN C 1 19.33 3.79 7.76
C GLN C 1 17.99 3.39 8.40
N VAL C 2 17.57 2.11 8.29
CA VAL C 2 16.23 1.65 8.74
C VAL C 2 16.20 1.69 10.27
N GLN C 3 15.05 2.03 10.84
CA GLN C 3 14.93 2.31 12.29
C GLN C 3 13.50 2.01 12.73
N LEU C 4 13.35 1.46 13.93
CA LEU C 4 12.03 1.14 14.54
C LEU C 4 12.00 1.71 15.95
N VAL C 5 10.96 2.47 16.27
CA VAL C 5 10.87 3.17 17.58
C VAL C 5 9.56 2.80 18.27
N GLN C 6 9.63 2.09 19.39
CA GLN C 6 8.42 1.67 20.15
C GLN C 6 8.01 2.80 21.07
N SER C 7 6.89 2.61 21.79
CA SER C 7 6.34 3.55 22.81
C SER C 7 7.25 3.53 24.05
N GLY C 8 6.90 4.35 25.05
CA GLY C 8 7.57 4.37 26.37
C GLY C 8 7.09 3.22 27.25
N ALA C 9 7.93 2.78 28.19
CA ALA C 9 7.62 1.73 29.19
C ALA C 9 6.32 2.10 29.91
N GLU C 10 5.53 1.10 30.31
CA GLU C 10 4.19 1.32 30.90
C GLU C 10 4.00 0.41 32.11
N VAL C 11 2.83 0.55 32.74
CA VAL C 11 2.34 -0.29 33.85
C VAL C 11 0.82 -0.46 33.69
N GLN C 12 0.28 -1.67 33.92
CA GLN C 12 -1.18 -1.91 34.00
C GLN C 12 -1.48 -2.88 35.16
N LYS C 13 -2.77 -3.09 35.47
CA LYS C 13 -3.21 -3.95 36.59
C LYS C 13 -3.72 -5.27 36.03
N PRO C 14 -3.65 -6.38 36.80
CA PRO C 14 -4.19 -7.67 36.38
C PRO C 14 -5.49 -7.58 35.55
N GLY C 15 -5.37 -7.61 34.21
CA GLY C 15 -6.47 -7.37 33.26
C GLY C 15 -6.80 -5.89 33.17
N ALA C 16 -6.43 -5.23 32.06
CA ALA C 16 -6.56 -3.76 31.89
C ALA C 16 -6.34 -3.33 30.42
N SER C 17 -5.75 -4.19 29.59
CA SER C 17 -5.31 -3.90 28.19
C SER C 17 -4.09 -2.95 28.20
N VAL C 18 -3.23 -3.07 27.19
CA VAL C 18 -2.07 -2.16 26.96
C VAL C 18 -1.87 -1.98 25.46
N LYS C 19 -1.61 -0.75 25.02
CA LYS C 19 -1.42 -0.44 23.57
C LYS C 19 0.00 0.09 23.38
N VAL C 20 0.91 -0.77 22.95
CA VAL C 20 2.30 -0.38 22.59
C VAL C 20 2.27 0.09 21.13
N SER C 21 3.19 0.98 20.73
CA SER C 21 3.28 1.50 19.34
C SER C 21 4.65 1.09 18.77
N CYS C 22 4.85 1.31 17.48
CA CYS C 22 6.14 1.04 16.79
C CYS C 22 6.20 1.90 15.53
N LYS C 23 6.95 2.98 15.58
CA LYS C 23 7.08 3.95 14.46
C LYS C 23 8.34 3.56 13.70
N ALA C 24 8.18 3.09 12.47
CA ALA C 24 9.31 2.67 11.62
C ALA C 24 9.76 3.85 10.76
N SER C 25 10.88 3.69 10.04
CA SER C 25 11.47 4.70 9.13
C SER C 25 12.64 4.07 8.37
N GLY C 26 13.05 4.70 7.26
CA GLY C 26 14.22 4.30 6.46
C GLY C 26 13.85 3.38 5.31
N TYR C 27 12.57 3.02 5.18
CA TYR C 27 12.06 2.06 4.18
C TYR C 27 10.58 2.34 3.92
N THR C 28 10.09 1.92 2.74
CA THR C 28 8.68 2.07 2.31
C THR C 28 7.82 1.10 3.14
N PHE C 29 7.23 1.62 4.22
CA PHE C 29 6.47 0.91 5.26
C PHE C 29 5.40 -0.01 4.65
N ALA C 30 5.10 0.16 3.36
CA ALA C 30 4.06 -0.60 2.63
C ALA C 30 4.44 -2.08 2.52
N SER C 31 5.63 -2.39 1.97
CA SER C 31 5.96 -3.70 1.36
C SER C 31 6.27 -4.78 2.41
N TYR C 32 6.77 -4.38 3.58
CA TYR C 32 7.34 -5.30 4.60
C TYR C 32 6.37 -5.46 5.77
N ASP C 33 6.17 -6.69 6.25
CA ASP C 33 5.29 -7.01 7.41
C ASP C 33 5.95 -6.53 8.71
N ILE C 34 5.20 -6.50 9.82
CA ILE C 34 5.72 -6.12 11.16
C ILE C 34 5.41 -7.29 12.11
N ASN C 35 6.42 -7.75 12.83
CA ASN C 35 6.34 -8.92 13.73
C ASN C 35 6.54 -8.45 15.16
N TRP C 36 5.91 -9.14 16.11
CA TRP C 36 5.94 -8.79 17.55
C TRP C 36 6.45 -10.02 18.31
N VAL C 37 7.48 -9.78 19.10
CA VAL C 37 8.18 -10.79 19.94
C VAL C 37 8.20 -10.21 21.35
N ARG C 38 8.28 -11.05 22.39
CA ARG C 38 8.29 -10.61 23.80
C ARG C 38 9.23 -11.50 24.61
N GLN C 39 9.85 -10.91 25.62
CA GLN C 39 10.79 -11.61 26.54
C GLN C 39 10.30 -11.39 27.96
N ALA C 40 9.94 -12.47 28.65
CA ALA C 40 9.37 -12.46 30.01
C ALA C 40 10.50 -12.29 31.02
N THR C 41 10.17 -12.52 32.29
CA THR C 41 11.13 -12.52 33.42
C THR C 41 11.93 -13.83 33.32
N GLY C 42 13.24 -13.72 33.03
CA GLY C 42 14.20 -14.84 32.97
C GLY C 42 13.68 -15.97 32.11
N GLN C 43 13.24 -15.64 30.91
CA GLN C 43 12.82 -16.62 29.87
C GLN C 43 13.44 -16.17 28.55
N GLY C 44 13.22 -16.94 27.49
CA GLY C 44 13.76 -16.64 26.16
C GLY C 44 12.82 -15.77 25.37
N LEU C 45 13.09 -15.65 24.07
CA LEU C 45 12.24 -14.94 23.10
C LEU C 45 11.01 -15.78 22.79
N GLU C 46 9.88 -15.12 22.56
CA GLU C 46 8.59 -15.75 22.20
C GLU C 46 7.92 -14.89 21.13
N TRP C 47 7.98 -15.34 19.88
CA TRP C 47 7.28 -14.70 18.72
C TRP C 47 5.80 -14.65 19.06
N MET C 48 5.14 -13.51 18.92
CA MET C 48 3.70 -13.39 19.27
C MET C 48 2.85 -13.49 18.03
N GLY C 49 3.10 -12.62 17.04
CA GLY C 49 2.21 -12.49 15.87
C GLY C 49 2.83 -11.71 14.73
N TRP C 50 2.25 -11.87 13.55
CA TRP C 50 2.66 -11.18 12.30
C TRP C 50 1.49 -10.32 11.81
N MET C 51 1.79 -9.16 11.25
CA MET C 51 0.79 -8.20 10.74
C MET C 51 1.30 -7.65 9.40
N ASN C 52 0.42 -7.59 8.38
CA ASN C 52 0.77 -7.12 7.02
C ASN C 52 0.13 -5.74 6.84
N PRO C 53 0.93 -4.69 6.54
CA PRO C 53 0.41 -3.33 6.42
C PRO C 53 -0.45 -3.09 5.17
N LYS C 54 -0.07 -3.71 4.04
CA LYS C 54 -0.77 -3.56 2.74
C LYS C 54 -2.18 -4.17 2.81
N THR C 55 -2.42 -5.21 3.62
CA THR C 55 -3.71 -5.96 3.65
C THR C 55 -4.42 -5.75 4.99
N GLY C 56 -3.66 -5.73 6.09
CA GLY C 56 -4.20 -5.63 7.46
C GLY C 56 -4.59 -6.99 8.02
N ASN C 57 -4.39 -8.08 7.25
CA ASN C 57 -4.62 -9.46 7.77
C ASN C 57 -3.52 -9.75 8.78
N THR C 58 -3.86 -10.42 9.88
CA THR C 58 -2.93 -10.75 10.99
C THR C 58 -3.04 -12.23 11.35
N GLY C 59 -1.94 -12.83 11.79
CA GLY C 59 -1.91 -14.16 12.41
C GLY C 59 -1.14 -14.15 13.73
N TYR C 60 -1.49 -15.03 14.66
CA TYR C 60 -0.88 -15.10 16.01
C TYR C 60 -0.53 -16.55 16.36
N ALA C 61 0.34 -16.73 17.34
CA ALA C 61 0.61 -18.04 17.97
C ALA C 61 -0.63 -18.46 18.77
N GLN C 62 -0.84 -19.76 18.94
CA GLN C 62 -2.06 -20.34 19.56
C GLN C 62 -2.15 -19.83 21.01
N LYS C 63 -1.01 -19.68 21.69
CA LYS C 63 -0.93 -19.22 23.11
C LYS C 63 -1.45 -17.79 23.26
N PHE C 64 -1.51 -17.01 22.18
CA PHE C 64 -1.80 -15.55 22.26
C PHE C 64 -3.06 -15.16 21.46
N GLN C 65 -3.45 -15.91 20.42
CA GLN C 65 -4.61 -15.47 19.61
C GLN C 65 -5.83 -15.46 20.53
N GLY C 66 -6.68 -14.42 20.41
CA GLY C 66 -7.82 -14.14 21.30
C GLY C 66 -7.53 -13.00 22.25
N ARG C 67 -6.25 -12.68 22.46
CA ARG C 67 -5.83 -11.63 23.42
C ARG C 67 -5.01 -10.52 22.74
N VAL C 68 -4.37 -10.81 21.62
CA VAL C 68 -3.51 -9.83 20.91
C VAL C 68 -4.23 -9.33 19.66
N THR C 69 -4.15 -8.03 19.40
CA THR C 69 -4.76 -7.36 18.23
C THR C 69 -3.73 -6.36 17.69
N LEU C 70 -3.29 -6.58 16.46
CA LEU C 70 -2.31 -5.69 15.77
C LEU C 70 -3.06 -4.86 14.73
N THR C 71 -2.96 -3.53 14.82
CA THR C 71 -3.53 -2.56 13.85
C THR C 71 -2.39 -1.73 13.25
N ARG C 72 -2.72 -0.76 12.39
CA ARG C 72 -1.72 0.01 11.60
C ARG C 72 -2.33 1.31 11.07
N ASN C 73 -1.49 2.35 10.93
CA ASN C 73 -1.81 3.65 10.29
C ASN C 73 -0.73 3.92 9.25
N THR C 74 -0.98 3.56 7.99
CA THR C 74 -0.01 3.65 6.85
C THR C 74 0.57 5.07 6.78
N SER C 75 -0.21 6.09 7.16
CA SER C 75 0.15 7.53 7.01
C SER C 75 1.33 7.89 7.93
N ILE C 76 1.35 7.40 9.17
CA ILE C 76 2.40 7.76 10.17
C ILE C 76 3.46 6.65 10.22
N SER C 77 3.39 5.63 9.35
CA SER C 77 4.35 4.50 9.29
C SER C 77 4.50 3.89 10.68
N THR C 78 3.39 3.66 11.36
CA THR C 78 3.32 3.21 12.77
C THR C 78 2.41 1.98 12.88
N ALA C 79 3.01 0.84 13.21
CA ALA C 79 2.30 -0.40 13.60
C ALA C 79 1.95 -0.30 15.10
N TYR C 80 0.81 -0.87 15.47
CA TYR C 80 0.32 -0.88 16.86
C TYR C 80 0.23 -2.34 17.33
N MET C 81 0.18 -2.47 18.65
CA MET C 81 0.11 -3.76 19.38
C MET C 81 -0.80 -3.54 20.59
N GLU C 82 -1.69 -4.49 20.86
CA GLU C 82 -2.75 -4.33 21.88
C GLU C 82 -2.95 -5.67 22.58
N LEU C 83 -2.77 -5.72 23.89
CA LEU C 83 -2.90 -6.95 24.69
C LEU C 83 -4.07 -6.73 25.68
N THR C 84 -4.92 -7.74 25.90
CA THR C 84 -6.08 -7.69 26.83
C THR C 84 -6.05 -8.91 27.79
N SER C 85 -6.61 -8.76 28.99
CA SER C 85 -6.68 -9.79 30.07
C SER C 85 -5.27 -10.27 30.43
N LEU C 86 -4.50 -9.43 31.13
CA LEU C 86 -3.06 -9.69 31.44
C LEU C 86 -2.95 -10.47 32.74
N ARG C 87 -1.73 -10.88 33.11
CA ARG C 87 -1.41 -11.54 34.40
C ARG C 87 0.03 -11.20 34.80
N SER C 88 0.33 -11.39 36.09
CA SER C 88 1.71 -11.37 36.67
C SER C 88 2.66 -12.11 35.73
N GLU C 89 2.16 -13.09 34.99
CA GLU C 89 2.93 -13.89 34.02
C GLU C 89 3.24 -13.06 32.76
N ASP C 90 2.44 -12.05 32.44
CA ASP C 90 2.58 -11.27 31.18
C ASP C 90 3.52 -10.07 31.38
N THR C 91 4.11 -9.93 32.57
CA THR C 91 5.14 -8.89 32.86
C THR C 91 6.38 -9.18 32.03
N ALA C 92 6.63 -8.38 31.01
CA ALA C 92 7.67 -8.69 29.98
C ALA C 92 8.03 -7.46 29.16
N VAL C 93 9.06 -7.64 28.33
CA VAL C 93 9.51 -6.64 27.33
C VAL C 93 8.91 -7.05 25.97
N TYR C 94 8.34 -6.09 25.25
CA TYR C 94 7.70 -6.30 23.92
C TYR C 94 8.51 -5.54 22.87
N TYR C 95 9.06 -6.26 21.87
CA TYR C 95 9.71 -5.67 20.69
C TYR C 95 8.82 -5.83 19.45
N CYS C 96 8.87 -4.82 18.59
CA CYS C 96 8.51 -4.95 17.16
C CYS C 96 9.81 -5.20 16.39
N ALA C 97 9.71 -5.97 15.32
CA ALA C 97 10.83 -6.31 14.40
C ALA C 97 10.27 -6.42 12.98
N THR C 98 11.15 -6.35 11.99
CA THR C 98 10.78 -6.38 10.57
C THR C 98 11.94 -6.98 9.78
N TYR C 99 11.65 -7.49 8.60
CA TYR C 99 12.55 -8.32 7.77
C TYR C 99 13.63 -7.43 7.17
N ARG C 100 14.67 -8.02 6.57
CA ARG C 100 15.68 -7.25 5.81
C ARG C 100 15.02 -6.62 4.58
N ILE C 101 15.49 -5.43 4.20
CA ILE C 101 14.94 -4.63 3.07
C ILE C 101 15.50 -5.20 1.77
N ILE C 102 14.68 -5.97 1.05
CA ILE C 102 15.04 -6.53 -0.28
C ILE C 102 13.75 -6.82 -1.06
N ALA C 103 13.85 -6.84 -2.39
CA ALA C 103 12.77 -7.14 -3.36
C ALA C 103 12.49 -8.65 -3.37
N ALA C 104 13.52 -9.49 -3.38
CA ALA C 104 13.41 -10.98 -3.53
C ALA C 104 12.65 -11.59 -2.33
N VAL C 105 12.08 -12.78 -2.50
CA VAL C 105 11.44 -13.55 -1.40
C VAL C 105 12.50 -14.40 -0.70
N GLY C 106 12.25 -14.74 0.56
CA GLY C 106 13.01 -15.73 1.34
C GLY C 106 13.92 -15.07 2.35
N TYR C 107 13.58 -13.85 2.74
CA TYR C 107 14.41 -12.95 3.60
C TYR C 107 13.54 -12.42 4.74
N ARG C 108 12.70 -13.27 5.34
CA ARG C 108 11.72 -12.89 6.38
C ARG C 108 12.35 -13.14 7.75
N TYR C 109 13.68 -13.16 7.86
CA TYR C 109 14.38 -13.13 9.16
C TYR C 109 14.44 -11.70 9.66
N PHE C 110 14.24 -11.51 10.97
CA PHE C 110 14.18 -10.19 11.64
C PHE C 110 15.59 -9.59 11.68
N GLN C 111 15.89 -8.66 10.78
CA GLN C 111 17.16 -7.87 10.78
C GLN C 111 17.01 -6.66 11.71
N TYR C 112 15.87 -5.96 11.62
CA TYR C 112 15.63 -4.68 12.33
C TYR C 112 14.67 -4.88 13.50
N TRP C 113 15.12 -4.57 14.71
CA TRP C 113 14.34 -4.69 15.98
C TRP C 113 14.13 -3.31 16.59
N GLY C 114 13.07 -3.15 17.37
CA GLY C 114 12.81 -1.93 18.17
C GLY C 114 13.73 -1.89 19.37
N GLN C 115 13.63 -0.83 20.19
CA GLN C 115 14.46 -0.64 21.40
C GLN C 115 13.84 -1.43 22.57
N GLY C 116 12.69 -2.05 22.37
CA GLY C 116 11.96 -2.80 23.40
C GLY C 116 11.15 -1.88 24.29
N THR C 117 9.99 -2.32 24.77
CA THR C 117 9.09 -1.57 25.68
C THR C 117 8.75 -2.46 26.88
N LEU C 118 9.23 -2.09 28.07
CA LEU C 118 8.94 -2.86 29.31
C LEU C 118 7.50 -2.56 29.73
N VAL C 119 6.72 -3.60 30.00
CA VAL C 119 5.28 -3.48 30.37
C VAL C 119 5.05 -4.23 31.69
N THR C 120 5.03 -3.48 32.81
CA THR C 120 4.89 -4.04 34.18
C THR C 120 3.41 -4.18 34.48
N VAL C 121 2.93 -5.42 34.64
CA VAL C 121 1.54 -5.76 35.06
C VAL C 121 1.54 -5.92 36.58
N SER C 122 1.07 -4.93 37.31
CA SER C 122 1.14 -4.92 38.80
C SER C 122 0.08 -3.97 39.39
N SER C 123 -0.44 -4.34 40.56
CA SER C 123 -1.31 -3.52 41.43
C SER C 123 -0.43 -2.61 42.29
N ALA C 124 0.48 -1.87 41.65
CA ALA C 124 1.21 -0.72 42.21
C ALA C 124 0.90 0.52 41.36
N SER C 125 1.47 1.66 41.71
CA SER C 125 1.31 2.93 40.96
C SER C 125 2.67 3.59 40.76
N THR C 126 2.78 4.41 39.71
CA THR C 126 4.04 5.10 39.33
C THR C 126 4.46 5.96 40.53
N LYS C 127 5.69 5.78 41.00
CA LYS C 127 6.29 6.62 42.07
C LYS C 127 7.52 7.34 41.52
N GLY C 128 7.94 8.41 42.21
CA GLY C 128 9.15 9.19 41.92
C GLY C 128 10.42 8.43 42.33
N PRO C 129 11.48 8.47 41.51
CA PRO C 129 12.76 7.83 41.85
C PRO C 129 13.69 8.72 42.68
N SER C 130 13.52 8.76 44.01
CA SER C 130 14.29 9.65 44.93
C SER C 130 15.79 9.34 44.80
N VAL C 131 16.52 10.19 44.08
CA VAL C 131 17.97 10.06 43.85
C VAL C 131 18.69 10.71 45.03
N PHE C 132 19.70 10.04 45.58
CA PHE C 132 20.60 10.57 46.63
C PHE C 132 22.04 10.54 46.09
N PRO C 133 23.04 11.10 46.79
CA PRO C 133 24.43 10.99 46.36
C PRO C 133 25.20 9.90 47.12
N LEU C 134 26.25 9.39 46.48
CA LEU C 134 27.25 8.46 47.08
C LEU C 134 28.65 9.05 46.81
N ALA C 135 29.25 9.69 47.81
CA ALA C 135 30.50 10.47 47.68
C ALA C 135 31.70 9.63 48.07
N PRO C 136 32.90 9.91 47.50
CA PRO C 136 34.17 9.30 47.95
C PRO C 136 34.66 9.71 49.36
N SER C 137 35.56 8.88 49.94
CA SER C 137 36.02 8.90 51.35
C SER C 137 37.56 8.87 51.41
N SER C 142 40.99 5.97 49.03
CA SER C 142 39.56 6.06 48.62
C SER C 142 39.12 4.80 47.86
N GLY C 143 39.81 3.68 48.09
CA GLY C 143 39.63 2.39 47.39
C GLY C 143 40.80 2.06 46.46
N GLY C 144 41.66 3.03 46.16
CA GLY C 144 42.84 2.89 45.27
C GLY C 144 42.81 3.91 44.14
N THR C 145 41.65 3.99 43.47
CA THR C 145 41.21 5.12 42.62
C THR C 145 39.87 5.62 43.17
N ALA C 146 39.16 6.49 42.45
CA ALA C 146 37.88 7.08 42.92
C ALA C 146 36.76 6.07 42.81
N ALA C 147 35.58 6.44 43.31
CA ALA C 147 34.39 5.58 43.45
C ALA C 147 33.24 6.45 43.96
N LEU C 148 32.34 6.86 43.05
CA LEU C 148 31.15 7.70 43.40
C LEU C 148 29.96 7.25 42.57
N GLY C 149 28.76 7.45 43.12
CA GLY C 149 27.52 6.85 42.59
C GLY C 149 26.28 7.67 42.89
N CYS C 150 25.21 7.36 42.16
CA CYS C 150 23.83 7.83 42.40
C CYS C 150 23.05 6.66 43.00
N LEU C 151 22.32 6.87 44.08
CA LEU C 151 21.37 5.86 44.61
C LEU C 151 19.94 6.33 44.31
N VAL C 152 19.36 5.77 43.24
CA VAL C 152 17.93 5.95 42.85
C VAL C 152 17.11 4.97 43.70
N LYS C 153 16.23 5.46 44.57
CA LYS C 153 15.54 4.62 45.59
C LYS C 153 14.02 4.75 45.47
N ASP C 154 13.31 3.67 45.78
CA ASP C 154 11.91 3.67 46.25
C ASP C 154 11.00 4.25 45.16
N TYR C 155 10.85 3.53 44.05
CA TYR C 155 9.98 3.94 42.92
C TYR C 155 9.38 2.69 42.26
N PHE C 156 8.61 2.94 41.21
CA PHE C 156 7.93 1.93 40.37
C PHE C 156 7.32 2.66 39.19
N PRO C 157 7.18 2.04 38.00
CA PRO C 157 7.94 0.84 37.62
C PRO C 157 9.21 1.11 36.79
N GLU C 158 9.95 0.06 36.47
CA GLU C 158 11.13 0.07 35.57
C GLU C 158 10.74 0.58 34.18
N PRO C 159 11.68 1.13 33.36
CA PRO C 159 13.09 1.25 33.74
C PRO C 159 13.41 2.60 34.39
N VAL C 160 14.71 2.94 34.43
CA VAL C 160 15.23 4.28 34.80
C VAL C 160 16.54 4.47 34.03
N THR C 161 16.57 5.33 33.02
CA THR C 161 17.82 5.62 32.27
C THR C 161 18.71 6.46 33.19
N VAL C 162 20.02 6.16 33.21
CA VAL C 162 21.04 6.86 34.04
C VAL C 162 22.25 7.20 33.17
N SER C 163 22.47 8.49 32.92
CA SER C 163 23.69 9.01 32.26
C SER C 163 24.51 9.78 33.31
N TRP C 164 25.82 9.90 33.10
CA TRP C 164 26.73 10.63 34.02
C TRP C 164 27.28 11.85 33.29
N ASN C 165 26.95 13.05 33.79
CA ASN C 165 27.39 14.33 33.17
C ASN C 165 26.85 14.36 31.75
N SER C 166 25.58 13.94 31.58
CA SER C 166 24.80 13.94 30.32
C SER C 166 25.53 13.09 29.26
N GLY C 167 25.83 11.82 29.59
CA GLY C 167 26.46 10.86 28.67
C GLY C 167 27.79 11.38 28.15
N ALA C 168 28.69 11.77 29.07
CA ALA C 168 30.11 12.09 28.80
C ALA C 168 31.02 11.07 29.49
N LEU C 169 30.63 10.69 30.71
CA LEU C 169 31.32 9.68 31.54
C LEU C 169 30.67 8.32 31.30
N THR C 170 31.36 7.39 30.62
CA THR C 170 30.84 6.04 30.27
C THR C 170 31.75 4.95 30.85
N SER C 171 33.02 4.92 30.46
CA SER C 171 34.03 3.97 30.98
C SER C 171 34.05 4.05 32.52
N GLY C 172 33.96 2.90 33.19
CA GLY C 172 33.96 2.82 34.67
C GLY C 172 32.56 2.90 35.25
N VAL C 173 31.58 3.40 34.48
CA VAL C 173 30.14 3.41 34.89
C VAL C 173 29.65 1.96 34.91
N HIS C 174 28.87 1.61 35.93
CA HIS C 174 28.24 0.28 36.11
C HIS C 174 26.82 0.50 36.61
N THR C 175 25.87 0.66 35.70
CA THR C 175 24.43 0.67 36.10
C THR C 175 24.08 -0.74 36.53
N PHE C 176 23.67 -0.89 37.80
CA PHE C 176 23.28 -2.20 38.39
C PHE C 176 21.88 -2.55 37.89
N PRO C 177 21.46 -3.82 38.02
CA PRO C 177 20.08 -4.20 37.81
C PRO C 177 19.25 -3.80 39.04
N ALA C 178 18.17 -3.03 38.80
CA ALA C 178 17.24 -2.53 39.84
C ALA C 178 16.71 -3.72 40.63
N VAL C 179 16.67 -3.64 41.95
CA VAL C 179 16.09 -4.71 42.81
C VAL C 179 14.76 -4.21 43.38
N LEU C 180 13.70 -5.02 43.27
CA LEU C 180 12.38 -4.75 43.90
C LEU C 180 12.57 -4.81 45.41
N GLN C 181 12.51 -3.67 46.09
CA GLN C 181 12.68 -3.62 47.56
C GLN C 181 11.43 -4.23 48.18
N SER C 182 11.44 -4.51 49.50
CA SER C 182 10.34 -5.15 50.26
C SER C 182 9.07 -4.28 50.19
N SER C 183 9.24 -2.98 50.39
CA SER C 183 8.18 -1.93 50.30
C SER C 183 7.35 -2.07 49.01
N GLY C 184 7.88 -2.77 47.99
CA GLY C 184 7.25 -2.94 46.66
C GLY C 184 7.79 -1.95 45.65
N LEU C 185 9.01 -1.45 45.89
CA LEU C 185 9.63 -0.35 45.10
C LEU C 185 10.98 -0.80 44.55
N TYR C 186 11.14 -0.76 43.23
CA TYR C 186 12.41 -1.03 42.50
C TYR C 186 13.44 0.01 42.95
N SER C 187 14.42 -0.42 43.74
CA SER C 187 15.56 0.42 44.18
C SER C 187 16.80 0.06 43.36
N LEU C 188 17.48 1.05 42.78
CA LEU C 188 18.62 0.88 41.84
C LEU C 188 19.71 1.90 42.19
N SER C 189 20.97 1.55 41.94
CA SER C 189 22.12 2.45 42.15
C SER C 189 23.12 2.29 41.00
N SER C 190 23.57 3.40 40.42
CA SER C 190 24.64 3.44 39.38
C SER C 190 25.90 4.09 39.97
N VAL C 191 27.07 3.58 39.62
CA VAL C 191 28.36 4.07 40.17
C VAL C 191 29.37 4.22 39.06
N VAL C 192 30.51 4.80 39.38
CA VAL C 192 31.61 5.03 38.42
C VAL C 192 32.92 5.17 39.18
N THR C 193 34.00 4.63 38.61
CA THR C 193 35.39 4.83 39.05
C THR C 193 36.07 5.76 38.03
N VAL C 194 36.78 6.77 38.54
CA VAL C 194 37.55 7.78 37.75
C VAL C 194 38.84 8.04 38.53
N PRO C 195 39.95 8.47 37.88
CA PRO C 195 41.15 8.89 38.61
C PRO C 195 40.84 9.88 39.75
N SER C 196 41.39 9.61 40.94
CA SER C 196 41.22 10.45 42.17
C SER C 196 41.68 11.88 41.90
N SER C 197 42.70 12.05 41.05
CA SER C 197 43.26 13.34 40.58
C SER C 197 42.14 14.34 40.23
N SER C 198 41.11 13.88 39.52
CA SER C 198 40.05 14.75 38.94
C SER C 198 38.82 14.85 39.86
N LEU C 199 38.95 14.62 41.16
CA LEU C 199 37.78 14.60 42.08
C LEU C 199 37.33 16.05 42.38
N GLY C 200 38.25 17.02 42.34
CA GLY C 200 37.96 18.46 42.52
C GLY C 200 37.99 19.20 41.18
N THR C 201 38.94 18.84 40.30
CA THR C 201 39.09 19.32 38.90
C THR C 201 37.73 19.24 38.22
N GLN C 202 37.29 18.02 37.92
CA GLN C 202 36.09 17.73 37.08
C GLN C 202 34.90 17.54 38.02
N THR C 203 33.76 18.16 37.72
CA THR C 203 32.47 17.94 38.41
C THR C 203 31.95 16.56 38.01
N TYR C 204 31.13 15.95 38.87
CA TYR C 204 30.52 14.62 38.63
C TYR C 204 29.05 14.68 39.06
N ILE C 205 28.14 14.86 38.11
CA ILE C 205 26.67 14.95 38.33
C ILE C 205 25.97 13.86 37.49
N CYS C 206 24.98 13.18 38.06
CA CYS C 206 24.27 12.07 37.39
C CYS C 206 22.89 12.57 36.96
N ASN C 207 22.40 11.99 35.85
CA ASN C 207 21.20 12.42 35.11
C ASN C 207 20.27 11.22 34.99
N VAL C 208 19.23 11.21 35.80
CA VAL C 208 18.26 10.09 36.01
C VAL C 208 16.95 10.46 35.32
N ASN C 209 16.38 9.55 34.52
CA ASN C 209 15.04 9.74 33.92
C ASN C 209 14.16 8.54 34.24
N HIS C 210 12.89 8.79 34.57
CA HIS C 210 11.84 7.77 34.89
C HIS C 210 10.58 8.10 34.10
N LYS C 211 10.52 7.60 32.86
CA LYS C 211 9.48 7.95 31.84
C LYS C 211 8.09 7.79 32.45
N PRO C 212 7.74 6.67 33.13
CA PRO C 212 6.40 6.51 33.71
C PRO C 212 5.89 7.65 34.62
N SER C 213 6.79 8.53 35.08
CA SER C 213 6.45 9.72 35.89
C SER C 213 6.98 11.01 35.23
N ASN C 214 7.48 10.93 33.99
CA ASN C 214 8.00 12.07 33.18
C ASN C 214 9.00 12.89 33.99
N THR C 215 9.37 12.45 35.19
CA THR C 215 10.17 13.24 36.17
C THR C 215 11.65 12.83 36.08
N LYS C 216 12.47 13.78 35.64
CA LYS C 216 13.93 13.65 35.44
C LYS C 216 14.64 14.46 36.52
N VAL C 217 15.80 13.98 36.98
CA VAL C 217 16.58 14.57 38.11
C VAL C 217 18.05 14.67 37.69
N ASP C 218 18.74 15.67 38.21
CA ASP C 218 20.20 15.88 38.11
C ASP C 218 20.72 16.14 39.52
N LYS C 219 21.63 15.30 40.01
CA LYS C 219 22.24 15.48 41.35
C LYS C 219 23.76 15.52 41.21
N ARG C 220 24.34 16.53 41.85
CA ARG C 220 25.78 16.70 42.06
C ARG C 220 26.15 15.89 43.30
N VAL C 221 27.03 14.90 43.12
CA VAL C 221 27.65 14.15 44.25
C VAL C 221 28.92 14.90 44.68
N GLU C 222 28.91 15.47 45.88
CA GLU C 222 30.02 16.29 46.45
C GLU C 222 30.91 15.40 47.30
N PRO C 223 32.21 15.24 46.95
CA PRO C 223 33.12 14.38 47.72
C PRO C 223 33.22 14.79 49.19
N LYS C 224 32.23 14.44 50.00
CA LYS C 224 32.14 14.81 51.44
C LYS C 224 32.87 13.76 52.28
N ASP D 1 2.76 -28.71 13.60
CA ASP D 1 4.05 -29.41 13.29
C ASP D 1 5.18 -28.52 13.79
N ILE D 2 6.37 -28.58 13.15
CA ILE D 2 7.49 -27.58 13.24
C ILE D 2 7.82 -27.19 14.69
N GLN D 3 8.68 -28.00 15.34
CA GLN D 3 9.24 -27.76 16.70
C GLN D 3 10.75 -27.65 16.62
N LEU D 4 11.30 -26.56 17.15
CA LEU D 4 12.76 -26.35 17.31
C LEU D 4 13.15 -26.70 18.74
N THR D 5 14.25 -27.46 18.87
CA THR D 5 14.85 -27.89 20.16
C THR D 5 16.31 -27.46 20.15
N GLN D 6 16.59 -26.38 20.87
CA GLN D 6 17.93 -25.77 20.98
C GLN D 6 18.59 -26.32 22.24
N SER D 7 19.82 -26.81 22.11
CA SER D 7 20.63 -27.32 23.22
C SER D 7 22.10 -27.00 22.95
N PRO D 8 22.94 -26.84 23.99
CA PRO D 8 22.47 -26.78 25.38
C PRO D 8 21.74 -25.47 25.70
N SER D 9 21.03 -25.41 26.83
CA SER D 9 20.36 -24.17 27.35
C SER D 9 21.33 -23.34 28.23
N SER D 10 22.61 -23.74 28.31
CA SER D 10 23.67 -23.07 29.10
C SER D 10 25.05 -23.61 28.66
N LEU D 11 26.07 -22.77 28.68
CA LEU D 11 27.41 -23.16 28.16
C LEU D 11 28.48 -22.30 28.83
N SER D 12 29.65 -22.86 29.10
CA SER D 12 30.79 -22.15 29.73
C SER D 12 32.11 -22.59 29.08
N ALA D 13 32.82 -21.65 28.45
CA ALA D 13 34.16 -21.86 27.85
C ALA D 13 35.06 -20.67 28.17
N SER D 14 36.33 -20.74 27.78
CA SER D 14 37.37 -19.70 28.04
C SER D 14 37.71 -18.98 26.72
N VAL D 15 38.28 -17.78 26.81
CA VAL D 15 38.60 -16.95 25.60
C VAL D 15 39.55 -17.73 24.71
N GLY D 16 39.23 -17.80 23.41
CA GLY D 16 40.02 -18.53 22.41
C GLY D 16 39.52 -19.95 22.22
N ASP D 17 38.62 -20.44 23.10
CA ASP D 17 38.03 -21.80 23.01
C ASP D 17 37.10 -21.83 21.79
N SER D 18 36.62 -23.02 21.43
CA SER D 18 35.68 -23.24 20.30
C SER D 18 34.38 -23.86 20.83
N VAL D 19 33.26 -23.14 20.82
CA VAL D 19 31.97 -23.66 21.37
C VAL D 19 31.00 -23.97 20.22
N THR D 20 29.96 -24.76 20.51
CA THR D 20 29.02 -25.33 19.52
C THR D 20 27.61 -25.41 20.11
N ILE D 21 26.68 -24.62 19.57
CA ILE D 21 25.22 -24.64 19.88
C ILE D 21 24.47 -25.40 18.76
N THR D 22 23.40 -26.12 19.11
CA THR D 22 22.70 -27.09 18.23
C THR D 22 21.20 -26.80 18.25
N CYS D 23 20.58 -26.80 17.08
CA CYS D 23 19.13 -26.63 16.88
C CYS D 23 18.67 -27.86 16.11
N ARG D 24 17.59 -28.49 16.54
CA ARG D 24 17.03 -29.72 15.90
C ARG D 24 15.53 -29.52 15.71
N ALA D 25 15.05 -29.72 14.48
CA ALA D 25 13.65 -29.51 14.07
C ALA D 25 12.90 -30.85 13.97
N SER D 26 11.56 -30.81 14.09
CA SER D 26 10.63 -31.94 13.85
C SER D 26 10.86 -32.49 12.44
N GLN D 27 10.44 -31.70 11.45
CA GLN D 27 10.55 -32.01 10.02
C GLN D 27 11.42 -30.93 9.39
N GLY D 28 11.81 -31.14 8.13
CA GLY D 28 12.54 -30.15 7.32
C GLY D 28 11.68 -28.92 7.10
N PHE D 29 12.29 -27.80 6.74
CA PHE D 29 11.59 -26.53 6.40
C PHE D 29 12.48 -25.67 5.48
N GLY D 30 13.25 -26.33 4.63
CA GLY D 30 13.97 -25.66 3.54
C GLY D 30 15.03 -24.71 4.04
N ASN D 31 15.58 -24.97 5.23
CA ASN D 31 16.81 -24.30 5.76
C ASN D 31 16.55 -22.81 5.97
N TYR D 32 15.29 -22.40 6.17
CA TYR D 32 14.97 -21.02 6.59
C TYR D 32 15.18 -20.92 8.10
N LEU D 33 16.45 -20.95 8.50
CA LEU D 33 16.83 -20.84 9.92
C LEU D 33 17.86 -19.72 10.09
N ALA D 34 17.59 -18.82 11.04
CA ALA D 34 18.47 -17.67 11.37
C ALA D 34 18.98 -17.83 12.81
N TRP D 35 20.20 -17.36 13.07
CA TRP D 35 20.85 -17.38 14.41
C TRP D 35 20.98 -15.95 14.91
N TYR D 36 20.51 -15.70 16.13
CA TYR D 36 20.47 -14.37 16.76
C TYR D 36 21.36 -14.38 17.99
N GLN D 37 22.10 -13.30 18.19
CA GLN D 37 22.80 -13.03 19.46
C GLN D 37 22.13 -11.84 20.13
N GLN D 38 21.63 -12.04 21.35
CA GLN D 38 21.07 -10.98 22.20
C GLN D 38 22.06 -10.79 23.36
N ARG D 39 22.86 -9.72 23.30
CA ARG D 39 23.89 -9.41 24.32
C ARG D 39 23.15 -8.92 25.56
N PRO D 40 23.80 -8.98 26.74
CA PRO D 40 23.11 -8.68 28.00
C PRO D 40 22.47 -7.28 27.96
N GLY D 41 21.14 -7.20 28.15
CA GLY D 41 20.33 -5.99 27.92
C GLY D 41 20.67 -5.30 26.61
N LYS D 42 20.46 -5.99 25.48
CA LYS D 42 20.65 -5.41 24.12
C LYS D 42 19.44 -5.76 23.28
N VAL D 43 19.52 -5.57 21.97
CA VAL D 43 18.52 -6.10 21.01
C VAL D 43 19.14 -7.31 20.33
N PRO D 44 18.32 -8.33 19.96
CA PRO D 44 18.77 -9.38 19.04
C PRO D 44 19.51 -8.80 17.83
N GLU D 45 20.49 -9.54 17.32
CA GLU D 45 21.29 -9.16 16.12
C GLU D 45 21.55 -10.42 15.30
N VAL D 46 20.83 -10.59 14.21
CA VAL D 46 20.89 -11.82 13.36
C VAL D 46 22.34 -12.01 12.90
N LEU D 47 23.00 -13.06 13.39
CA LEU D 47 24.40 -13.41 13.03
C LEU D 47 24.39 -14.16 11.71
N ILE D 48 23.49 -15.14 11.62
CA ILE D 48 23.40 -16.16 10.53
C ILE D 48 21.96 -16.24 10.06
N TYR D 49 21.76 -16.40 8.75
CA TYR D 49 20.44 -16.61 8.10
C TYR D 49 20.61 -17.68 7.03
N ALA D 50 19.50 -18.17 6.49
CA ALA D 50 19.47 -19.17 5.41
C ALA D 50 20.31 -20.38 5.84
N ALA D 51 20.28 -20.69 7.14
CA ALA D 51 20.91 -21.88 7.76
C ALA D 51 22.42 -21.69 7.92
N THR D 52 23.11 -21.34 6.84
CA THR D 52 24.60 -21.36 6.75
C THR D 52 25.16 -20.02 6.29
N THR D 53 24.32 -19.07 5.88
CA THR D 53 24.79 -17.82 5.22
C THR D 53 25.09 -16.77 6.28
N LEU D 54 26.28 -16.20 6.21
CA LEU D 54 26.82 -15.19 7.15
C LEU D 54 26.23 -13.82 6.84
N GLN D 55 25.70 -13.11 7.85
CA GLN D 55 25.20 -11.72 7.65
C GLN D 55 26.37 -10.76 7.77
N SER D 56 26.60 -9.91 6.76
CA SER D 56 27.76 -8.98 6.69
C SER D 56 27.72 -8.00 7.87
N GLY D 57 28.90 -7.62 8.41
CA GLY D 57 29.06 -6.77 9.59
C GLY D 57 29.27 -7.57 10.87
N VAL D 58 29.22 -8.90 10.82
CA VAL D 58 29.53 -9.79 11.98
C VAL D 58 30.77 -10.63 11.68
N PRO D 59 31.66 -10.87 12.66
CA PRO D 59 32.87 -11.67 12.45
C PRO D 59 32.68 -13.04 11.76
N SER D 60 33.70 -13.52 11.05
CA SER D 60 33.71 -14.77 10.23
C SER D 60 34.04 -15.99 11.12
N ARG D 61 34.34 -15.75 12.40
CA ARG D 61 34.58 -16.81 13.42
C ARG D 61 33.23 -17.41 13.84
N PHE D 62 32.12 -16.67 13.63
CA PHE D 62 30.72 -17.19 13.70
C PHE D 62 30.35 -17.90 12.39
N SER D 63 29.99 -19.17 12.46
CA SER D 63 29.52 -19.94 11.27
C SER D 63 28.28 -20.74 11.63
N GLY D 64 27.38 -20.89 10.66
CA GLY D 64 26.23 -21.80 10.71
C GLY D 64 26.48 -22.95 9.76
N SER D 65 26.03 -24.14 10.10
CA SER D 65 26.13 -25.31 9.21
C SER D 65 24.96 -26.24 9.51
N GLY D 66 24.87 -27.31 8.72
CA GLY D 66 23.80 -28.31 8.81
C GLY D 66 22.73 -27.99 7.80
N SER D 67 21.76 -28.90 7.67
CA SER D 67 20.66 -28.84 6.67
C SER D 67 19.51 -29.76 7.10
N GLY D 68 18.31 -29.47 6.60
CA GLY D 68 17.12 -30.30 6.85
C GLY D 68 16.62 -30.05 8.25
N THR D 69 16.93 -30.95 9.19
CA THR D 69 16.43 -30.89 10.58
C THR D 69 17.59 -30.88 11.60
N ASP D 70 18.84 -30.72 11.16
CA ASP D 70 20.04 -30.69 12.04
C ASP D 70 20.88 -29.46 11.71
N PHE D 71 20.88 -28.46 12.57
CA PHE D 71 21.66 -27.21 12.39
C PHE D 71 22.56 -26.95 13.60
N THR D 72 23.61 -26.17 13.38
CA THR D 72 24.67 -25.94 14.39
C THR D 72 25.34 -24.60 14.12
N LEU D 73 25.37 -23.72 15.12
CA LEU D 73 26.16 -22.47 15.12
C LEU D 73 27.45 -22.76 15.91
N THR D 74 28.62 -22.63 15.26
CA THR D 74 29.95 -22.82 15.88
C THR D 74 30.63 -21.46 15.99
N ILE D 75 31.08 -21.10 17.20
CA ILE D 75 31.91 -19.90 17.50
C ILE D 75 33.34 -20.39 17.64
N SER D 76 34.16 -20.25 16.58
CA SER D 76 35.48 -20.90 16.41
C SER D 76 36.49 -20.43 17.47
N SER D 77 36.94 -19.17 17.40
CA SER D 77 37.84 -18.55 18.40
C SER D 77 37.01 -17.62 19.26
N LEU D 78 36.46 -18.12 20.36
CA LEU D 78 35.55 -17.35 21.23
C LEU D 78 36.33 -16.15 21.78
N GLN D 79 35.64 -15.03 22.03
CA GLN D 79 36.18 -13.75 22.54
C GLN D 79 35.28 -13.27 23.68
N PRO D 80 35.71 -12.29 24.51
CA PRO D 80 34.89 -11.82 25.63
C PRO D 80 33.60 -11.14 25.18
N GLU D 81 33.65 -10.53 23.99
CA GLU D 81 32.54 -9.70 23.43
C GLU D 81 31.29 -10.58 23.31
N ASP D 82 31.47 -11.87 23.11
CA ASP D 82 30.40 -12.81 22.68
C ASP D 82 29.55 -13.27 23.86
N VAL D 83 29.87 -12.81 25.08
CA VAL D 83 29.06 -13.13 26.29
C VAL D 83 27.67 -12.58 26.03
N ALA D 84 26.72 -13.47 25.75
CA ALA D 84 25.34 -13.14 25.33
C ALA D 84 24.45 -14.38 25.41
N THR D 85 23.28 -14.34 24.79
CA THR D 85 22.36 -15.50 24.61
C THR D 85 22.07 -15.65 23.12
N TYR D 86 22.12 -16.88 22.62
CA TYR D 86 21.95 -17.20 21.18
C TYR D 86 20.65 -17.98 21.01
N TYR D 87 19.83 -17.62 20.03
CA TYR D 87 18.56 -18.29 19.68
C TYR D 87 18.54 -18.68 18.20
N CYS D 88 18.01 -19.86 17.87
CA CYS D 88 17.71 -20.30 16.47
C CYS D 88 16.23 -20.02 16.21
N GLN D 89 15.88 -19.64 14.99
CA GLN D 89 14.48 -19.32 14.63
C GLN D 89 14.23 -19.85 13.24
N LYS D 90 12.99 -20.25 12.93
CA LYS D 90 12.59 -20.64 11.55
C LYS D 90 11.88 -19.45 10.90
N TYR D 91 12.05 -19.23 9.59
CA TYR D 91 11.43 -18.05 8.93
C TYR D 91 10.96 -18.40 7.52
N ASN D 92 10.69 -19.69 7.27
CA ASN D 92 10.07 -20.16 6.00
C ASN D 92 8.71 -19.45 5.89
N SER D 93 7.97 -19.40 7.01
CA SER D 93 6.68 -18.68 7.15
C SER D 93 6.32 -18.55 8.64
N ALA D 94 5.13 -18.02 8.91
CA ALA D 94 4.55 -18.02 10.26
C ALA D 94 4.18 -19.44 10.60
N PRO D 95 4.25 -19.88 11.88
CA PRO D 95 4.77 -19.06 12.97
C PRO D 95 6.31 -19.08 13.09
N PHE D 96 6.96 -17.92 12.96
CA PHE D 96 8.44 -17.76 13.05
C PHE D 96 8.91 -18.14 14.46
N THR D 97 8.82 -19.43 14.78
CA THR D 97 9.11 -20.02 16.12
C THR D 97 10.54 -19.68 16.48
N PHE D 98 10.79 -19.37 17.76
CA PHE D 98 12.14 -19.16 18.34
C PHE D 98 12.58 -20.44 19.03
N GLY D 99 13.88 -20.67 19.14
CA GLY D 99 14.44 -21.69 20.06
C GLY D 99 14.30 -21.31 21.53
N GLN D 100 14.77 -22.16 22.44
CA GLN D 100 14.62 -21.94 23.89
C GLN D 100 15.73 -21.03 24.41
N GLY D 101 16.79 -20.83 23.62
CA GLY D 101 17.93 -19.95 23.95
C GLY D 101 19.11 -20.72 24.47
N THR D 102 20.29 -20.08 24.54
CA THR D 102 21.58 -20.64 25.01
C THR D 102 22.42 -19.53 25.66
N ARG D 103 22.32 -19.35 26.99
CA ARG D 103 23.19 -18.44 27.78
C ARG D 103 24.64 -18.94 27.62
N LEU D 104 25.56 -18.06 27.29
CA LEU D 104 27.00 -18.38 27.14
C LEU D 104 27.79 -17.51 28.13
N GLU D 105 28.44 -18.14 29.12
CA GLU D 105 29.33 -17.45 30.09
C GLU D 105 30.77 -17.73 29.68
N ILE D 106 31.72 -16.95 30.21
CA ILE D 106 33.17 -17.07 29.91
C ILE D 106 33.95 -17.37 31.19
N LYS D 107 34.68 -18.47 31.19
CA LYS D 107 35.70 -18.78 32.21
C LYS D 107 36.88 -17.82 31.98
N ARG D 108 37.49 -17.33 33.06
CA ARG D 108 38.68 -16.45 33.00
C ARG D 108 39.50 -16.58 34.29
N THR D 109 40.62 -15.84 34.36
CA THR D 109 41.52 -15.77 35.54
C THR D 109 40.73 -15.18 36.72
N VAL D 110 40.88 -15.77 37.90
CA VAL D 110 40.32 -15.24 39.16
C VAL D 110 40.75 -13.78 39.29
N ALA D 111 39.82 -12.84 39.27
CA ALA D 111 40.09 -11.40 39.47
C ALA D 111 39.51 -10.99 40.82
N ALA D 112 40.32 -10.40 41.69
CA ALA D 112 39.90 -9.97 43.05
C ALA D 112 38.97 -8.77 42.92
N PRO D 113 38.02 -8.58 43.86
CA PRO D 113 37.17 -7.39 43.89
C PRO D 113 37.83 -6.22 44.63
N SER D 114 37.74 -5.02 44.05
CA SER D 114 37.95 -3.74 44.77
C SER D 114 36.73 -3.51 45.64
N VAL D 115 36.93 -3.23 46.93
CA VAL D 115 35.84 -2.93 47.91
C VAL D 115 35.83 -1.42 48.16
N PHE D 116 34.64 -0.81 48.05
CA PHE D 116 34.37 0.60 48.40
C PHE D 116 33.10 0.63 49.24
N ILE D 117 33.02 1.53 50.22
CA ILE D 117 31.84 1.67 51.12
C ILE D 117 31.39 3.12 51.19
N PHE D 118 30.07 3.31 51.07
CA PHE D 118 29.41 4.64 50.99
C PHE D 118 28.43 4.77 52.14
N PRO D 119 28.61 5.79 53.00
CA PRO D 119 27.62 6.11 54.01
C PRO D 119 26.52 6.95 53.36
N PRO D 120 25.29 6.87 53.89
CA PRO D 120 24.17 7.64 53.35
C PRO D 120 24.36 9.14 53.62
N SER D 121 24.11 9.99 52.62
CA SER D 121 24.18 11.46 52.80
C SER D 121 23.03 11.91 53.70
N ASP D 122 23.16 13.11 54.29
CA ASP D 122 22.15 13.72 55.20
C ASP D 122 20.79 13.79 54.49
N GLU D 123 20.75 13.94 53.16
CA GLU D 123 19.49 14.05 52.37
C GLU D 123 18.55 12.92 52.83
N GLN D 124 19.03 11.68 52.78
CA GLN D 124 18.19 10.49 53.06
C GLN D 124 17.90 10.39 54.56
N LEU D 125 18.80 10.89 55.42
CA LEU D 125 18.55 10.90 56.88
C LEU D 125 17.41 11.89 57.16
N LYS D 126 17.29 12.98 56.38
CA LYS D 126 16.17 13.94 56.50
C LYS D 126 14.86 13.23 56.14
N SER D 127 14.87 12.47 55.03
CA SER D 127 13.73 11.65 54.57
C SER D 127 13.27 10.76 55.74
N GLY D 128 14.23 10.32 56.57
CA GLY D 128 14.00 9.52 57.80
C GLY D 128 14.28 8.05 57.55
N THR D 129 15.39 7.76 56.87
CA THR D 129 15.79 6.39 56.43
C THR D 129 17.31 6.41 56.15
N ALA D 130 18.07 5.50 56.76
CA ALA D 130 19.51 5.32 56.45
C ALA D 130 19.63 4.23 55.40
N SER D 131 20.53 4.39 54.43
CA SER D 131 20.89 3.36 53.42
C SER D 131 22.41 3.40 53.17
N VAL D 132 23.10 2.38 53.67
CA VAL D 132 24.57 2.21 53.53
C VAL D 132 24.79 1.30 52.32
N VAL D 133 25.94 1.43 51.65
CA VAL D 133 26.25 0.71 50.39
C VAL D 133 27.64 0.11 50.50
N CYS D 134 27.77 -1.11 49.97
CA CYS D 134 29.05 -1.86 49.85
C CYS D 134 29.21 -2.28 48.39
N LEU D 135 30.38 -2.05 47.81
CA LEU D 135 30.59 -2.27 46.36
C LEU D 135 31.81 -3.16 46.11
N LEU D 136 31.62 -4.21 45.31
CA LEU D 136 32.71 -5.08 44.77
C LEU D 136 32.90 -4.74 43.30
N ASN D 137 34.15 -4.60 42.85
CA ASN D 137 34.44 -4.06 41.49
C ASN D 137 35.38 -5.01 40.75
N ASN D 138 35.03 -5.30 39.49
CA ASN D 138 35.85 -6.06 38.52
C ASN D 138 36.38 -7.32 39.22
N PHE D 139 35.46 -8.20 39.62
CA PHE D 139 35.80 -9.49 40.26
C PHE D 139 35.24 -10.66 39.43
N TYR D 140 35.87 -11.81 39.61
CA TYR D 140 35.47 -13.11 39.01
C TYR D 140 36.07 -14.22 39.85
N PRO D 141 35.37 -15.35 40.13
CA PRO D 141 34.02 -15.61 39.65
C PRO D 141 32.91 -14.83 40.37
N ARG D 142 31.64 -15.17 40.08
CA ARG D 142 30.40 -14.50 40.59
C ARG D 142 30.18 -14.78 42.08
N GLU D 143 30.62 -15.94 42.55
CA GLU D 143 30.48 -16.36 43.97
C GLU D 143 31.11 -15.25 44.81
N ALA D 144 30.30 -14.55 45.62
CA ALA D 144 30.72 -13.47 46.54
C ALA D 144 29.70 -13.34 47.68
N LYS D 145 30.18 -13.46 48.92
CA LYS D 145 29.39 -13.28 50.17
C LYS D 145 29.81 -11.95 50.80
N VAL D 146 28.83 -11.18 51.25
CA VAL D 146 29.04 -9.85 51.89
C VAL D 146 28.26 -9.85 53.22
N GLN D 147 28.99 -9.76 54.33
CA GLN D 147 28.43 -9.73 55.70
C GLN D 147 28.38 -8.28 56.17
N TRP D 148 27.33 -7.89 56.87
CA TRP D 148 27.20 -6.54 57.47
C TRP D 148 27.35 -6.65 58.99
N LYS D 149 28.13 -5.76 59.59
CA LYS D 149 28.36 -5.71 61.05
C LYS D 149 28.05 -4.30 61.54
N VAL D 150 26.95 -4.16 62.27
CA VAL D 150 26.53 -2.90 62.97
C VAL D 150 27.09 -2.97 64.40
N ASP D 151 28.09 -2.13 64.73
CA ASP D 151 28.84 -2.19 66.02
C ASP D 151 29.42 -3.60 66.20
N ASN D 152 29.88 -4.20 65.09
CA ASN D 152 30.42 -5.59 65.05
C ASN D 152 29.34 -6.56 65.55
N ALA D 153 28.07 -6.31 65.19
CA ALA D 153 26.92 -7.21 65.43
C ALA D 153 26.36 -7.65 64.07
N LEU D 154 26.35 -8.95 63.82
CA LEU D 154 26.06 -9.51 62.48
C LEU D 154 24.58 -9.24 62.13
N GLN D 155 24.30 -8.82 60.88
CA GLN D 155 22.94 -8.45 60.39
C GLN D 155 22.48 -9.48 59.36
N SER D 156 21.17 -9.47 59.06
CA SER D 156 20.43 -10.49 58.28
C SER D 156 19.04 -9.97 57.95
N GLY D 157 18.67 -9.92 56.66
CA GLY D 157 17.34 -9.51 56.20
C GLY D 157 17.27 -8.02 55.89
N ASN D 158 18.19 -7.23 56.47
CA ASN D 158 18.35 -5.79 56.17
C ASN D 158 18.86 -5.64 54.73
N SER D 159 20.00 -6.27 54.43
CA SER D 159 20.75 -6.10 53.17
C SER D 159 20.03 -6.78 52.01
N GLN D 160 20.22 -6.23 50.81
CA GLN D 160 19.95 -6.88 49.51
C GLN D 160 21.07 -6.45 48.55
N GLU D 161 21.66 -7.43 47.85
CA GLU D 161 22.75 -7.19 46.87
C GLU D 161 22.22 -7.39 45.44
N SER D 162 23.06 -7.11 44.45
CA SER D 162 22.77 -7.26 43.00
C SER D 162 24.09 -7.13 42.24
N VAL D 163 24.22 -7.85 41.12
CA VAL D 163 25.50 -8.00 40.36
C VAL D 163 25.27 -7.50 38.93
N THR D 164 26.32 -7.07 38.23
CA THR D 164 26.18 -6.66 36.82
C THR D 164 26.27 -7.91 35.96
N GLU D 165 25.86 -7.83 34.71
CA GLU D 165 26.08 -8.91 33.72
C GLU D 165 27.58 -8.98 33.46
N GLN D 166 28.07 -10.16 33.06
CA GLN D 166 29.50 -10.39 32.78
C GLN D 166 29.97 -9.35 31.76
N ASP D 167 31.00 -8.59 32.10
CA ASP D 167 31.55 -7.49 31.26
C ASP D 167 31.89 -8.04 29.87
N SER D 168 31.72 -7.20 28.85
CA SER D 168 31.95 -7.55 27.44
C SER D 168 33.45 -7.49 27.13
N LYS D 169 34.29 -6.91 28.00
CA LYS D 169 35.76 -6.80 27.78
C LYS D 169 36.52 -7.64 28.82
N ASP D 170 36.50 -7.25 30.10
CA ASP D 170 37.30 -7.94 31.14
C ASP D 170 36.56 -9.18 31.67
N SER D 171 35.33 -9.43 31.21
CA SER D 171 34.52 -10.61 31.63
C SER D 171 34.48 -10.68 33.16
N THR D 172 34.27 -9.53 33.81
CA THR D 172 34.19 -9.42 35.29
C THR D 172 32.76 -9.01 35.68
N TYR D 173 32.50 -9.03 36.98
CA TYR D 173 31.22 -8.63 37.57
C TYR D 173 31.47 -7.45 38.51
N SER D 174 30.39 -6.96 39.11
CA SER D 174 30.43 -5.93 40.17
C SER D 174 29.14 -6.05 40.97
N LEU D 175 29.25 -6.49 42.22
CA LEU D 175 28.10 -6.68 43.13
C LEU D 175 27.94 -5.38 43.93
N SER D 176 26.70 -5.07 44.31
CA SER D 176 26.39 -3.92 45.20
C SER D 176 25.48 -4.42 46.32
N SER D 177 26.07 -4.69 47.48
CA SER D 177 25.27 -4.97 48.71
C SER D 177 24.82 -3.62 49.25
N THR D 178 23.63 -3.57 49.81
CA THR D 178 23.03 -2.31 50.30
C THR D 178 22.23 -2.60 51.58
N LEU D 179 22.63 -1.97 52.69
CA LEU D 179 22.02 -2.11 54.04
C LEU D 179 21.01 -0.99 54.24
N THR D 180 19.71 -1.31 54.21
CA THR D 180 18.61 -0.33 54.46
C THR D 180 18.30 -0.33 55.97
N LEU D 181 18.44 0.82 56.63
CA LEU D 181 18.12 1.03 58.08
C LEU D 181 17.14 2.20 58.21
N SER D 182 16.69 2.47 59.45
CA SER D 182 15.96 3.70 59.82
C SER D 182 16.94 4.70 60.43
N LYS D 183 16.67 6.00 60.28
CA LYS D 183 17.44 7.12 60.89
C LYS D 183 17.66 6.82 62.38
N ALA D 184 16.61 6.33 63.05
CA ALA D 184 16.63 5.89 64.46
C ALA D 184 17.78 4.90 64.70
N ASP D 185 17.83 3.81 63.94
CA ASP D 185 18.85 2.74 64.09
C ASP D 185 20.23 3.26 63.65
N TYR D 186 20.27 4.28 62.80
CA TYR D 186 21.54 4.88 62.29
C TYR D 186 22.18 5.72 63.40
N GLU D 187 21.37 6.37 64.23
CA GLU D 187 21.85 7.31 65.28
C GLU D 187 22.26 6.53 66.53
N LYS D 188 21.78 5.30 66.71
CA LYS D 188 22.02 4.48 67.93
C LYS D 188 23.36 3.75 67.83
N HIS D 189 24.08 3.87 66.71
CA HIS D 189 25.30 3.07 66.42
C HIS D 189 26.34 3.88 65.66
N LYS D 190 27.58 3.41 65.67
CA LYS D 190 28.77 4.13 65.16
C LYS D 190 29.42 3.31 64.05
N VAL D 191 29.80 2.07 64.35
CA VAL D 191 30.62 1.22 63.43
C VAL D 191 29.72 0.50 62.40
N TYR D 192 29.91 0.82 61.11
CA TYR D 192 29.27 0.11 59.97
C TYR D 192 30.36 -0.45 59.08
N ALA D 193 30.47 -1.79 59.09
CA ALA D 193 31.48 -2.58 58.36
C ALA D 193 30.75 -3.52 57.41
N CYS D 194 31.23 -3.62 56.18
CA CYS D 194 30.85 -4.72 55.25
C CYS D 194 32.10 -5.59 55.05
N GLU D 195 31.93 -6.90 55.25
CA GLU D 195 33.01 -7.91 55.19
C GLU D 195 32.75 -8.82 53.97
N VAL D 196 33.60 -8.69 52.96
CA VAL D 196 33.51 -9.50 51.71
C VAL D 196 34.30 -10.79 51.93
N THR D 197 33.89 -11.84 51.25
CA THR D 197 34.62 -13.13 51.15
C THR D 197 34.62 -13.53 49.67
N HIS D 198 35.71 -13.24 48.98
CA HIS D 198 35.97 -13.71 47.59
C HIS D 198 37.15 -14.67 47.62
N GLN D 199 37.27 -15.54 46.62
CA GLN D 199 38.35 -16.55 46.56
C GLN D 199 39.59 -15.89 45.96
N GLY D 200 39.43 -14.72 45.33
CA GLY D 200 40.52 -13.84 44.89
C GLY D 200 41.23 -13.18 46.07
N LEU D 201 40.61 -13.20 47.26
CA LEU D 201 41.18 -12.68 48.55
C LEU D 201 41.82 -13.85 49.32
N SER D 202 42.99 -13.62 49.91
CA SER D 202 43.64 -14.58 50.86
C SER D 202 42.63 -14.95 51.94
N SER D 203 42.01 -13.94 52.57
CA SER D 203 41.10 -14.08 53.72
C SER D 203 39.99 -13.02 53.64
N PRO D 204 38.88 -13.16 54.41
CA PRO D 204 37.83 -12.15 54.46
C PRO D 204 38.36 -10.71 54.64
N VAL D 205 37.97 -9.80 53.76
CA VAL D 205 38.42 -8.37 53.73
C VAL D 205 37.23 -7.48 54.10
N THR D 206 37.43 -6.58 55.06
CA THR D 206 36.41 -5.62 55.51
C THR D 206 36.82 -4.23 55.04
N LYS D 207 35.85 -3.42 54.63
CA LYS D 207 35.94 -1.94 54.63
C LYS D 207 34.78 -1.42 55.46
N SER D 208 35.06 -0.43 56.29
CA SER D 208 34.17 0.01 57.40
C SER D 208 34.33 1.51 57.58
N PHE D 209 33.55 2.06 58.51
CA PHE D 209 33.67 3.46 58.96
C PHE D 209 32.93 3.62 60.30
N ASN D 210 33.08 4.79 60.90
CA ASN D 210 32.31 5.24 62.09
C ASN D 210 31.47 6.45 61.67
N ARG D 211 30.20 6.50 62.06
CA ARG D 211 29.28 7.62 61.76
C ARG D 211 29.83 8.92 62.39
N GLY D 212 29.73 10.05 61.69
CA GLY D 212 30.20 11.37 62.18
C GLY D 212 31.67 11.67 61.88
N GLU D 213 32.42 10.66 61.40
CA GLU D 213 33.80 10.82 60.86
C GLU D 213 33.77 10.44 59.37
N VAL E 3 17.03 14.76 -15.39
CA VAL E 3 15.54 14.59 -15.57
C VAL E 3 14.81 15.76 -14.91
N TRP E 4 15.51 16.61 -14.16
CA TRP E 4 14.99 17.92 -13.66
C TRP E 4 16.16 18.90 -13.50
N LYS E 5 15.85 20.19 -13.55
CA LYS E 5 16.83 21.28 -13.32
C LYS E 5 16.21 22.26 -12.36
N ASP E 6 17.05 22.94 -11.58
CA ASP E 6 16.60 24.07 -10.72
C ASP E 6 16.08 25.17 -11.64
N ALA E 7 14.84 25.61 -11.40
CA ALA E 7 14.21 26.69 -12.18
C ALA E 7 13.30 27.50 -11.26
N ASP E 8 12.87 28.67 -11.71
CA ASP E 8 11.95 29.58 -10.98
C ASP E 8 10.76 29.86 -11.88
N THR E 9 9.58 30.04 -11.31
CA THR E 9 8.31 30.22 -12.04
C THR E 9 7.25 30.74 -11.08
N THR E 10 6.32 31.53 -11.58
CA THR E 10 5.14 32.07 -10.86
C THR E 10 4.32 30.91 -10.27
N LEU E 11 4.34 30.75 -8.95
CA LEU E 11 3.48 29.75 -8.26
C LEU E 11 2.11 30.39 -8.04
N PHE E 12 1.09 29.57 -7.81
CA PHE E 12 -0.26 30.03 -7.44
C PHE E 12 -0.44 29.61 -5.98
N CYS E 13 -1.44 30.15 -5.27
CA CYS E 13 -1.63 29.79 -3.85
C CYS E 13 -2.96 29.07 -3.71
N ALA E 14 -3.07 28.29 -2.64
CA ALA E 14 -4.29 27.55 -2.23
C ALA E 14 -4.50 27.75 -0.72
N SER E 15 -5.75 27.73 -0.27
CA SER E 15 -6.13 27.90 1.15
C SER E 15 -7.51 27.31 1.41
N ASP E 16 -7.92 27.29 2.67
CA ASP E 16 -9.25 26.81 3.12
C ASP E 16 -10.17 28.01 3.35
N ALA E 17 -9.83 29.15 2.73
CA ALA E 17 -10.55 30.43 2.90
C ALA E 17 -12.05 30.22 2.71
N LYS E 18 -12.84 30.71 3.67
CA LYS E 18 -14.32 30.82 3.60
C LYS E 18 -14.68 32.17 2.96
N ALA E 19 -15.53 32.15 1.92
CA ALA E 19 -15.86 33.32 1.08
C ALA E 19 -16.92 34.21 1.74
N HIS E 20 -17.44 33.81 2.91
CA HIS E 20 -18.54 34.50 3.63
C HIS E 20 -17.98 35.28 4.82
N GLU E 21 -16.75 35.77 4.71
CA GLU E 21 -15.97 36.27 5.88
C GLU E 21 -15.41 37.66 5.56
N THR E 22 -15.48 38.57 6.53
CA THR E 22 -14.92 39.95 6.45
C THR E 22 -13.43 39.93 6.80
N GLU E 23 -12.99 38.95 7.59
CA GLU E 23 -11.57 38.70 7.93
C GLU E 23 -10.73 38.80 6.65
N VAL E 24 -9.82 39.77 6.64
CA VAL E 24 -9.11 40.25 5.41
C VAL E 24 -8.28 39.15 4.74
N HIS E 25 -7.71 38.21 5.52
CA HIS E 25 -6.87 37.10 4.98
C HIS E 25 -7.76 36.26 4.06
N ASN E 26 -8.99 35.96 4.50
CA ASN E 26 -10.00 35.19 3.73
C ASN E 26 -10.49 36.00 2.53
N VAL E 27 -10.74 37.30 2.72
CA VAL E 27 -11.17 38.25 1.65
C VAL E 27 -10.11 38.21 0.54
N TRP E 28 -8.83 38.22 0.91
CA TRP E 28 -7.71 38.25 -0.05
C TRP E 28 -7.49 36.85 -0.63
N ALA E 29 -7.78 35.80 0.15
CA ALA E 29 -7.47 34.40 -0.22
C ALA E 29 -8.59 33.80 -1.08
N THR E 30 -9.79 34.40 -1.15
CA THR E 30 -10.90 33.91 -2.01
C THR E 30 -10.62 34.31 -3.46
N HIS E 31 -9.98 35.46 -3.69
CA HIS E 31 -9.22 35.72 -4.94
C HIS E 31 -7.77 35.33 -4.66
N ALA E 32 -6.86 35.37 -5.64
CA ALA E 32 -5.44 34.97 -5.49
C ALA E 32 -5.25 33.46 -5.22
N CYS E 33 -6.03 32.85 -4.31
CA CYS E 33 -5.87 31.42 -3.94
C CYS E 33 -7.07 30.56 -4.36
N VAL E 34 -6.77 29.31 -4.73
CA VAL E 34 -7.72 28.24 -5.13
C VAL E 34 -7.94 27.34 -3.92
N PRO E 35 -9.05 26.59 -3.85
CA PRO E 35 -9.31 25.72 -2.71
C PRO E 35 -8.15 24.76 -2.47
N THR E 36 -8.02 24.28 -1.25
CA THR E 36 -6.91 23.41 -0.82
C THR E 36 -7.12 22.02 -1.46
N ASP E 37 -6.02 21.28 -1.67
CA ASP E 37 -6.02 19.86 -2.13
C ASP E 37 -6.47 18.95 -0.99
N PRO E 38 -7.50 18.10 -1.18
CA PRO E 38 -7.92 17.14 -0.14
C PRO E 38 -7.22 15.77 -0.22
N ASN E 39 -6.26 15.60 -1.12
CA ASN E 39 -5.51 14.33 -1.29
C ASN E 39 -4.13 14.66 -1.85
N PRO E 40 -3.30 15.40 -1.10
CA PRO E 40 -1.98 15.80 -1.59
C PRO E 40 -1.08 14.57 -1.72
N GLN E 41 -0.35 14.50 -2.83
CA GLN E 41 0.60 13.40 -3.14
C GLN E 41 2.00 13.82 -2.72
N GLU E 42 2.59 13.09 -1.76
CA GLU E 42 4.06 13.01 -1.61
C GLU E 42 4.48 11.77 -2.39
N ILE E 43 5.42 11.97 -3.31
CA ILE E 43 6.12 10.88 -4.03
C ILE E 43 7.57 10.90 -3.54
N HIS E 44 7.88 10.07 -2.55
CA HIS E 44 9.26 9.81 -2.06
C HIS E 44 10.18 9.57 -3.27
N LEU E 45 11.13 10.47 -3.49
CA LEU E 45 12.03 10.43 -4.67
C LEU E 45 13.09 9.36 -4.39
N GLU E 46 12.69 8.11 -4.58
CA GLU E 46 13.54 6.88 -4.61
C GLU E 46 14.74 7.10 -3.68
N ASN E 47 15.98 7.00 -4.18
CA ASN E 47 17.21 7.18 -3.39
C ASN E 47 18.09 8.22 -4.10
N VAL E 48 17.61 9.45 -4.19
CA VAL E 48 18.36 10.59 -4.79
C VAL E 48 18.90 11.43 -3.64
N THR E 49 19.60 12.50 -3.97
CA THR E 49 20.00 13.57 -3.04
C THR E 49 20.05 14.88 -3.81
N GLU E 50 19.63 15.98 -3.19
CA GLU E 50 19.56 17.33 -3.80
C GLU E 50 20.17 18.35 -2.83
N ASN E 51 21.04 19.23 -3.32
CA ASN E 51 21.55 20.37 -2.52
C ASN E 51 20.40 21.38 -2.47
N PHE E 52 20.13 22.00 -1.33
CA PHE E 52 19.14 23.10 -1.21
C PHE E 52 19.85 24.37 -0.76
N ASN E 53 19.14 25.49 -0.76
CA ASN E 53 19.63 26.77 -0.20
C ASN E 53 18.40 27.61 0.17
N MET E 54 18.08 27.70 1.47
CA MET E 54 16.92 28.45 1.99
C MET E 54 17.18 29.95 1.79
N TRP E 55 18.45 30.34 1.83
CA TRP E 55 18.89 31.77 1.77
C TRP E 55 18.79 32.29 0.33
N LYS E 56 19.01 31.43 -0.68
CA LYS E 56 18.82 31.74 -2.13
C LYS E 56 17.66 30.91 -2.70
N ASN E 57 16.41 31.31 -2.46
CA ASN E 57 15.20 30.56 -2.89
C ASN E 57 14.11 31.53 -3.33
N ASN E 58 13.66 31.41 -4.59
CA ASN E 58 12.72 32.38 -5.22
C ASN E 58 11.35 32.33 -4.56
N MET E 59 10.95 31.20 -3.99
CA MET E 59 9.61 31.01 -3.39
C MET E 59 9.46 32.02 -2.24
N VAL E 60 10.57 32.32 -1.55
CA VAL E 60 10.58 33.30 -0.43
C VAL E 60 10.19 34.65 -1.00
N GLU E 61 10.82 35.07 -2.08
CA GLU E 61 10.53 36.39 -2.71
C GLU E 61 9.04 36.41 -3.14
N GLN E 62 8.52 35.32 -3.68
CA GLN E 62 7.14 35.29 -4.25
C GLN E 62 6.13 35.34 -3.12
N MET E 63 6.41 34.66 -2.00
CA MET E 63 5.62 34.80 -0.75
C MET E 63 5.66 36.25 -0.26
N GLN E 64 6.82 36.87 -0.27
CA GLN E 64 7.00 38.27 0.19
C GLN E 64 6.06 39.15 -0.64
N GLU E 65 6.11 39.00 -1.98
CA GLU E 65 5.23 39.70 -2.96
C GLU E 65 3.79 39.54 -2.48
N ASP E 66 3.38 38.30 -2.24
CA ASP E 66 1.97 37.94 -1.94
C ASP E 66 1.59 38.57 -0.59
N VAL E 67 2.47 38.53 0.40
CA VAL E 67 2.14 39.00 1.78
C VAL E 67 2.06 40.53 1.79
N ILE E 68 3.00 41.21 1.12
CA ILE E 68 2.93 42.69 0.94
C ILE E 68 1.57 43.01 0.31
N SER E 69 1.24 42.39 -0.84
CA SER E 69 -0.05 42.57 -1.56
C SER E 69 -1.17 42.49 -0.53
N LEU E 70 -1.19 41.40 0.24
CA LEU E 70 -2.20 41.15 1.30
C LEU E 70 -2.34 42.41 2.15
N TRP E 71 -1.24 42.85 2.75
CA TRP E 71 -1.20 43.92 3.78
C TRP E 71 -1.64 45.25 3.19
N ASP E 72 -0.89 45.83 2.25
CA ASP E 72 -1.18 47.18 1.69
C ASP E 72 -2.31 47.05 0.66
N GLN E 73 -3.46 46.53 1.11
CA GLN E 73 -4.68 46.20 0.32
C GLN E 73 -5.83 45.99 1.30
N SER E 74 -5.58 45.18 2.33
CA SER E 74 -6.56 44.72 3.34
C SER E 74 -6.34 45.41 4.71
N LEU E 75 -5.19 46.06 4.93
CA LEU E 75 -4.87 46.80 6.18
C LEU E 75 -4.37 48.21 5.81
N GLN E 76 -5.28 49.11 5.46
CA GLN E 76 -4.95 50.46 4.98
C GLN E 76 -4.74 51.38 6.19
N PRO E 77 -3.66 52.18 6.21
CA PRO E 77 -3.43 53.16 7.27
C PRO E 77 -4.21 54.47 7.07
N CYS E 78 -4.39 55.24 8.15
CA CYS E 78 -5.00 56.59 8.15
C CYS E 78 -4.13 57.53 7.30
N VAL E 79 -2.80 57.43 7.43
CA VAL E 79 -1.82 58.11 6.53
C VAL E 79 -0.58 57.24 6.32
N LYS E 80 -0.14 57.17 5.06
CA LYS E 80 1.05 56.44 4.56
C LYS E 80 2.02 57.48 3.99
N LEU E 81 3.21 57.63 4.59
CA LEU E 81 4.26 58.55 4.08
C LEU E 81 5.40 57.74 3.44
N THR E 82 5.80 58.11 2.22
CA THR E 82 6.78 57.34 1.42
C THR E 82 7.62 58.31 0.58
N GLY E 83 8.26 57.78 -0.46
CA GLY E 83 9.11 58.58 -1.36
C GLY E 83 8.32 59.68 -2.03
N GLY E 84 8.26 60.85 -1.39
CA GLY E 84 7.54 62.01 -1.94
C GLY E 84 6.04 61.82 -1.84
N SER E 85 5.46 62.17 -0.70
CA SER E 85 3.99 62.00 -0.57
C SER E 85 3.64 61.57 0.84
N VAL E 86 2.43 61.97 1.28
CA VAL E 86 1.80 61.56 2.58
C VAL E 86 0.30 61.37 2.33
N ILE E 87 -0.07 60.29 1.64
CA ILE E 87 -1.48 60.00 1.23
C ILE E 87 -2.27 59.49 2.44
N LYS E 88 -3.60 59.63 2.38
CA LYS E 88 -4.54 59.34 3.51
C LYS E 88 -5.76 58.62 2.95
N GLN E 89 -6.26 57.61 3.66
CA GLN E 89 -7.50 56.84 3.32
C GLN E 89 -8.35 56.66 4.58
N ALA E 90 -9.39 55.82 4.51
CA ALA E 90 -10.09 55.28 5.70
C ALA E 90 -9.26 54.13 6.27
N CYS E 91 -9.08 54.12 7.59
CA CYS E 91 -8.37 53.07 8.37
C CYS E 91 -9.35 52.42 9.34
N PRO E 92 -10.48 51.84 8.86
CA PRO E 92 -11.53 51.36 9.76
C PRO E 92 -11.13 50.01 10.35
N LYS E 93 -11.56 49.77 11.59
CA LYS E 93 -11.23 48.54 12.38
C LYS E 93 -11.77 47.33 11.61
N ILE E 94 -10.98 46.26 11.52
CA ILE E 94 -11.32 45.07 10.71
C ILE E 94 -10.93 43.80 11.49
N SER E 95 -11.49 42.66 11.09
CA SER E 95 -11.10 41.31 11.55
C SER E 95 -9.72 40.99 10.97
N PHE E 96 -8.91 40.21 11.69
CA PHE E 96 -7.51 39.88 11.30
C PHE E 96 -7.08 38.63 12.08
N ASP E 97 -6.68 37.60 11.35
CA ASP E 97 -6.05 36.35 11.88
C ASP E 97 -5.43 35.61 10.69
N PRO E 98 -4.08 35.50 10.64
CA PRO E 98 -3.42 34.82 9.53
C PRO E 98 -3.95 33.38 9.36
N ILE E 99 -4.23 32.97 8.13
CA ILE E 99 -4.65 31.58 7.84
C ILE E 99 -3.56 30.92 7.02
N PRO E 100 -3.44 29.58 7.10
CA PRO E 100 -2.41 28.86 6.36
C PRO E 100 -2.57 29.07 4.85
N ILE E 101 -1.47 29.35 4.15
CA ILE E 101 -1.42 29.59 2.68
C ILE E 101 -0.47 28.57 2.08
N HIS E 102 -0.95 27.82 1.09
CA HIS E 102 -0.15 26.78 0.38
C HIS E 102 0.37 27.41 -0.90
N TYR E 103 1.68 27.37 -1.12
CA TYR E 103 2.32 27.79 -2.38
C TYR E 103 2.45 26.52 -3.22
N CYS E 104 2.19 26.64 -4.52
CA CYS E 104 1.81 25.48 -5.38
C CYS E 104 2.39 25.66 -6.78
N THR E 105 3.14 24.67 -7.27
CA THR E 105 3.85 24.73 -8.58
C THR E 105 2.81 24.60 -9.68
N PRO E 106 2.98 25.34 -10.81
CA PRO E 106 2.18 25.10 -11.99
C PRO E 106 2.62 23.79 -12.67
N ALA E 107 1.84 23.34 -13.63
CA ALA E 107 2.06 22.11 -14.42
C ALA E 107 3.45 22.16 -15.08
N GLY E 108 4.26 21.13 -14.85
CA GLY E 108 5.59 20.93 -15.46
C GLY E 108 6.73 21.23 -14.49
N TYR E 109 6.45 21.98 -13.44
CA TYR E 109 7.38 22.20 -12.31
C TYR E 109 6.85 21.49 -11.07
N VAL E 110 7.73 20.97 -10.23
CA VAL E 110 7.31 20.40 -8.92
C VAL E 110 8.17 21.01 -7.83
N ILE E 111 7.83 20.73 -6.59
CA ILE E 111 8.62 21.16 -5.41
C ILE E 111 9.34 19.93 -4.88
N LEU E 112 10.67 19.92 -4.92
CA LEU E 112 11.48 18.95 -4.14
C LEU E 112 11.40 19.37 -2.67
N LYS E 113 11.31 18.40 -1.76
CA LYS E 113 11.05 18.61 -0.32
C LYS E 113 12.08 17.81 0.49
N CYS E 114 12.57 18.38 1.60
CA CYS E 114 13.62 17.76 2.46
C CYS E 114 12.97 17.22 3.72
N ASN E 115 13.04 15.91 3.96
CA ASN E 115 12.47 15.25 5.15
C ASN E 115 13.61 14.82 6.07
N ASP E 116 14.69 15.59 6.08
CA ASP E 116 15.93 15.28 6.84
C ASP E 116 15.84 15.85 8.26
N LYS E 117 14.63 16.04 8.82
CA LYS E 117 14.35 16.27 10.28
C LYS E 117 15.34 17.27 10.89
N ASN E 118 16.64 16.91 11.01
CA ASN E 118 17.72 17.82 11.46
C ASN E 118 18.47 18.37 10.25
N PHE E 119 17.86 19.30 9.51
CA PHE E 119 18.40 19.90 8.26
C PHE E 119 18.43 21.42 8.42
N ASN E 120 19.57 22.04 8.14
CA ASN E 120 19.77 23.48 8.43
C ASN E 120 19.66 24.28 7.14
N GLY E 121 18.67 23.95 6.31
CA GLY E 121 18.27 24.71 5.10
C GLY E 121 19.35 24.80 4.02
N THR E 122 20.53 24.22 4.25
CA THR E 122 21.70 24.35 3.34
C THR E 122 22.45 23.02 3.31
N GLY E 123 22.89 22.61 2.12
CA GLY E 123 23.63 21.37 1.88
C GLY E 123 22.73 20.32 1.24
N PRO E 124 23.21 19.07 1.16
CA PRO E 124 22.44 17.96 0.59
C PRO E 124 21.29 17.49 1.50
N CYS E 125 20.50 16.53 1.03
CA CYS E 125 19.23 16.15 1.71
C CYS E 125 18.93 14.63 1.69
N LYS E 126 19.59 13.80 0.87
CA LYS E 126 19.36 12.33 0.79
C LYS E 126 17.86 11.99 0.82
N ASN E 127 17.16 12.13 1.96
CA ASN E 127 15.69 11.85 2.06
C ASN E 127 14.92 13.00 1.42
N VAL E 128 14.70 12.92 0.11
CA VAL E 128 13.99 13.97 -0.69
C VAL E 128 12.64 13.42 -1.12
N SER E 129 11.58 14.20 -0.93
CA SER E 129 10.21 13.97 -1.45
C SER E 129 9.93 14.94 -2.60
N SER E 130 8.82 14.76 -3.30
CA SER E 130 8.36 15.70 -4.34
C SER E 130 6.86 15.95 -4.14
N VAL E 131 6.47 17.22 -4.12
CA VAL E 131 5.09 17.68 -3.79
C VAL E 131 4.68 18.73 -4.82
N GLN E 132 3.40 19.10 -4.82
CA GLN E 132 2.82 20.07 -5.79
C GLN E 132 2.46 21.35 -5.05
N CYS E 133 2.04 21.23 -3.78
CA CYS E 133 1.76 22.36 -2.85
C CYS E 133 2.67 22.24 -1.62
N THR E 134 3.07 23.36 -1.02
CA THR E 134 3.82 23.40 0.27
C THR E 134 2.85 23.09 1.41
N HIS E 135 3.36 23.01 2.64
CA HIS E 135 2.51 22.88 3.84
C HIS E 135 1.79 24.22 4.09
N GLY E 136 0.66 24.18 4.81
CA GLY E 136 -0.13 25.38 5.11
C GLY E 136 0.70 26.39 5.89
N ILE E 137 1.20 27.43 5.24
CA ILE E 137 2.07 28.45 5.88
C ILE E 137 1.23 29.67 6.24
N LYS E 138 1.39 30.18 7.48
CA LYS E 138 0.67 31.34 8.06
C LYS E 138 1.54 32.57 7.89
N PRO E 139 1.10 33.60 7.14
CA PRO E 139 1.92 34.79 6.94
C PRO E 139 1.91 35.67 8.21
N VAL E 140 2.58 35.18 9.26
CA VAL E 140 2.73 35.86 10.58
C VAL E 140 3.92 36.80 10.48
N VAL E 141 3.65 38.08 10.26
CA VAL E 141 4.72 39.13 10.31
C VAL E 141 4.98 39.42 11.80
N SER E 142 6.25 39.30 12.22
CA SER E 142 6.70 39.46 13.61
C SER E 142 8.21 39.75 13.64
N THR E 143 8.76 39.98 14.85
CA THR E 143 10.20 40.29 15.05
C THR E 143 10.71 39.53 16.27
N GLN E 144 12.00 39.25 16.32
CA GLN E 144 12.65 38.59 17.48
C GLN E 144 12.12 37.16 17.58
N LEU E 145 10.82 36.99 17.70
CA LEU E 145 10.16 35.65 17.80
C LEU E 145 9.31 35.36 16.56
N LEU E 146 9.25 34.09 16.17
CA LEU E 146 8.39 33.56 15.07
C LEU E 146 7.15 32.93 15.71
N LEU E 147 5.97 33.47 15.47
CA LEU E 147 4.72 32.94 16.09
C LEU E 147 3.96 32.09 15.06
N ASN E 148 3.30 31.02 15.53
CA ASN E 148 2.36 30.19 14.73
C ASN E 148 3.09 29.68 13.49
N GLY E 149 4.05 28.77 13.66
CA GLY E 149 4.92 28.26 12.61
C GLY E 149 5.07 26.75 12.71
N SER E 150 6.04 26.20 11.99
CA SER E 150 6.37 24.74 11.98
C SER E 150 7.48 24.50 13.00
N LEU E 151 7.34 23.49 13.86
CA LEU E 151 8.39 23.12 14.85
C LEU E 151 9.35 22.16 14.15
N ALA E 152 10.60 22.07 14.60
CA ALA E 152 11.54 21.02 14.16
C ALA E 152 11.03 19.68 14.68
N GLU E 153 11.20 18.60 13.90
CA GLU E 153 10.62 17.27 14.22
C GLU E 153 11.42 16.59 15.33
N GLU E 154 12.70 16.93 15.47
CA GLU E 154 13.60 16.33 16.51
C GLU E 154 14.32 17.44 17.29
N GLU E 155 15.61 17.62 17.05
CA GLU E 155 16.48 18.55 17.83
C GLU E 155 16.16 19.98 17.43
N ILE E 156 16.51 20.94 18.28
CA ILE E 156 16.51 22.39 17.94
C ILE E 156 17.48 22.55 16.77
N ILE E 157 17.16 23.45 15.84
CA ILE E 157 18.00 23.68 14.65
C ILE E 157 18.44 25.15 14.70
N ILE E 158 19.75 25.35 14.65
CA ILE E 158 20.42 26.65 14.39
C ILE E 158 20.69 26.67 12.90
N ARG E 159 20.26 27.72 12.20
CA ARG E 159 20.55 27.85 10.77
C ARG E 159 20.89 29.31 10.47
N SER E 160 21.94 29.50 9.68
CA SER E 160 22.42 30.82 9.20
C SER E 160 23.12 30.63 7.86
N GLU E 161 22.95 31.59 6.97
CA GLU E 161 23.67 31.69 5.67
C GLU E 161 25.17 31.53 5.90
N ASN E 162 25.66 31.98 7.05
CA ASN E 162 27.09 31.88 7.45
C ASN E 162 27.19 32.11 8.96
N LEU E 163 27.22 31.03 9.75
CA LEU E 163 27.30 31.12 11.23
C LEU E 163 28.46 32.03 11.61
N THR E 164 29.59 31.88 10.92
CA THR E 164 30.88 32.57 11.21
C THR E 164 30.71 34.07 10.92
N ASN E 165 30.07 34.45 9.80
CA ASN E 165 29.76 35.88 9.50
C ASN E 165 28.65 36.33 10.45
N ASN E 166 29.01 37.18 11.42
CA ASN E 166 28.10 37.71 12.46
C ASN E 166 27.00 38.54 11.79
N ALA E 167 27.28 39.10 10.61
CA ALA E 167 26.33 39.97 9.86
C ALA E 167 25.12 39.13 9.43
N LYS E 168 25.32 37.86 9.10
CA LYS E 168 24.21 36.96 8.72
C LYS E 168 23.43 36.60 9.98
N THR E 169 22.12 36.85 9.97
CA THR E 169 21.16 36.55 11.06
C THR E 169 21.27 35.10 11.48
N ILE E 170 20.61 34.74 12.57
CA ILE E 170 20.47 33.32 13.02
C ILE E 170 18.98 33.02 13.21
N ILE E 171 18.51 31.92 12.62
CA ILE E 171 17.14 31.39 12.84
C ILE E 171 17.25 30.16 13.74
N VAL E 172 16.66 30.26 14.91
CA VAL E 172 16.58 29.16 15.91
C VAL E 172 15.18 28.57 15.79
N HIS E 173 15.11 27.34 15.30
CA HIS E 173 13.86 26.59 15.05
C HIS E 173 13.62 25.68 16.25
N LEU E 174 12.62 26.01 17.05
CA LEU E 174 12.33 25.31 18.34
C LEU E 174 11.67 23.97 18.03
N ASN E 175 11.85 22.99 18.90
CA ASN E 175 11.18 21.69 18.79
C ASN E 175 10.04 21.63 19.81
N LYS E 176 9.94 22.63 20.66
CA LYS E 176 8.87 22.71 21.67
C LYS E 176 8.21 24.07 21.53
N SER E 177 6.94 24.09 21.16
CA SER E 177 6.13 25.33 21.13
C SER E 177 5.83 25.72 22.58
N VAL E 178 5.91 27.01 22.87
CA VAL E 178 5.47 27.56 24.19
C VAL E 178 4.57 28.77 23.92
N GLU E 179 3.40 28.78 24.56
CA GLU E 179 2.32 29.78 24.34
C GLU E 179 2.87 31.15 24.75
N ILE E 180 2.28 32.22 24.23
CA ILE E 180 2.55 33.63 24.63
C ILE E 180 1.23 34.39 24.56
N ASN E 181 0.66 34.72 25.72
CA ASN E 181 -0.70 35.29 25.89
C ASN E 181 -0.56 36.82 25.98
N CYS E 182 -0.86 37.54 24.90
CA CYS E 182 -0.80 39.02 24.84
C CYS E 182 -2.20 39.57 24.99
N THR E 183 -2.40 40.52 25.91
CA THR E 183 -3.72 41.02 26.34
C THR E 183 -3.67 42.53 26.63
N ARG E 184 -4.67 43.23 26.11
CA ARG E 184 -5.03 44.63 26.44
C ARG E 184 -6.39 44.59 27.15
N PRO E 185 -6.48 44.67 28.49
CA PRO E 185 -7.76 44.56 29.19
C PRO E 185 -8.75 45.72 28.97
N SER E 186 -10.03 45.53 29.33
CA SER E 186 -11.09 46.55 29.18
C SER E 186 -10.94 47.65 30.23
N ASN E 187 -10.42 48.81 29.82
CA ASN E 187 -10.14 50.00 30.67
C ASN E 187 -9.37 49.58 31.92
N ASP E 195 -4.19 52.31 30.68
CA ASP E 195 -4.22 53.23 29.51
C ASP E 195 -4.66 52.44 28.25
N ILE E 196 -5.26 53.15 27.29
CA ILE E 196 -5.78 52.54 26.03
C ILE E 196 -4.61 51.89 25.31
N ARG E 197 -3.47 52.58 25.18
CA ARG E 197 -2.27 52.06 24.46
C ARG E 197 -1.36 51.32 25.45
N LYS E 198 -1.92 50.49 26.31
CA LYS E 198 -1.15 49.75 27.35
C LYS E 198 -1.64 48.32 27.38
N ALA E 199 -0.74 47.36 27.17
CA ALA E 199 -1.05 45.92 27.23
C ALA E 199 0.07 45.19 27.97
N TYR E 200 0.15 43.87 27.82
CA TYR E 200 1.22 43.03 28.38
C TYR E 200 1.05 41.61 27.83
N CYS E 201 2.12 40.81 27.93
CA CYS E 201 2.17 39.39 27.47
C CYS E 201 2.69 38.50 28.59
N GLU E 202 2.29 37.22 28.58
CA GLU E 202 2.61 36.23 29.63
C GLU E 202 3.16 34.96 28.96
N ILE E 203 4.26 34.44 29.48
CA ILE E 203 4.88 33.14 29.06
C ILE E 203 5.14 32.32 30.31
N ASN E 204 4.76 31.04 30.30
CA ASN E 204 5.12 30.09 31.39
C ASN E 204 6.65 30.06 31.50
N GLY E 205 7.21 30.77 32.47
CA GLY E 205 8.65 30.82 32.78
C GLY E 205 9.29 29.45 32.89
N THR E 206 8.60 28.46 33.48
CA THR E 206 9.18 27.13 33.74
C THR E 206 9.36 26.39 32.40
N LYS E 207 8.62 26.77 31.36
CA LYS E 207 8.72 26.18 29.99
C LYS E 207 9.76 26.96 29.17
N TRP E 208 9.70 28.29 29.21
CA TRP E 208 10.58 29.22 28.44
C TRP E 208 12.06 28.99 28.80
N ASN E 209 12.36 28.93 30.10
CA ASN E 209 13.75 28.77 30.63
C ASN E 209 14.29 27.41 30.22
N LYS E 210 13.47 26.36 30.30
CA LYS E 210 13.83 25.01 29.83
C LYS E 210 14.28 25.13 28.37
N VAL E 211 13.48 25.82 27.53
CA VAL E 211 13.71 26.02 26.07
C VAL E 211 15.04 26.76 25.87
N LEU E 212 15.28 27.85 26.61
CA LEU E 212 16.52 28.67 26.44
C LEU E 212 17.74 27.86 26.88
N LYS E 213 17.63 27.07 27.95
CA LYS E 213 18.72 26.12 28.35
C LYS E 213 19.08 25.25 27.14
N GLN E 214 18.09 24.61 26.50
CA GLN E 214 18.27 23.64 25.38
C GLN E 214 18.92 24.35 24.20
N VAL E 215 18.39 25.54 23.85
CA VAL E 215 18.83 26.38 22.69
C VAL E 215 20.31 26.70 22.89
N THR E 216 20.69 27.12 24.10
CA THR E 216 22.09 27.48 24.44
C THR E 216 22.98 26.24 24.39
N GLU E 217 22.47 25.06 24.73
CA GLU E 217 23.27 23.81 24.67
C GLU E 217 23.59 23.50 23.20
N LYS E 218 22.59 23.56 22.32
CA LYS E 218 22.77 23.43 20.85
C LYS E 218 23.70 24.55 20.36
N LEU E 219 23.42 25.79 20.74
CA LEU E 219 24.20 26.99 20.33
C LEU E 219 25.69 26.80 20.72
N LYS E 220 25.95 26.20 21.88
CA LYS E 220 27.32 25.79 22.33
C LYS E 220 27.91 24.81 21.30
N GLU E 221 27.16 23.77 20.91
CA GLU E 221 27.61 22.75 19.92
C GLU E 221 28.27 23.44 18.71
N HIS E 222 27.81 24.65 18.36
CA HIS E 222 28.24 25.38 17.13
C HIS E 222 29.34 26.38 17.43
N PHE E 223 29.65 26.64 18.70
CA PHE E 223 30.74 27.57 19.11
C PHE E 223 31.62 26.92 20.18
N ASN E 224 32.38 25.88 19.80
CA ASN E 224 33.52 25.33 20.57
C ASN E 224 33.29 25.39 22.09
N ASN E 225 32.10 24.96 22.54
CA ASN E 225 31.67 24.85 23.97
C ASN E 225 31.92 26.17 24.71
N LYS E 226 32.12 27.31 24.12
CA LYS E 226 32.37 28.58 24.87
C LYS E 226 31.05 29.10 25.43
N THR E 227 31.13 29.95 26.47
CA THR E 227 29.97 30.44 27.26
C THR E 227 29.01 31.18 26.34
N ILE E 228 27.71 30.99 26.54
CA ILE E 228 26.63 31.62 25.72
C ILE E 228 25.92 32.65 26.59
N ILE E 229 25.93 33.91 26.15
CA ILE E 229 25.31 35.03 26.91
C ILE E 229 24.28 35.69 26.00
N PHE E 230 23.06 35.92 26.51
CA PHE E 230 22.03 36.76 25.86
C PHE E 230 22.16 38.19 26.38
N GLN E 231 21.94 39.17 25.50
CA GLN E 231 21.96 40.61 25.82
C GLN E 231 20.82 41.28 25.05
N PRO E 232 19.85 41.93 25.72
CA PRO E 232 18.82 42.68 24.99
C PRO E 232 19.42 43.53 23.86
N PRO E 233 18.69 43.75 22.75
CA PRO E 233 19.28 44.37 21.54
C PRO E 233 20.00 45.70 21.78
N SER E 234 21.17 45.89 21.14
CA SER E 234 22.07 47.07 21.28
C SER E 234 21.28 48.37 21.14
N GLY E 235 20.39 48.46 20.14
CA GLY E 235 19.53 49.64 19.89
C GLY E 235 19.07 49.70 18.45
N GLY E 236 18.26 50.72 18.12
CA GLY E 236 17.81 51.03 16.75
C GLY E 236 16.35 51.44 16.72
N ASP E 237 15.57 50.81 15.83
CA ASP E 237 14.10 50.99 15.70
C ASP E 237 13.42 50.26 16.86
N LEU E 238 12.19 50.67 17.20
CA LEU E 238 11.34 49.98 18.22
C LEU E 238 10.91 48.62 17.67
N GLU E 239 10.64 48.52 16.36
CA GLU E 239 10.14 47.30 15.66
C GLU E 239 11.14 46.14 15.80
N ILE E 240 12.44 46.41 15.82
CA ILE E 240 13.48 45.34 15.89
C ILE E 240 14.05 45.19 17.31
N THR E 241 14.00 46.24 18.15
CA THR E 241 14.47 46.22 19.55
C THR E 241 13.33 45.79 20.48
N MET E 242 12.12 45.63 19.94
CA MET E 242 10.92 45.16 20.67
C MET E 242 10.23 44.10 19.81
N HIS E 243 9.85 42.98 20.40
CA HIS E 243 9.06 41.91 19.74
C HIS E 243 7.73 42.48 19.25
N SER E 244 7.72 43.03 18.03
CA SER E 244 6.51 43.63 17.42
C SER E 244 5.72 42.52 16.73
N PHE E 245 4.41 42.70 16.66
CA PHE E 245 3.49 41.84 15.86
C PHE E 245 2.13 42.51 15.74
N ASN E 246 1.19 41.83 15.10
CA ASN E 246 -0.18 42.36 14.86
C ASN E 246 -1.19 41.41 15.50
N CYS E 247 -1.97 41.95 16.45
CA CYS E 247 -2.98 41.21 17.25
C CYS E 247 -4.37 41.77 16.96
N ARG E 248 -5.16 41.02 16.21
CA ARG E 248 -6.58 41.35 15.88
C ARG E 248 -6.64 42.74 15.22
N GLY E 249 -5.54 43.14 14.57
CA GLY E 249 -5.44 44.41 13.82
C GLY E 249 -4.59 45.45 14.54
N GLU E 250 -4.26 45.23 15.82
CA GLU E 250 -3.52 46.20 16.68
C GLU E 250 -2.01 45.92 16.64
N PHE E 251 -1.21 46.97 16.46
CA PHE E 251 0.26 46.87 16.32
C PHE E 251 0.87 46.81 17.72
N PHE E 252 1.15 45.61 18.21
CA PHE E 252 1.80 45.31 19.52
C PHE E 252 3.32 45.49 19.39
N TYR E 253 3.93 45.98 20.47
CA TYR E 253 5.38 46.17 20.69
C TYR E 253 5.73 45.68 22.09
N CYS E 254 6.70 44.77 22.23
CA CYS E 254 6.98 44.07 23.50
C CYS E 254 8.44 44.26 23.90
N ASN E 255 8.68 44.63 25.17
CA ASN E 255 10.03 44.70 25.76
C ASN E 255 10.41 43.30 26.25
N THR E 256 11.43 42.68 25.66
CA THR E 256 11.66 41.22 25.76
C THR E 256 12.80 40.90 26.72
N THR E 257 13.26 41.86 27.52
CA THR E 257 14.40 41.66 28.46
C THR E 257 14.15 40.42 29.32
N GLN E 258 12.95 40.28 29.90
CA GLN E 258 12.60 39.21 30.88
C GLN E 258 12.83 37.84 30.25
N LEU E 259 12.62 37.68 28.94
CA LEU E 259 12.83 36.41 28.18
C LEU E 259 14.32 36.08 28.13
N PHE E 260 15.18 37.08 28.00
CA PHE E 260 16.65 36.92 27.88
C PHE E 260 17.30 37.35 29.19
N ASN E 261 16.81 36.76 30.30
CA ASN E 261 17.25 37.01 31.70
C ASN E 261 18.33 35.97 32.03
N ASN E 262 19.60 36.31 31.86
CA ASN E 262 20.74 35.35 31.89
C ASN E 262 20.81 34.67 33.27
N THR E 263 20.48 35.41 34.34
CA THR E 263 20.51 34.93 35.75
C THR E 263 19.66 33.66 35.85
N CYS E 264 18.34 33.75 35.66
CA CYS E 264 17.37 32.62 35.70
C CYS E 264 17.68 31.59 34.59
N ILE E 265 18.69 30.73 34.80
CA ILE E 265 19.18 29.71 33.81
C ILE E 265 19.66 28.44 34.54
N LYS E 271 18.41 26.42 38.31
CA LYS E 271 18.91 26.40 39.71
C LYS E 271 17.82 26.97 40.66
N GLY E 272 17.90 28.26 40.99
CA GLY E 272 16.95 28.96 41.88
C GLY E 272 16.21 30.06 41.13
N CYS E 273 15.08 29.72 40.51
CA CYS E 273 14.27 30.64 39.67
C CYS E 273 12.78 30.49 39.98
N ASN E 274 11.92 30.44 38.95
CA ASN E 274 10.44 30.52 39.13
C ASN E 274 9.70 30.14 37.82
N GLY E 275 8.46 30.64 37.67
CA GLY E 275 7.61 30.51 36.48
C GLY E 275 6.75 31.75 36.23
N THR E 276 5.90 31.72 35.20
CA THR E 276 5.02 32.83 34.72
C THR E 276 5.80 34.15 34.56
N ILE E 277 6.15 34.50 33.31
CA ILE E 277 6.82 35.78 32.92
C ILE E 277 5.73 36.81 32.59
N THR E 278 6.09 38.10 32.54
CA THR E 278 5.21 39.22 32.10
C THR E 278 6.04 40.29 31.39
N LEU E 279 5.82 40.47 30.08
CA LEU E 279 6.50 41.52 29.27
C LEU E 279 5.62 42.74 29.23
N PRO E 280 6.19 43.96 29.41
CA PRO E 280 5.39 45.18 29.51
C PRO E 280 4.56 45.40 28.23
N CYS E 281 5.16 45.68 27.08
CA CYS E 281 4.45 45.68 25.77
C CYS E 281 3.48 46.86 25.66
N LYS E 282 3.24 47.41 24.47
CA LYS E 282 2.40 48.62 24.26
C LYS E 282 1.95 48.73 22.81
N ILE E 283 0.64 48.83 22.55
CA ILE E 283 0.06 49.15 21.21
C ILE E 283 0.61 50.51 20.77
N LYS E 284 1.10 50.62 19.55
CA LYS E 284 1.56 51.91 18.97
C LYS E 284 0.39 52.52 18.19
N GLN E 285 0.66 53.13 17.02
CA GLN E 285 -0.28 53.98 16.24
C GLN E 285 0.46 54.55 15.02
N ILE E 286 1.71 54.96 15.19
CA ILE E 286 2.65 55.24 14.05
C ILE E 286 3.75 54.17 14.05
N ILE E 287 4.01 53.55 12.90
CA ILE E 287 5.05 52.49 12.77
C ILE E 287 5.83 52.66 11.45
N ASN E 288 7.08 52.16 11.45
CA ASN E 288 7.96 52.03 10.27
C ASN E 288 7.48 50.84 9.46
N MET E 289 7.14 51.08 8.19
CA MET E 289 6.54 50.06 7.32
C MET E 289 7.57 48.95 7.11
N TRP E 290 7.19 47.69 7.33
CA TRP E 290 7.97 46.48 6.98
C TRP E 290 7.89 46.21 5.47
N GLN E 291 6.79 46.64 4.82
CA GLN E 291 6.50 46.47 3.36
C GLN E 291 7.55 47.23 2.55
N GLY E 292 7.36 48.54 2.37
CA GLY E 292 8.36 49.47 1.82
C GLY E 292 9.14 50.18 2.93
N THR E 293 9.80 51.29 2.62
CA THR E 293 10.51 52.13 3.63
C THR E 293 9.73 53.44 3.76
N GLY E 294 9.17 53.70 4.94
CA GLY E 294 8.18 54.76 5.16
C GLY E 294 7.58 54.64 6.54
N GLN E 295 6.63 55.50 6.90
CA GLN E 295 5.97 55.51 8.24
C GLN E 295 4.47 55.72 8.07
N ALA E 296 3.69 55.07 8.92
CA ALA E 296 2.22 55.06 8.78
C ALA E 296 1.59 55.26 10.14
N MET E 297 0.43 55.93 10.16
CA MET E 297 -0.38 56.19 11.39
C MET E 297 -1.73 55.47 11.28
N TYR E 298 -2.07 54.70 12.32
CA TYR E 298 -3.33 53.90 12.41
C TYR E 298 -4.17 54.47 13.56
N ALA E 299 -5.46 54.10 13.61
CA ALA E 299 -6.47 54.63 14.57
C ALA E 299 -6.21 54.06 15.96
N PRO E 300 -6.78 54.64 17.04
CA PRO E 300 -6.65 54.07 18.37
C PRO E 300 -7.35 52.71 18.51
N PRO E 301 -6.98 51.90 19.52
CA PRO E 301 -7.61 50.59 19.71
C PRO E 301 -9.11 50.64 20.07
N ILE E 302 -9.72 49.45 20.21
CA ILE E 302 -11.12 49.24 20.65
C ILE E 302 -11.13 48.90 22.14
N ASP E 303 -12.25 49.10 22.85
CA ASP E 303 -12.33 48.93 24.32
C ASP E 303 -12.59 47.46 24.67
N GLY E 304 -12.59 46.56 23.68
CA GLY E 304 -12.69 45.10 23.90
C GLY E 304 -11.41 44.55 24.49
N LYS E 305 -11.50 43.44 25.24
CA LYS E 305 -10.35 42.67 25.74
C LYS E 305 -9.54 42.13 24.55
N ILE E 306 -8.57 42.91 24.04
CA ILE E 306 -7.79 42.56 22.81
C ILE E 306 -6.75 41.49 23.17
N ASN E 307 -7.02 40.24 22.78
CA ASN E 307 -6.22 39.06 23.19
C ASN E 307 -5.74 38.31 21.95
N CYS E 308 -4.46 37.92 21.96
CA CYS E 308 -3.81 36.95 21.03
C CYS E 308 -2.86 36.07 21.82
N VAL E 309 -3.20 34.79 21.95
CA VAL E 309 -2.28 33.73 22.44
C VAL E 309 -1.69 33.06 21.20
N SER E 310 -0.36 32.92 21.14
CA SER E 310 0.40 32.42 19.96
C SER E 310 1.44 31.41 20.42
N ASN E 311 1.70 30.39 19.63
CA ASN E 311 2.90 29.53 19.79
C ASN E 311 4.14 30.40 19.49
N ILE E 312 5.21 30.18 20.24
CA ILE E 312 6.59 30.59 19.86
C ILE E 312 7.19 29.38 19.16
N THR E 313 7.66 29.56 17.94
CA THR E 313 8.25 28.44 17.15
C THR E 313 9.74 28.68 16.91
N GLY E 314 10.17 29.94 16.88
CA GLY E 314 11.58 30.26 16.63
C GLY E 314 11.99 31.62 17.14
N ILE E 315 13.28 31.89 17.22
CA ILE E 315 13.79 33.21 17.65
C ILE E 315 14.82 33.66 16.60
N LEU E 316 14.70 34.92 16.21
CA LEU E 316 15.65 35.62 15.30
C LEU E 316 16.74 36.20 16.19
N LEU E 317 17.97 35.70 16.04
CA LEU E 317 19.14 36.15 16.83
C LEU E 317 20.20 36.78 15.91
N THR E 318 20.79 37.86 16.38
CA THR E 318 22.05 38.45 15.86
C THR E 318 23.17 38.06 16.83
N ARG E 319 24.29 37.60 16.30
CA ARG E 319 25.51 37.34 17.09
C ARG E 319 26.29 38.64 17.12
N ASP E 320 26.87 38.97 18.28
CA ASP E 320 27.66 40.20 18.54
C ASP E 320 28.83 40.30 17.55
N GLY E 321 29.53 39.18 17.32
CA GLY E 321 30.79 39.13 16.56
C GLY E 321 31.82 40.08 17.15
N GLY E 322 31.74 41.37 16.80
CA GLY E 322 32.45 42.51 17.42
C GLY E 322 33.52 42.10 18.42
N ALA E 323 33.13 41.73 19.65
CA ALA E 323 34.06 41.39 20.76
C ALA E 323 35.03 40.31 20.30
N ASN E 324 36.31 40.67 20.10
CA ASN E 324 37.35 39.86 19.40
C ASN E 324 37.45 38.46 20.03
N ASN E 325 36.59 37.54 19.56
CA ASN E 325 36.51 36.11 19.96
C ASN E 325 36.16 36.00 21.45
N THR E 326 37.08 36.43 22.33
CA THR E 326 36.96 36.45 23.82
C THR E 326 36.92 34.99 24.29
N SER E 327 36.05 34.65 25.25
CA SER E 327 35.74 33.25 25.64
C SER E 327 34.24 33.12 25.94
N ASN E 328 33.42 34.03 25.43
CA ASN E 328 31.93 33.92 25.48
C ASN E 328 31.30 34.78 24.36
N GLU E 329 30.37 34.19 23.60
CA GLU E 329 29.59 34.86 22.52
C GLU E 329 28.28 35.40 23.11
N THR E 330 27.93 36.62 22.75
CA THR E 330 26.66 37.28 23.17
C THR E 330 25.73 37.37 21.96
N PHE E 331 24.47 37.02 22.18
CA PHE E 331 23.39 36.96 21.17
C PHE E 331 22.29 37.94 21.54
N ARG E 332 22.05 38.93 20.70
CA ARG E 332 20.95 39.91 20.90
C ARG E 332 19.80 39.50 20.00
N PRO E 333 18.55 39.55 20.50
CA PRO E 333 17.37 39.36 19.67
C PRO E 333 17.44 40.14 18.35
N GLY E 334 17.34 39.41 17.23
CA GLY E 334 17.48 39.95 15.86
C GLY E 334 16.16 39.96 15.12
N GLY E 335 16.24 40.06 13.79
CA GLY E 335 15.08 40.11 12.87
C GLY E 335 14.93 41.46 12.20
N GLY E 336 13.83 41.65 11.46
CA GLY E 336 13.58 42.85 10.66
C GLY E 336 13.54 42.53 9.18
N ASN E 337 14.32 41.54 8.70
CA ASN E 337 14.12 40.92 7.36
C ASN E 337 12.93 39.97 7.49
N ILE E 338 11.77 40.37 6.99
CA ILE E 338 10.53 39.53 7.12
C ILE E 338 10.66 38.31 6.21
N LYS E 339 11.47 38.43 5.14
CA LYS E 339 11.86 37.29 4.28
C LYS E 339 12.49 36.18 5.14
N ASP E 340 13.03 36.49 6.32
CA ASP E 340 13.58 35.46 7.25
C ASP E 340 12.40 34.68 7.87
N ASN E 341 11.32 35.36 8.26
CA ASN E 341 10.06 34.67 8.68
C ASN E 341 9.71 33.65 7.60
N TRP E 342 9.64 34.08 6.35
CA TRP E 342 9.24 33.25 5.20
C TRP E 342 10.27 32.12 5.00
N ARG E 343 11.56 32.42 5.10
CA ARG E 343 12.63 31.38 5.02
C ARG E 343 12.46 30.33 6.13
N SER E 344 11.95 30.70 7.31
CA SER E 344 11.82 29.76 8.46
C SER E 344 10.83 28.64 8.13
N GLU E 345 9.96 28.82 7.15
CA GLU E 345 8.93 27.82 6.74
C GLU E 345 9.27 27.18 5.38
N LEU E 346 9.98 27.92 4.52
CA LEU E 346 10.25 27.52 3.12
C LEU E 346 11.65 26.91 2.97
N TYR E 347 12.22 26.36 4.02
CA TYR E 347 13.65 25.94 4.03
C TYR E 347 13.76 24.53 3.45
N LYS E 348 12.67 23.78 3.54
CA LYS E 348 12.60 22.36 3.14
C LYS E 348 12.12 22.25 1.68
N TYR E 349 11.69 23.35 1.06
CA TYR E 349 11.03 23.38 -0.26
C TYR E 349 11.91 24.08 -1.28
N LYS E 350 11.80 23.66 -2.53
CA LYS E 350 12.66 24.13 -3.62
C LYS E 350 11.97 23.79 -4.94
N VAL E 351 11.70 24.82 -5.76
CA VAL E 351 11.06 24.67 -7.10
C VAL E 351 12.07 24.01 -8.05
N VAL E 352 11.58 23.12 -8.89
CA VAL E 352 12.40 22.37 -9.88
C VAL E 352 11.54 22.16 -11.13
N GLN E 353 12.15 22.23 -12.30
CA GLN E 353 11.42 22.11 -13.59
C GLN E 353 11.63 20.71 -14.17
N ILE E 354 10.55 19.97 -14.39
CA ILE E 354 10.63 18.61 -15.01
C ILE E 354 10.73 18.80 -16.52
N GLU E 355 9.79 19.55 -17.11
CA GLU E 355 9.74 19.84 -18.58
C GLU E 355 10.90 20.77 -18.98
CA MPT F 1 15.82 51.31 5.60
C MPT F 1 16.40 52.69 5.28
O MPT F 1 17.29 52.72 4.39
CB MPT F 1 16.42 50.65 6.82
SG MPT F 1 18.07 51.24 7.29
N ASN F 2 15.94 53.83 5.63
CA ASN F 2 16.73 55.10 5.42
C ASN F 2 18.08 54.96 6.16
N LEU F 3 19.08 54.44 5.46
CA LEU F 3 20.43 54.10 6.02
C LEU F 3 21.02 55.36 6.65
N HIS F 4 20.97 56.50 5.93
CA HIS F 4 21.52 57.81 6.34
C HIS F 4 21.09 58.14 7.77
N PHE F 5 19.79 58.40 7.97
CA PHE F 5 19.18 58.79 9.28
C PHE F 5 19.54 57.75 10.33
N CYS F 6 19.64 56.47 9.94
CA CYS F 6 19.96 55.32 10.83
C CYS F 6 21.41 55.39 11.31
N GLN F 7 22.37 55.61 10.40
CA GLN F 7 23.82 55.73 10.74
C GLN F 7 23.97 56.83 11.79
N LEU F 8 23.41 58.00 11.51
CA LEU F 8 23.40 59.20 12.39
C LEU F 8 22.75 58.86 13.73
N ARG F 9 21.60 58.20 13.68
CA ARG F 9 20.72 57.89 14.84
C ARG F 9 21.42 56.91 15.79
N CYS F 10 22.15 55.93 15.24
CA CYS F 10 22.95 54.94 16.02
C CYS F 10 24.23 55.61 16.55
N LYS F 11 24.86 56.45 15.71
CA LYS F 11 26.09 57.25 16.03
C LYS F 11 25.82 58.07 17.30
N SER F 12 24.58 58.54 17.49
CA SER F 12 24.08 59.17 18.75
C SER F 12 24.42 58.29 19.96
N LEU F 13 24.25 56.96 19.86
CA LEU F 13 24.54 56.00 20.95
C LEU F 13 25.97 55.43 20.79
N GLY F 14 26.72 55.96 19.82
CA GLY F 14 28.14 55.64 19.57
C GLY F 14 28.34 54.27 18.95
N LEU F 15 27.30 53.75 18.27
CA LEU F 15 27.34 52.47 17.52
C LEU F 15 27.17 52.77 16.02
N LEU F 16 27.58 51.84 15.16
CA LEU F 16 27.42 51.93 13.68
C LEU F 16 25.96 51.59 13.32
N GLY F 17 25.55 51.90 12.09
CA GLY F 17 24.18 51.66 11.59
C GLY F 17 24.14 50.56 10.54
N ARG F 18 23.17 49.65 10.64
CA ARG F 18 22.86 48.63 9.60
C ARG F 18 21.34 48.54 9.41
N CYS F 19 20.88 48.43 8.17
CA CYS F 19 19.48 48.15 7.82
C CYS F 19 19.21 46.65 8.04
N ALA F 20 18.14 46.33 8.77
CA ALA F 20 17.56 44.96 8.84
C ALA F 20 16.27 44.97 8.02
N DPR F 21 16.37 44.89 6.68
CA DPR F 21 15.22 45.11 5.80
CB DPR F 21 15.63 44.50 4.45
CG DPR F 21 17.14 44.37 4.48
CD DPR F 21 17.59 44.56 5.92
C DPR F 21 14.89 46.61 5.65
O DPR F 21 15.76 47.37 5.30
N THR F 22 13.65 46.99 5.94
CA THR F 22 13.15 48.39 5.84
C THR F 22 13.23 49.04 7.22
N U2X F 23 13.83 48.71 8.29
C U2X F 23 15.59 49.36 9.84
O U2X F 23 16.42 48.55 9.40
CA U2X F 23 14.11 48.94 9.68
CB U2X F 23 13.78 47.72 10.51
CG U2X F 23 12.28 47.37 10.60
CD1 U2X F 23 11.28 48.36 10.66
CD2 U2X F 23 11.90 46.01 10.64
CE1 U2X F 23 9.92 47.99 10.74
CE2 U2X F 23 10.53 45.65 10.73
CZ U2X F 23 9.54 46.65 10.78
OH U2X F 23 8.12 46.33 10.86
C7 U2X F 23 7.76 45.42 11.92
C1 U2X F 23 4.53 44.14 13.48
C2 U2X F 23 5.97 44.17 13.01
C3 U2X F 23 6.28 45.04 11.81
C4 U2X F 23 5.46 46.30 11.69
C5 U2X F 23 4.00 46.07 11.96
C6 U2X F 23 3.79 45.43 13.31
N CYS F 24 15.97 49.99 10.90
CA CYS F 24 17.32 50.45 11.37
C CYS F 24 17.75 49.66 12.60
N ALA F 25 19.02 49.22 12.64
CA ALA F 25 19.65 48.50 13.76
C ALA F 25 21.05 49.05 14.00
N CYS F 26 21.54 48.95 15.24
CA CYS F 26 22.87 49.47 15.67
C CYS F 26 23.80 48.30 16.00
N VAL F 27 25.07 48.41 15.61
CA VAL F 27 26.16 47.46 15.98
C VAL F 27 27.48 48.23 16.00
N NH2 F 28 28.70 47.97 15.75
N GLN G 1 -1.97 -4.46 -22.05
CA GLN G 1 -1.00 -3.64 -21.25
C GLN G 1 -1.71 -3.10 -19.99
N VAL G 2 -1.53 -1.82 -19.63
CA VAL G 2 -2.26 -1.17 -18.48
C VAL G 2 -3.75 -1.15 -18.85
N GLN G 3 -4.64 -1.57 -17.95
CA GLN G 3 -6.09 -1.66 -18.26
C GLN G 3 -6.94 -1.66 -17.00
N LEU G 4 -8.16 -1.15 -17.14
CA LEU G 4 -9.18 -1.03 -16.05
C LEU G 4 -10.48 -1.64 -16.54
N VAL G 5 -10.85 -2.81 -16.03
CA VAL G 5 -12.03 -3.58 -16.49
C VAL G 5 -13.12 -3.55 -15.42
N GLN G 6 -14.29 -3.04 -15.79
CA GLN G 6 -15.38 -2.74 -14.85
C GLN G 6 -16.32 -3.94 -14.78
N SER G 7 -17.45 -3.81 -14.11
CA SER G 7 -18.48 -4.88 -14.00
C SER G 7 -19.38 -4.82 -15.23
N GLY G 8 -20.46 -5.62 -15.24
CA GLY G 8 -21.43 -5.68 -16.33
C GLY G 8 -22.65 -4.80 -16.08
N ALA G 9 -23.43 -4.56 -17.13
CA ALA G 9 -24.71 -3.83 -17.09
C ALA G 9 -25.61 -4.47 -16.04
N GLU G 10 -26.14 -3.63 -15.14
CA GLU G 10 -26.99 -4.05 -14.00
C GLU G 10 -28.28 -3.24 -14.03
N VAL G 11 -29.25 -3.64 -13.20
CA VAL G 11 -30.53 -2.91 -12.99
C VAL G 11 -31.02 -3.24 -11.59
N GLN G 12 -31.56 -2.26 -10.86
CA GLN G 12 -32.13 -2.46 -9.50
C GLN G 12 -33.37 -1.59 -9.32
N LYS G 13 -34.23 -1.91 -8.34
CA LYS G 13 -35.45 -1.12 -8.00
C LYS G 13 -35.01 0.17 -7.34
N PRO G 14 -35.79 1.27 -7.41
CA PRO G 14 -35.51 2.46 -6.60
C PRO G 14 -35.29 2.13 -5.12
N GLY G 15 -34.28 2.75 -4.53
CA GLY G 15 -33.85 2.53 -3.14
C GLY G 15 -33.43 1.10 -2.94
N ALA G 16 -32.49 0.62 -3.75
CA ALA G 16 -32.00 -0.79 -3.68
C ALA G 16 -30.47 -0.86 -3.58
N SER G 17 -29.76 0.12 -4.13
CA SER G 17 -28.27 0.20 -4.05
C SER G 17 -27.63 -0.74 -5.07
N VAL G 18 -26.45 -0.37 -5.56
CA VAL G 18 -25.65 -1.14 -6.57
C VAL G 18 -24.17 -0.97 -6.24
N LYS G 19 -23.40 -2.06 -6.37
CA LYS G 19 -21.93 -2.09 -6.23
C LYS G 19 -21.32 -2.43 -7.58
N VAL G 20 -20.57 -1.49 -8.17
CA VAL G 20 -19.78 -1.70 -9.42
C VAL G 20 -18.34 -2.01 -9.02
N SER G 21 -17.63 -2.80 -9.82
CA SER G 21 -16.22 -3.18 -9.56
C SER G 21 -15.37 -2.64 -10.71
N CYS G 22 -14.07 -2.50 -10.49
CA CYS G 22 -13.09 -1.97 -11.49
C CYS G 22 -11.73 -2.63 -11.21
N LYS G 23 -11.37 -3.63 -12.02
CA LYS G 23 -10.12 -4.42 -11.83
C LYS G 23 -9.02 -3.69 -12.57
N ALA G 24 -8.09 -3.09 -11.81
CA ALA G 24 -6.89 -2.41 -12.31
C ALA G 24 -5.81 -3.46 -12.60
N SER G 25 -4.94 -3.19 -13.58
CA SER G 25 -3.91 -4.15 -14.06
C SER G 25 -2.82 -3.39 -14.83
N GLY G 26 -1.58 -3.84 -14.69
CA GLY G 26 -0.40 -3.27 -15.36
C GLY G 26 0.36 -2.26 -14.52
N TYR G 27 -0.04 -2.04 -13.26
CA TYR G 27 0.59 -1.01 -12.38
C TYR G 27 0.37 -1.36 -10.91
N THR G 28 1.23 -0.82 -10.04
CA THR G 28 1.14 -0.96 -8.56
C THR G 28 -0.12 -0.24 -8.09
N PHE G 29 -1.18 -1.00 -7.84
CA PHE G 29 -2.55 -0.50 -7.62
C PHE G 29 -2.60 0.59 -6.55
N ALA G 30 -1.82 0.42 -5.49
CA ALA G 30 -1.93 1.15 -4.20
C ALA G 30 -1.43 2.58 -4.34
N SER G 31 -0.60 2.86 -5.34
CA SER G 31 0.14 4.14 -5.48
C SER G 31 -0.64 5.16 -6.32
N TYR G 32 -1.82 4.84 -6.85
CA TYR G 32 -2.59 5.70 -7.77
C TYR G 32 -4.08 5.66 -7.44
N ASP G 33 -4.66 6.83 -7.16
CA ASP G 33 -6.12 7.00 -6.90
C ASP G 33 -6.95 6.50 -8.06
N ILE G 34 -8.20 6.19 -7.76
CA ILE G 34 -9.22 5.71 -8.73
C ILE G 34 -10.34 6.74 -8.68
N ASN G 35 -10.66 7.33 -9.82
CA ASN G 35 -11.77 8.31 -9.92
C ASN G 35 -12.95 7.65 -10.63
N TRP G 36 -14.14 8.18 -10.41
CA TRP G 36 -15.41 7.73 -11.00
C TRP G 36 -16.12 8.91 -11.64
N VAL G 37 -16.55 8.73 -12.88
CA VAL G 37 -17.28 9.71 -13.71
C VAL G 37 -18.56 9.05 -14.20
N ARG G 38 -19.63 9.82 -14.36
CA ARG G 38 -20.93 9.25 -14.84
C ARG G 38 -21.44 10.06 -16.03
N GLN G 39 -22.00 9.36 -17.03
CA GLN G 39 -22.56 9.93 -18.28
C GLN G 39 -23.98 9.41 -18.47
N ALA G 40 -24.96 10.27 -18.28
CA ALA G 40 -26.39 9.90 -18.38
C ALA G 40 -26.78 9.83 -19.86
N THR G 41 -28.09 9.79 -20.12
CA THR G 41 -28.75 9.85 -21.45
C THR G 41 -28.09 10.93 -22.33
N GLY G 42 -26.99 10.57 -23.02
CA GLY G 42 -26.20 11.49 -23.87
C GLY G 42 -25.87 12.81 -23.18
N GLN G 43 -25.34 12.74 -21.96
CA GLN G 43 -25.01 13.95 -21.16
C GLN G 43 -23.49 14.16 -21.15
N GLY G 44 -23.05 15.26 -20.54
CA GLY G 44 -21.62 15.51 -20.30
C GLY G 44 -21.06 14.63 -19.18
N LEU G 45 -19.77 14.31 -19.27
CA LEU G 45 -18.97 13.69 -18.20
C LEU G 45 -19.12 14.54 -16.95
N GLU G 46 -19.51 13.92 -15.85
CA GLU G 46 -19.70 14.54 -14.53
C GLU G 46 -18.89 13.73 -13.54
N TRP G 47 -17.81 14.30 -13.00
CA TRP G 47 -16.91 13.64 -12.02
C TRP G 47 -17.62 13.56 -10.65
N MET G 48 -17.56 12.39 -10.00
CA MET G 48 -18.37 12.08 -8.78
C MET G 48 -17.45 12.09 -7.54
N GLY G 49 -16.32 11.39 -7.64
CA GLY G 49 -15.38 11.26 -6.51
C GLY G 49 -14.06 10.60 -6.86
N TRP G 50 -13.15 10.62 -5.89
CA TRP G 50 -11.82 9.96 -5.94
C TRP G 50 -11.75 9.04 -4.73
N MET G 51 -10.98 7.98 -4.82
CA MET G 51 -10.58 7.18 -3.64
C MET G 51 -9.09 6.86 -3.73
N ASN G 52 -8.37 7.19 -2.65
CA ASN G 52 -6.96 6.80 -2.45
C ASN G 52 -6.95 5.32 -2.11
N PRO G 53 -6.34 4.46 -2.95
CA PRO G 53 -6.36 3.02 -2.71
C PRO G 53 -5.46 2.58 -1.55
N LYS G 54 -4.57 3.46 -1.09
CA LYS G 54 -3.61 3.17 0.02
C LYS G 54 -4.20 3.58 1.37
N THR G 55 -4.56 4.85 1.54
CA THR G 55 -5.07 5.44 2.80
C THR G 55 -6.55 5.03 2.99
N GLY G 56 -7.23 4.65 1.90
CA GLY G 56 -8.68 4.40 1.93
C GLY G 56 -9.47 5.69 2.07
N ASN G 57 -8.86 6.82 1.77
CA ASN G 57 -9.55 8.14 1.86
C ASN G 57 -10.42 8.29 0.60
N THR G 58 -11.42 9.17 0.68
CA THR G 58 -12.45 9.36 -0.35
C THR G 58 -12.81 10.84 -0.42
N GLY G 59 -13.15 11.31 -1.61
CA GLY G 59 -13.74 12.63 -1.84
C GLY G 59 -14.85 12.52 -2.86
N TYR G 60 -15.85 13.38 -2.75
CA TYR G 60 -17.09 13.38 -3.56
C TYR G 60 -17.41 14.81 -3.93
N ALA G 61 -18.20 15.01 -4.99
CA ALA G 61 -18.79 16.32 -5.33
C ALA G 61 -20.12 16.46 -4.57
N GLN G 62 -20.55 17.71 -4.37
CA GLN G 62 -21.80 18.13 -3.68
C GLN G 62 -22.97 17.21 -4.09
N LYS G 63 -23.16 17.03 -5.40
CA LYS G 63 -24.30 16.29 -5.99
C LYS G 63 -24.22 14.80 -5.62
N PHE G 64 -23.07 14.33 -5.11
CA PHE G 64 -22.86 12.89 -4.78
C PHE G 64 -22.46 12.67 -3.33
N GLN G 65 -22.18 13.71 -2.54
CA GLN G 65 -21.94 13.55 -1.08
C GLN G 65 -23.22 12.96 -0.46
N GLY G 66 -23.14 11.74 0.10
CA GLY G 66 -24.22 11.12 0.90
C GLY G 66 -24.98 10.02 0.18
N ARG G 67 -24.74 9.84 -1.12
CA ARG G 67 -25.35 8.73 -1.88
C ARG G 67 -24.28 7.84 -2.54
N VAL G 68 -23.00 8.22 -2.58
CA VAL G 68 -21.93 7.39 -3.21
C VAL G 68 -20.91 7.00 -2.16
N THR G 69 -20.38 5.79 -2.25
CA THR G 69 -19.35 5.27 -1.33
C THR G 69 -18.44 4.32 -2.11
N LEU G 70 -17.20 4.71 -2.33
CA LEU G 70 -16.25 3.85 -3.09
C LEU G 70 -15.17 3.37 -2.14
N THR G 71 -15.00 2.04 -2.11
CA THR G 71 -14.06 1.28 -1.26
C THR G 71 -13.00 0.66 -2.17
N ARG G 72 -12.24 -0.33 -1.69
CA ARG G 72 -11.22 -1.04 -2.48
C ARG G 72 -10.81 -2.33 -1.75
N ASN G 73 -10.08 -3.20 -2.44
CA ASN G 73 -9.51 -4.45 -1.88
C ASN G 73 -8.13 -4.61 -2.52
N THR G 74 -7.10 -4.08 -1.87
CA THR G 74 -5.72 -3.93 -2.42
C THR G 74 -5.05 -5.30 -2.61
N SER G 75 -5.67 -6.38 -2.13
CA SER G 75 -5.16 -7.76 -2.27
C SER G 75 -5.37 -8.28 -3.69
N ILE G 76 -6.40 -7.79 -4.40
CA ILE G 76 -6.82 -8.26 -5.76
C ILE G 76 -6.93 -7.08 -6.73
N SER G 77 -6.25 -5.97 -6.47
CA SER G 77 -6.17 -4.80 -7.39
C SER G 77 -7.56 -4.35 -7.84
N THR G 78 -8.54 -4.27 -6.95
CA THR G 78 -9.96 -3.97 -7.33
C THR G 78 -10.51 -2.78 -6.54
N ALA G 79 -11.02 -1.77 -7.24
CA ALA G 79 -11.74 -0.61 -6.70
C ALA G 79 -13.23 -0.82 -6.89
N TYR G 80 -14.04 -0.52 -5.87
CA TYR G 80 -15.51 -0.61 -5.92
C TYR G 80 -16.12 0.78 -5.93
N MET G 81 -17.31 0.90 -6.52
CA MET G 81 -18.21 2.05 -6.29
C MET G 81 -19.61 1.54 -5.93
N GLU G 82 -20.10 1.90 -4.76
CA GLU G 82 -21.43 1.50 -4.28
C GLU G 82 -22.23 2.78 -4.08
N LEU G 83 -23.42 2.86 -4.68
CA LEU G 83 -24.34 3.99 -4.42
C LEU G 83 -25.70 3.44 -3.97
N THR G 84 -26.33 4.14 -3.05
CA THR G 84 -27.51 3.67 -2.29
C THR G 84 -28.61 4.72 -2.42
N SER G 85 -29.83 4.37 -2.02
CA SER G 85 -31.07 5.20 -2.15
C SER G 85 -31.27 5.51 -3.63
N LEU G 86 -31.23 4.51 -4.50
CA LEU G 86 -31.17 4.69 -5.97
C LEU G 86 -32.38 5.51 -6.47
N ARG G 87 -32.15 6.30 -7.51
CA ARG G 87 -33.17 7.13 -8.20
C ARG G 87 -33.13 6.76 -9.69
N SER G 88 -34.12 7.20 -10.47
CA SER G 88 -34.10 7.03 -11.94
C SER G 88 -32.99 7.90 -12.56
N GLU G 89 -32.74 9.10 -12.03
CA GLU G 89 -31.67 10.03 -12.51
C GLU G 89 -30.32 9.29 -12.57
N ASP G 90 -30.15 8.26 -11.74
CA ASP G 90 -28.88 7.49 -11.63
C ASP G 90 -28.76 6.57 -12.84
N THR G 91 -29.84 6.33 -13.57
CA THR G 91 -29.80 5.54 -14.83
C THR G 91 -28.79 6.24 -15.73
N ALA G 92 -27.60 5.67 -15.86
CA ALA G 92 -26.44 6.26 -16.57
C ALA G 92 -25.30 5.26 -16.73
N VAL G 93 -24.22 5.71 -17.38
CA VAL G 93 -22.96 4.94 -17.57
C VAL G 93 -21.94 5.47 -16.55
N TYR G 94 -21.36 4.57 -15.75
CA TYR G 94 -20.37 4.89 -14.70
C TYR G 94 -19.01 4.31 -15.11
N TYR G 95 -18.05 5.20 -15.42
CA TYR G 95 -16.63 4.86 -15.70
C TYR G 95 -15.84 4.94 -14.39
N CYS G 96 -14.86 4.05 -14.21
CA CYS G 96 -13.71 4.26 -13.33
C CYS G 96 -12.54 4.69 -14.23
N ALA G 97 -11.68 5.59 -13.76
CA ALA G 97 -10.42 5.98 -14.43
C ALA G 97 -9.31 6.12 -13.40
N THR G 98 -8.07 6.21 -13.87
CA THR G 98 -6.87 6.47 -13.03
C THR G 98 -5.96 7.45 -13.76
N TYR G 99 -4.85 7.80 -13.12
CA TYR G 99 -3.89 8.82 -13.61
C TYR G 99 -2.94 8.17 -14.62
N ARG G 100 -2.07 8.99 -15.20
CA ARG G 100 -0.86 8.52 -15.92
C ARG G 100 0.06 7.82 -14.92
N ILE G 101 0.67 6.71 -15.32
CA ILE G 101 1.61 5.95 -14.45
C ILE G 101 3.00 6.56 -14.63
N ILE G 102 3.44 7.28 -13.60
CA ILE G 102 4.79 7.92 -13.45
C ILE G 102 5.00 8.24 -11.97
N ALA G 103 6.25 8.09 -11.51
CA ALA G 103 6.65 8.36 -10.10
C ALA G 103 7.01 9.84 -9.97
N ALA G 104 6.18 10.72 -10.51
CA ALA G 104 6.23 12.19 -10.36
C ALA G 104 4.82 12.66 -10.03
N VAL G 105 4.63 13.96 -9.81
CA VAL G 105 3.35 14.53 -9.33
C VAL G 105 2.84 15.52 -10.38
N GLY G 106 1.55 15.86 -10.27
CA GLY G 106 0.84 16.82 -11.15
C GLY G 106 0.56 16.26 -12.54
N TYR G 107 0.57 14.93 -12.67
CA TYR G 107 0.12 14.20 -13.87
C TYR G 107 -1.21 13.51 -13.55
N ARG G 108 -2.09 14.15 -12.77
CA ARG G 108 -3.32 13.51 -12.22
C ARG G 108 -4.52 13.70 -13.17
N TYR G 109 -4.26 13.58 -14.48
CA TYR G 109 -5.31 13.54 -15.53
C TYR G 109 -5.69 12.08 -15.79
N PHE G 110 -6.93 11.87 -16.23
CA PHE G 110 -7.52 10.55 -16.51
C PHE G 110 -6.93 10.07 -17.84
N GLN G 111 -5.79 9.41 -17.77
CA GLN G 111 -5.17 8.79 -18.97
C GLN G 111 -5.90 7.47 -19.22
N TYR G 112 -6.05 6.64 -18.19
CA TYR G 112 -6.63 5.28 -18.32
C TYR G 112 -8.08 5.31 -17.79
N TRP G 113 -9.04 5.00 -18.67
CA TRP G 113 -10.48 4.87 -18.35
C TRP G 113 -10.93 3.42 -18.31
N GLY G 114 -12.02 3.17 -17.60
CA GLY G 114 -12.72 1.89 -17.64
C GLY G 114 -13.34 1.73 -19.00
N GLN G 115 -14.22 0.76 -19.14
CA GLN G 115 -14.98 0.52 -20.39
C GLN G 115 -16.36 1.13 -20.23
N GLY G 116 -16.74 1.50 -19.00
CA GLY G 116 -18.09 1.99 -18.65
C GLY G 116 -18.93 0.87 -18.08
N THR G 117 -19.92 1.21 -17.24
CA THR G 117 -20.90 0.28 -16.64
C THR G 117 -22.28 0.92 -16.69
N LEU G 118 -23.18 0.32 -17.45
CA LEU G 118 -24.55 0.84 -17.63
C LEU G 118 -25.35 0.45 -16.39
N VAL G 119 -25.78 1.43 -15.60
CA VAL G 119 -26.66 1.17 -14.43
C VAL G 119 -28.07 1.66 -14.76
N THR G 120 -29.02 0.73 -14.85
CA THR G 120 -30.44 1.01 -15.17
C THR G 120 -31.26 0.89 -13.88
N VAL G 121 -32.01 1.91 -13.50
CA VAL G 121 -32.76 1.95 -12.19
C VAL G 121 -34.27 1.94 -12.43
N SER G 122 -34.81 0.81 -12.91
CA SER G 122 -36.27 0.60 -13.10
C SER G 122 -36.72 -0.69 -12.42
N SER G 123 -37.98 -0.72 -11.98
CA SER G 123 -38.64 -1.87 -11.30
C SER G 123 -38.77 -3.06 -12.26
N ALA G 124 -39.10 -2.78 -13.52
CA ALA G 124 -39.47 -3.77 -14.57
C ALA G 124 -38.36 -4.83 -14.66
N SER G 125 -38.76 -6.10 -14.62
CA SER G 125 -37.85 -7.27 -14.58
C SER G 125 -37.06 -7.33 -15.89
N THR G 126 -35.81 -7.81 -15.80
CA THR G 126 -34.94 -8.19 -16.95
C THR G 126 -35.76 -9.07 -17.89
N LYS G 127 -35.83 -8.70 -19.17
CA LYS G 127 -36.55 -9.46 -20.22
C LYS G 127 -35.53 -9.96 -21.26
N GLY G 128 -35.97 -10.86 -22.14
CA GLY G 128 -35.16 -11.35 -23.27
C GLY G 128 -35.58 -10.64 -24.54
N PRO G 129 -34.62 -10.17 -25.36
CA PRO G 129 -34.96 -9.50 -26.61
C PRO G 129 -35.56 -10.50 -27.61
N SER G 130 -36.60 -10.12 -28.34
CA SER G 130 -37.12 -10.93 -29.47
C SER G 130 -36.27 -10.63 -30.70
N VAL G 131 -35.85 -11.67 -31.42
CA VAL G 131 -34.92 -11.56 -32.59
C VAL G 131 -35.64 -12.11 -33.83
N PHE G 132 -35.74 -11.32 -34.90
CA PHE G 132 -36.51 -11.61 -36.12
C PHE G 132 -35.54 -11.53 -37.30
N PRO G 133 -36.02 -11.60 -38.56
CA PRO G 133 -35.16 -11.37 -39.72
C PRO G 133 -35.42 -10.06 -40.48
N LEU G 134 -34.43 -9.62 -41.27
CA LEU G 134 -34.52 -8.45 -42.18
C LEU G 134 -34.22 -8.91 -43.62
N ALA G 135 -35.27 -9.16 -44.39
CA ALA G 135 -35.27 -9.86 -45.70
C ALA G 135 -34.60 -9.00 -46.79
N PRO G 136 -33.45 -9.44 -47.36
CA PRO G 136 -32.91 -8.83 -48.56
C PRO G 136 -33.76 -9.11 -49.81
N SER G 137 -33.69 -8.22 -50.79
CA SER G 137 -34.27 -8.31 -52.16
C SER G 137 -33.72 -7.16 -53.01
N SER G 138 -34.45 -6.03 -53.11
CA SER G 138 -34.05 -4.79 -53.82
C SER G 138 -33.79 -5.07 -55.29
N GLY G 144 -30.43 -1.29 -54.18
CA GLY G 144 -29.02 -1.28 -54.64
C GLY G 144 -28.40 -2.65 -54.58
N THR G 145 -27.78 -2.99 -53.44
CA THR G 145 -27.03 -4.25 -53.17
C THR G 145 -27.54 -4.87 -51.86
N ALA G 146 -26.61 -5.35 -51.02
CA ALA G 146 -26.87 -6.00 -49.71
C ALA G 146 -27.71 -5.10 -48.81
N ALA G 147 -29.00 -5.42 -48.68
CA ALA G 147 -29.92 -4.90 -47.66
C ALA G 147 -30.27 -6.03 -46.70
N LEU G 148 -29.44 -6.24 -45.67
CA LEU G 148 -29.61 -7.33 -44.68
C LEU G 148 -29.35 -6.78 -43.27
N GLY G 149 -30.11 -7.28 -42.28
CA GLY G 149 -30.00 -6.86 -40.88
C GLY G 149 -30.60 -7.86 -39.90
N CYS G 150 -30.47 -7.57 -38.61
CA CYS G 150 -31.02 -8.35 -37.48
C CYS G 150 -31.91 -7.45 -36.65
N LEU G 151 -33.16 -7.85 -36.41
CA LEU G 151 -34.10 -7.08 -35.54
C LEU G 151 -34.10 -7.68 -34.14
N VAL G 152 -34.00 -6.82 -33.12
CA VAL G 152 -33.89 -7.17 -31.67
C VAL G 152 -34.95 -6.34 -30.93
N LYS G 153 -36.00 -6.97 -30.40
CA LYS G 153 -37.25 -6.26 -29.97
C LYS G 153 -37.69 -6.70 -28.57
N ASP G 154 -38.17 -5.73 -27.77
CA ASP G 154 -39.01 -5.92 -26.55
C ASP G 154 -38.16 -6.57 -25.43
N TYR G 155 -37.00 -5.99 -25.09
CA TYR G 155 -36.13 -6.47 -23.98
C TYR G 155 -36.08 -5.38 -22.92
N PHE G 156 -35.38 -5.62 -21.80
CA PHE G 156 -35.12 -4.60 -20.75
C PHE G 156 -33.67 -4.69 -20.28
N PRO G 157 -33.23 -3.73 -19.43
CA PRO G 157 -31.86 -3.31 -19.19
C PRO G 157 -30.81 -3.45 -20.29
N GLU G 158 -30.62 -2.33 -21.00
CA GLU G 158 -29.52 -2.07 -21.94
C GLU G 158 -28.18 -2.50 -21.36
N PRO G 159 -27.20 -2.88 -22.20
CA PRO G 159 -27.41 -3.00 -23.65
C PRO G 159 -27.21 -4.41 -24.24
N VAL G 160 -27.65 -4.61 -25.48
CA VAL G 160 -27.31 -5.81 -26.30
C VAL G 160 -26.04 -5.48 -27.10
N THR G 161 -25.42 -6.45 -27.76
CA THR G 161 -24.22 -6.25 -28.61
C THR G 161 -24.30 -7.18 -29.82
N VAL G 162 -24.23 -6.60 -31.02
CA VAL G 162 -24.41 -7.30 -32.32
C VAL G 162 -23.06 -7.38 -33.02
N SER G 163 -22.58 -8.59 -33.31
CA SER G 163 -21.37 -8.83 -34.12
C SER G 163 -21.78 -9.60 -35.38
N TRP G 164 -21.58 -8.99 -36.54
CA TRP G 164 -21.94 -9.56 -37.87
C TRP G 164 -20.83 -10.49 -38.35
N ASN G 165 -21.11 -11.80 -38.33
CA ASN G 165 -20.16 -12.88 -38.70
C ASN G 165 -18.88 -12.67 -37.87
N SER G 166 -19.06 -12.55 -36.55
CA SER G 166 -18.03 -12.23 -35.52
C SER G 166 -16.62 -12.24 -36.11
N GLY G 167 -16.07 -11.06 -36.42
CA GLY G 167 -14.66 -10.91 -36.84
C GLY G 167 -14.51 -10.11 -38.12
N ALA G 168 -14.71 -10.76 -39.28
CA ALA G 168 -14.19 -10.36 -40.62
C ALA G 168 -15.01 -9.21 -41.23
N LEU G 169 -16.28 -9.04 -40.83
CA LEU G 169 -17.12 -7.90 -41.27
C LEU G 169 -17.11 -6.80 -40.20
N THR G 170 -16.32 -5.76 -40.41
CA THR G 170 -16.39 -4.45 -39.69
C THR G 170 -16.81 -3.38 -40.69
N SER G 171 -16.06 -3.26 -41.81
CA SER G 171 -16.39 -2.43 -42.99
C SER G 171 -17.86 -2.66 -43.39
N GLY G 172 -18.58 -1.58 -43.67
CA GLY G 172 -20.04 -1.56 -43.97
C GLY G 172 -20.84 -2.34 -42.93
N VAL G 173 -20.75 -1.97 -41.65
CA VAL G 173 -21.63 -2.50 -40.57
C VAL G 173 -22.20 -1.34 -39.76
N HIS G 174 -23.53 -1.23 -39.66
CA HIS G 174 -24.25 -0.15 -38.94
C HIS G 174 -25.17 -0.74 -37.88
N THR G 175 -24.64 -0.92 -36.67
CA THR G 175 -25.43 -1.30 -35.47
C THR G 175 -26.09 -0.01 -34.95
N PHE G 176 -27.39 -0.03 -34.69
CA PHE G 176 -28.21 1.18 -34.42
C PHE G 176 -28.32 1.40 -32.92
N PRO G 177 -28.86 2.57 -32.50
CA PRO G 177 -29.17 2.83 -31.10
C PRO G 177 -30.61 2.40 -30.77
N ALA G 178 -30.79 1.65 -29.67
CA ALA G 178 -32.11 1.10 -29.25
C ALA G 178 -33.04 2.25 -28.87
N VAL G 179 -34.35 2.05 -29.07
CA VAL G 179 -35.40 3.06 -28.75
C VAL G 179 -36.38 2.45 -27.74
N LEU G 180 -36.75 3.26 -26.75
CA LEU G 180 -37.73 2.92 -25.69
C LEU G 180 -39.14 2.95 -26.30
N GLN G 181 -39.84 1.81 -26.24
CA GLN G 181 -41.22 1.66 -26.75
C GLN G 181 -42.23 2.17 -25.72
N SER G 182 -43.50 2.28 -26.12
CA SER G 182 -44.64 2.72 -25.29
C SER G 182 -44.87 1.71 -24.16
N SER G 183 -44.58 0.43 -24.40
CA SER G 183 -44.70 -0.67 -23.40
C SER G 183 -43.78 -0.38 -22.21
N GLY G 184 -42.57 0.10 -22.50
CA GLY G 184 -41.49 0.31 -21.52
C GLY G 184 -40.33 -0.64 -21.75
N LEU G 185 -40.18 -1.17 -22.98
CA LEU G 185 -39.13 -2.14 -23.38
C LEU G 185 -38.36 -1.58 -24.59
N TYR G 186 -37.11 -2.03 -24.73
CA TYR G 186 -36.14 -1.50 -25.71
C TYR G 186 -36.12 -2.40 -26.93
N SER G 187 -35.65 -1.86 -28.05
CA SER G 187 -35.61 -2.53 -29.38
C SER G 187 -34.64 -1.82 -30.30
N LEU G 188 -33.92 -2.56 -31.16
CA LEU G 188 -32.99 -1.97 -32.16
C LEU G 188 -32.87 -2.90 -33.36
N SER G 189 -32.19 -2.43 -34.41
CA SER G 189 -31.92 -3.20 -35.65
C SER G 189 -30.48 -2.91 -36.10
N SER G 190 -29.71 -3.93 -36.45
CA SER G 190 -28.35 -3.76 -37.04
C SER G 190 -28.39 -4.16 -38.52
N VAL G 191 -27.66 -3.43 -39.38
CA VAL G 191 -27.69 -3.65 -40.87
C VAL G 191 -26.26 -3.62 -41.43
N VAL G 192 -26.09 -4.18 -42.62
CA VAL G 192 -24.76 -4.38 -43.27
C VAL G 192 -24.94 -4.23 -44.78
N THR G 193 -23.94 -3.67 -45.46
CA THR G 193 -23.86 -3.57 -46.93
C THR G 193 -22.59 -4.26 -47.41
N VAL G 194 -22.75 -5.50 -47.89
CA VAL G 194 -21.71 -6.33 -48.58
C VAL G 194 -21.96 -6.30 -50.10
N PRO G 195 -20.94 -6.60 -50.92
CA PRO G 195 -21.12 -6.74 -52.36
C PRO G 195 -22.34 -7.61 -52.74
N SER G 196 -23.06 -7.20 -53.79
CA SER G 196 -24.26 -7.89 -54.32
C SER G 196 -23.93 -9.35 -54.63
N SER G 197 -22.75 -9.61 -55.20
CA SER G 197 -22.30 -10.93 -55.69
C SER G 197 -22.43 -11.99 -54.59
N SER G 198 -21.68 -11.84 -53.49
CA SER G 198 -21.50 -12.86 -52.42
C SER G 198 -22.84 -13.44 -51.97
N LEU G 199 -23.85 -12.57 -51.80
CA LEU G 199 -25.22 -12.89 -51.28
C LEU G 199 -25.57 -14.38 -51.46
N GLY G 200 -25.34 -14.94 -52.66
CA GLY G 200 -25.68 -16.33 -53.01
C GLY G 200 -24.74 -17.34 -52.40
N THR G 201 -23.43 -17.05 -52.41
CA THR G 201 -22.33 -17.95 -51.98
C THR G 201 -22.06 -17.77 -50.48
N GLN G 202 -21.60 -16.59 -50.09
CA GLN G 202 -21.08 -16.28 -48.72
C GLN G 202 -22.22 -16.37 -47.70
N THR G 203 -22.01 -17.10 -46.61
CA THR G 203 -22.95 -17.22 -45.47
C THR G 203 -22.83 -15.96 -44.62
N TYR G 204 -23.97 -15.48 -44.13
CA TYR G 204 -24.03 -14.28 -43.25
C TYR G 204 -24.96 -14.61 -42.08
N ILE G 205 -24.37 -14.69 -40.88
CA ILE G 205 -25.07 -14.82 -39.58
C ILE G 205 -24.64 -13.68 -38.65
N CYS G 206 -25.61 -13.09 -37.96
CA CYS G 206 -25.41 -12.13 -36.86
C CYS G 206 -25.51 -12.90 -35.55
N ASN G 207 -24.79 -12.44 -34.53
CA ASN G 207 -24.86 -13.01 -33.17
C ASN G 207 -25.10 -11.85 -32.21
N VAL G 208 -26.08 -12.00 -31.32
CA VAL G 208 -26.70 -10.94 -30.46
C VAL G 208 -26.55 -11.34 -28.99
N ASN G 209 -26.08 -10.45 -28.12
CA ASN G 209 -25.92 -10.75 -26.67
C ASN G 209 -26.69 -9.74 -25.83
N HIS G 210 -27.41 -10.21 -24.80
CA HIS G 210 -28.01 -9.41 -23.69
C HIS G 210 -27.61 -10.06 -22.36
N LYS G 211 -26.51 -9.58 -21.77
CA LYS G 211 -25.83 -10.14 -20.57
C LYS G 211 -26.76 -10.07 -19.36
N PRO G 212 -27.48 -8.94 -19.12
CA PRO G 212 -28.46 -8.86 -18.05
C PRO G 212 -29.40 -10.07 -17.86
N SER G 213 -29.65 -10.85 -18.92
CA SER G 213 -30.34 -12.17 -18.88
C SER G 213 -29.44 -13.29 -19.44
N ASN G 214 -28.16 -12.99 -19.72
CA ASN G 214 -27.14 -13.92 -20.28
C ASN G 214 -27.76 -14.66 -21.46
N THR G 215 -28.42 -13.90 -22.32
CA THR G 215 -28.97 -14.31 -23.65
C THR G 215 -27.82 -14.19 -24.67
N LYS G 216 -27.60 -15.22 -25.49
CA LYS G 216 -26.48 -15.25 -26.47
C LYS G 216 -26.97 -15.95 -27.75
N VAL G 217 -27.76 -15.24 -28.56
CA VAL G 217 -28.50 -15.77 -29.75
C VAL G 217 -27.65 -15.60 -31.01
N ASP G 218 -27.78 -16.54 -31.95
CA ASP G 218 -27.24 -16.44 -33.33
C ASP G 218 -28.42 -16.60 -34.31
N LYS G 219 -28.46 -15.79 -35.37
CA LYS G 219 -29.47 -15.91 -36.46
C LYS G 219 -28.78 -15.64 -37.80
N ARG G 220 -28.78 -16.63 -38.68
CA ARG G 220 -28.46 -16.42 -40.12
C ARG G 220 -29.72 -15.81 -40.74
N VAL G 221 -29.55 -14.86 -41.66
CA VAL G 221 -30.65 -14.28 -42.49
C VAL G 221 -30.39 -14.73 -43.95
N GLU G 222 -31.43 -15.21 -44.63
CA GLU G 222 -31.33 -15.86 -45.96
C GLU G 222 -31.94 -14.94 -47.01
N PRO G 223 -31.30 -14.77 -48.20
CA PRO G 223 -31.88 -13.97 -49.28
C PRO G 223 -33.36 -14.23 -49.60
N LYS G 224 -34.23 -14.00 -48.62
CA LYS G 224 -35.71 -14.07 -48.75
C LYS G 224 -36.17 -12.92 -49.67
N ASP H 1 -14.73 26.81 -5.31
CA ASP H 1 -14.51 28.16 -5.92
C ASP H 1 -14.43 28.05 -7.46
N ILE H 2 -13.52 27.26 -8.03
CA ILE H 2 -13.22 27.30 -9.49
C ILE H 2 -14.40 26.74 -10.28
N GLN H 3 -14.84 27.44 -11.34
CA GLN H 3 -15.94 27.03 -12.24
C GLN H 3 -15.40 27.05 -13.68
N LEU H 4 -15.64 25.98 -14.45
CA LEU H 4 -15.24 25.89 -15.87
C LEU H 4 -16.43 26.25 -16.74
N THR H 5 -16.19 26.98 -17.81
CA THR H 5 -17.20 27.18 -18.88
C THR H 5 -16.57 26.85 -20.24
N GLN H 6 -17.08 25.79 -20.86
CA GLN H 6 -16.68 25.38 -22.22
C GLN H 6 -17.61 25.98 -23.26
N SER H 7 -17.04 26.49 -24.35
CA SER H 7 -17.76 27.20 -25.45
C SER H 7 -17.09 26.91 -26.79
N PRO H 8 -17.87 26.72 -27.89
CA PRO H 8 -19.33 26.68 -27.81
C PRO H 8 -19.83 25.30 -27.37
N SER H 9 -21.15 25.13 -27.22
CA SER H 9 -21.80 23.86 -26.79
C SER H 9 -21.95 22.91 -27.98
N SER H 10 -21.83 23.44 -29.19
CA SER H 10 -22.07 22.72 -30.48
C SER H 10 -21.28 23.42 -31.58
N LEU H 11 -20.71 22.66 -32.52
CA LEU H 11 -19.78 23.17 -33.57
C LEU H 11 -19.91 22.35 -34.85
N SER H 12 -19.58 22.96 -35.99
CA SER H 12 -19.77 22.40 -37.35
C SER H 12 -18.74 22.95 -38.33
N ALA H 13 -17.95 22.08 -38.95
CA ALA H 13 -16.92 22.50 -39.93
C ALA H 13 -16.78 21.47 -41.05
N SER H 14 -15.97 21.79 -42.07
CA SER H 14 -15.72 20.96 -43.27
C SER H 14 -14.34 20.32 -43.16
N VAL H 15 -14.17 19.13 -43.74
CA VAL H 15 -12.95 18.31 -43.60
C VAL H 15 -11.78 19.14 -44.15
N GLY H 16 -10.91 19.63 -43.27
CA GLY H 16 -9.78 20.50 -43.64
C GLY H 16 -9.87 21.89 -43.03
N ASP H 17 -11.02 22.29 -42.47
CA ASP H 17 -11.20 23.57 -41.74
C ASP H 17 -10.42 23.48 -40.42
N SER H 18 -10.18 24.63 -39.79
CA SER H 18 -9.60 24.74 -38.43
C SER H 18 -10.72 25.15 -37.46
N VAL H 19 -11.01 24.29 -36.47
CA VAL H 19 -12.01 24.58 -35.39
C VAL H 19 -11.27 25.11 -34.15
N THR H 20 -12.02 25.68 -33.20
CA THR H 20 -11.45 26.20 -31.93
C THR H 20 -12.47 26.03 -30.80
N ILE H 21 -12.11 25.20 -29.82
CA ILE H 21 -12.90 25.01 -28.57
C ILE H 21 -12.22 25.83 -27.46
N THR H 22 -13.02 26.38 -26.55
CA THR H 22 -12.60 27.32 -25.49
C THR H 22 -13.02 26.78 -24.13
N CYS H 23 -12.12 26.88 -23.16
CA CYS H 23 -12.35 26.55 -21.73
C CYS H 23 -11.95 27.78 -20.91
N ARG H 24 -12.93 28.48 -20.34
CA ARG H 24 -12.72 29.71 -19.54
C ARG H 24 -13.11 29.43 -18.09
N ALA H 25 -12.14 29.62 -17.18
CA ALA H 25 -12.24 29.35 -15.74
C ALA H 25 -12.32 30.68 -14.98
N SER H 26 -12.82 30.63 -13.75
CA SER H 26 -13.04 31.80 -12.87
C SER H 26 -11.74 32.16 -12.15
N GLN H 27 -10.74 31.26 -12.18
CA GLN H 27 -9.48 31.38 -11.40
C GLN H 27 -8.37 30.56 -12.06
N GLY H 28 -7.12 31.05 -12.01
CA GLY H 28 -5.92 30.27 -12.38
C GLY H 28 -5.77 29.05 -11.48
N PHE H 29 -5.01 28.04 -11.93
CA PHE H 29 -4.65 26.86 -11.09
C PHE H 29 -3.41 26.17 -11.67
N GLY H 30 -2.45 26.95 -12.19
CA GLY H 30 -1.16 26.47 -12.70
C GLY H 30 -1.29 25.65 -13.97
N ASN H 31 -2.38 25.83 -14.73
CA ASN H 31 -2.50 25.29 -16.09
C ASN H 31 -2.61 23.77 -16.04
N TYR H 32 -3.17 23.21 -14.96
CA TYR H 32 -3.43 21.75 -14.87
C TYR H 32 -4.76 21.44 -15.57
N LEU H 33 -4.78 21.57 -16.90
CA LEU H 33 -6.02 21.37 -17.69
C LEU H 33 -5.78 20.33 -18.79
N ALA H 34 -6.65 19.32 -18.88
CA ALA H 34 -6.55 18.26 -19.92
C ALA H 34 -7.67 18.45 -20.94
N TRP H 35 -7.40 18.08 -22.19
CA TRP H 35 -8.41 18.05 -23.28
C TRP H 35 -8.65 16.60 -23.66
N TYR H 36 -9.90 16.15 -23.53
CA TYR H 36 -10.36 14.79 -23.90
C TYR H 36 -11.18 14.81 -25.18
N GLN H 37 -11.05 13.78 -26.01
CA GLN H 37 -11.96 13.48 -27.15
C GLN H 37 -12.76 12.22 -26.80
N GLN H 38 -14.11 12.28 -26.78
CA GLN H 38 -14.96 11.08 -26.60
C GLN H 38 -15.70 10.77 -27.90
N ARG H 39 -15.26 9.75 -28.66
CA ARG H 39 -15.89 9.39 -29.96
C ARG H 39 -17.21 8.66 -29.68
N PRO H 40 -18.24 8.79 -30.54
CA PRO H 40 -19.57 8.25 -30.25
C PRO H 40 -19.53 6.75 -29.87
N GLY H 41 -20.09 6.42 -28.70
CA GLY H 41 -20.01 5.07 -28.12
C GLY H 41 -18.56 4.64 -27.92
N LYS H 42 -17.83 5.31 -27.03
CA LYS H 42 -16.42 4.97 -26.68
C LYS H 42 -16.09 5.57 -25.32
N VAL H 43 -14.95 5.15 -24.75
CA VAL H 43 -14.36 5.78 -23.53
C VAL H 43 -13.65 7.03 -24.02
N PRO H 44 -13.59 8.10 -23.21
CA PRO H 44 -12.83 9.29 -23.58
C PRO H 44 -11.34 9.00 -23.72
N GLU H 45 -10.70 9.60 -24.73
CA GLU H 45 -9.24 9.55 -24.98
C GLU H 45 -8.66 10.93 -24.62
N VAL H 46 -7.58 10.98 -23.85
CA VAL H 46 -6.91 12.25 -23.45
C VAL H 46 -6.07 12.74 -24.63
N LEU H 47 -6.17 14.03 -24.95
CA LEU H 47 -5.50 14.62 -26.14
C LEU H 47 -4.38 15.55 -25.67
N ILE H 48 -4.67 16.46 -24.77
CA ILE H 48 -3.71 17.48 -24.28
C ILE H 48 -3.71 17.40 -22.77
N TYR H 49 -2.55 17.54 -22.14
CA TYR H 49 -2.46 17.80 -20.68
C TYR H 49 -1.59 19.04 -20.43
N ALA H 50 -1.69 19.59 -19.23
CA ALA H 50 -0.88 20.75 -18.80
C ALA H 50 -1.14 21.94 -19.72
N ALA H 51 -2.40 22.14 -20.13
CA ALA H 51 -2.88 23.24 -20.98
C ALA H 51 -2.40 23.06 -22.43
N THR H 52 -1.09 22.88 -22.62
CA THR H 52 -0.43 22.97 -23.95
C THR H 52 0.16 21.63 -24.40
N THR H 53 0.58 20.76 -23.47
CA THR H 53 1.43 19.57 -23.79
C THR H 53 0.59 18.51 -24.53
N LEU H 54 1.03 18.12 -25.73
CA LEU H 54 0.32 17.15 -26.60
C LEU H 54 0.63 15.72 -26.15
N GLN H 55 -0.32 14.79 -26.29
CA GLN H 55 -0.26 13.43 -25.68
C GLN H 55 0.34 12.45 -26.70
N SER H 56 1.17 11.50 -26.24
CA SER H 56 1.82 10.46 -27.06
C SER H 56 0.75 9.65 -27.80
N GLY H 57 0.84 9.60 -29.13
CA GLY H 57 -0.12 8.89 -30.01
C GLY H 57 -1.15 9.82 -30.63
N VAL H 58 -1.31 11.04 -30.09
CA VAL H 58 -2.29 12.03 -30.62
C VAL H 58 -1.64 12.81 -31.76
N PRO H 59 -2.27 12.85 -32.96
CA PRO H 59 -1.75 13.63 -34.08
C PRO H 59 -1.33 15.07 -33.74
N SER H 60 -0.37 15.59 -34.51
CA SER H 60 0.08 17.01 -34.53
C SER H 60 -1.10 17.96 -34.77
N ARG H 61 -2.21 17.47 -35.33
CA ARG H 61 -3.43 18.27 -35.70
C ARG H 61 -3.93 19.00 -34.46
N PHE H 62 -4.10 18.25 -33.37
CA PHE H 62 -4.62 18.76 -32.09
C PHE H 62 -3.50 19.53 -31.39
N SER H 63 -3.71 20.81 -31.10
CA SER H 63 -2.80 21.62 -30.27
C SER H 63 -3.62 22.32 -29.18
N GLY H 64 -3.07 22.30 -27.97
CA GLY H 64 -3.57 23.04 -26.80
C GLY H 64 -2.86 24.39 -26.68
N SER H 65 -3.58 25.40 -26.21
CA SER H 65 -3.06 26.77 -26.08
C SER H 65 -3.79 27.48 -24.95
N GLY H 66 -3.22 28.58 -24.46
CA GLY H 66 -3.76 29.36 -23.33
C GLY H 66 -2.93 29.22 -22.06
N SER H 67 -3.20 30.07 -21.09
CA SER H 67 -2.53 30.03 -19.76
C SER H 67 -3.37 30.81 -18.77
N GLY H 68 -3.36 30.40 -17.51
CA GLY H 68 -4.12 31.08 -16.46
C GLY H 68 -5.56 30.63 -16.50
N THR H 69 -6.47 31.45 -17.03
CA THR H 69 -7.93 31.16 -17.04
C THR H 69 -8.50 31.00 -18.46
N ASP H 70 -7.74 31.34 -19.51
CA ASP H 70 -8.23 31.20 -20.92
C ASP H 70 -7.49 30.00 -21.54
N PHE H 71 -8.23 29.03 -22.07
CA PHE H 71 -7.69 27.82 -22.72
C PHE H 71 -8.37 27.60 -24.05
N THR H 72 -7.65 26.95 -24.96
CA THR H 72 -7.97 26.84 -26.40
C THR H 72 -7.50 25.50 -26.95
N LEU H 73 -8.41 24.71 -27.50
CA LEU H 73 -8.05 23.51 -28.29
C LEU H 73 -8.27 23.87 -29.74
N THR H 74 -7.27 23.62 -30.60
CA THR H 74 -7.36 23.89 -32.05
C THR H 74 -7.05 22.61 -32.83
N ILE H 75 -8.07 22.09 -33.55
CA ILE H 75 -7.95 21.02 -34.60
C ILE H 75 -7.76 21.75 -35.92
N SER H 76 -6.52 21.91 -36.36
CA SER H 76 -6.14 22.85 -37.43
C SER H 76 -6.64 22.33 -38.79
N SER H 77 -6.27 21.11 -39.20
CA SER H 77 -6.86 20.43 -40.39
C SER H 77 -7.85 19.38 -39.89
N LEU H 78 -9.15 19.67 -39.98
CA LEU H 78 -10.21 18.74 -39.53
C LEU H 78 -10.19 17.47 -40.38
N GLN H 79 -10.55 16.36 -39.75
CA GLN H 79 -10.52 15.01 -40.35
C GLN H 79 -11.85 14.34 -40.06
N PRO H 80 -12.26 13.34 -40.86
CA PRO H 80 -13.57 12.70 -40.68
C PRO H 80 -13.73 12.06 -39.30
N GLU H 81 -12.67 11.47 -38.76
CA GLU H 81 -12.73 10.66 -37.51
C GLU H 81 -12.58 11.59 -36.29
N ASP H 82 -12.45 12.90 -36.53
CA ASP H 82 -12.37 13.90 -35.45
C ASP H 82 -13.80 14.27 -35.03
N VAL H 83 -14.79 13.48 -35.43
CA VAL H 83 -16.19 13.62 -34.94
C VAL H 83 -16.25 12.96 -33.57
N ALA H 84 -16.43 13.79 -32.55
CA ALA H 84 -16.51 13.37 -31.14
C ALA H 84 -17.20 14.47 -30.33
N THR H 85 -17.20 14.32 -29.02
CA THR H 85 -17.48 15.41 -28.07
C THR H 85 -16.19 15.66 -27.27
N TYR H 86 -15.75 16.91 -27.19
CA TYR H 86 -14.50 17.33 -26.51
C TYR H 86 -14.84 18.00 -25.20
N TYR H 87 -14.11 17.64 -24.14
CA TYR H 87 -14.24 18.21 -22.78
C TYR H 87 -12.86 18.69 -22.35
N CYS H 88 -12.82 19.81 -21.63
CA CYS H 88 -11.64 20.22 -20.84
C CYS H 88 -11.85 19.76 -19.41
N GLN H 89 -10.79 19.34 -18.73
CA GLN H 89 -10.86 18.98 -17.28
C GLN H 89 -9.81 19.79 -16.52
N LYS H 90 -10.13 20.16 -15.27
CA LYS H 90 -9.17 20.73 -14.29
C LYS H 90 -8.58 19.58 -13.46
N TYR H 91 -7.25 19.47 -13.36
CA TYR H 91 -6.62 18.31 -12.66
C TYR H 91 -5.48 18.73 -11.72
N ASN H 92 -5.46 19.98 -11.26
CA ASN H 92 -4.50 20.42 -10.20
C ASN H 92 -4.78 19.56 -8.95
N SER H 93 -6.06 19.37 -8.65
CA SER H 93 -6.56 18.62 -7.47
C SER H 93 -8.07 18.42 -7.56
N ALA H 94 -8.65 17.65 -6.63
CA ALA H 94 -10.11 17.48 -6.48
C ALA H 94 -10.77 18.83 -6.20
N PRO H 95 -11.96 19.13 -6.76
CA PRO H 95 -12.67 18.24 -7.68
C PRO H 95 -12.05 18.29 -9.07
N PHE H 96 -12.04 17.19 -9.83
CA PHE H 96 -11.51 17.15 -11.21
C PHE H 96 -12.62 17.55 -12.17
N THR H 97 -13.15 18.74 -11.98
CA THR H 97 -14.33 19.26 -12.70
C THR H 97 -14.10 19.16 -14.22
N PHE H 98 -15.12 18.71 -14.96
CA PHE H 98 -15.15 18.68 -16.45
C PHE H 98 -15.89 19.92 -16.97
N GLY H 99 -15.56 20.30 -18.21
CA GLY H 99 -16.36 21.26 -18.98
C GLY H 99 -17.68 20.66 -19.44
N GLN H 100 -18.62 21.47 -19.88
CA GLN H 100 -20.02 21.03 -20.13
C GLN H 100 -20.04 20.17 -21.40
N GLY H 101 -18.95 20.18 -22.17
CA GLY H 101 -18.78 19.39 -23.42
C GLY H 101 -19.03 20.25 -24.64
N THR H 102 -18.48 19.86 -25.78
CA THR H 102 -18.68 20.51 -27.10
C THR H 102 -18.77 19.43 -28.17
N ARG H 103 -19.94 19.31 -28.81
CA ARG H 103 -20.22 18.28 -29.83
C ARG H 103 -19.77 18.84 -31.17
N LEU H 104 -18.83 18.17 -31.85
CA LEU H 104 -18.27 18.60 -33.16
C LEU H 104 -18.81 17.68 -34.26
N GLU H 105 -19.66 18.23 -35.12
CA GLU H 105 -20.23 17.51 -36.28
C GLU H 105 -19.58 18.09 -37.53
N ILE H 106 -19.50 17.30 -38.62
CA ILE H 106 -18.85 17.73 -39.89
C ILE H 106 -19.90 18.19 -40.91
N LYS H 107 -19.54 19.23 -41.65
CA LYS H 107 -20.30 19.80 -42.76
C LYS H 107 -19.70 19.20 -44.02
N ARG H 108 -20.48 18.41 -44.77
CA ARG H 108 -19.96 17.66 -45.93
C ARG H 108 -20.86 17.90 -47.13
N THR H 109 -20.46 17.33 -48.27
CA THR H 109 -21.20 17.35 -49.57
C THR H 109 -22.47 16.53 -49.39
N VAL H 110 -23.62 17.09 -49.80
CA VAL H 110 -24.95 16.41 -49.70
C VAL H 110 -24.83 15.11 -50.51
N ALA H 111 -25.18 13.99 -49.90
CA ALA H 111 -25.22 12.64 -50.50
C ALA H 111 -26.65 12.10 -50.40
N ALA H 112 -27.03 11.25 -51.35
CA ALA H 112 -28.36 10.64 -51.43
C ALA H 112 -28.46 9.49 -50.44
N PRO H 113 -29.59 9.33 -49.72
CA PRO H 113 -29.85 8.10 -49.00
C PRO H 113 -30.18 6.95 -49.97
N SER H 114 -29.76 5.74 -49.60
CA SER H 114 -30.13 4.43 -50.21
C SER H 114 -31.35 3.89 -49.47
N VAL H 115 -32.56 4.20 -49.93
CA VAL H 115 -33.84 3.79 -49.26
C VAL H 115 -34.00 2.27 -49.42
N PHE H 116 -34.18 1.53 -48.31
CA PHE H 116 -34.46 0.07 -48.30
C PHE H 116 -35.74 -0.21 -47.51
N ILE H 117 -36.52 -1.21 -47.97
CA ILE H 117 -37.81 -1.69 -47.37
C ILE H 117 -37.64 -3.14 -46.97
N PHE H 118 -38.13 -3.48 -45.78
CA PHE H 118 -37.91 -4.79 -45.10
C PHE H 118 -39.24 -5.36 -44.64
N PRO H 119 -39.71 -6.46 -45.29
CA PRO H 119 -40.97 -7.10 -44.93
C PRO H 119 -40.89 -7.87 -43.62
N PRO H 120 -41.94 -7.81 -42.77
CA PRO H 120 -41.99 -8.61 -41.55
C PRO H 120 -41.70 -10.09 -41.83
N SER H 121 -42.28 -10.99 -41.03
CA SER H 121 -42.08 -12.46 -41.11
C SER H 121 -43.09 -13.20 -40.22
N ASP H 122 -43.35 -14.46 -40.56
CA ASP H 122 -44.13 -15.43 -39.73
C ASP H 122 -43.58 -15.43 -38.31
N GLU H 123 -42.25 -15.48 -38.17
CA GLU H 123 -41.51 -15.45 -36.88
C GLU H 123 -42.12 -14.39 -35.98
N GLN H 124 -42.18 -13.15 -36.51
CA GLN H 124 -42.54 -11.90 -35.79
C GLN H 124 -44.07 -11.81 -35.66
N LEU H 125 -44.81 -12.19 -36.70
CA LEU H 125 -46.30 -12.09 -36.73
C LEU H 125 -46.94 -13.07 -35.74
N LYS H 126 -46.33 -14.24 -35.53
CA LYS H 126 -46.88 -15.28 -34.60
C LYS H 126 -46.93 -14.73 -33.17
N SER H 127 -45.95 -13.89 -32.80
CA SER H 127 -45.84 -13.18 -31.49
C SER H 127 -46.92 -12.10 -31.34
N GLY H 128 -47.85 -12.02 -32.29
CA GLY H 128 -49.12 -11.27 -32.14
C GLY H 128 -48.93 -9.77 -32.24
N THR H 129 -47.83 -9.32 -32.86
CA THR H 129 -47.60 -7.91 -33.27
C THR H 129 -46.94 -7.91 -34.65
N ALA H 130 -47.17 -6.89 -35.48
CA ALA H 130 -46.45 -6.65 -36.76
C ALA H 130 -45.56 -5.42 -36.59
N SER H 131 -44.34 -5.46 -37.12
CA SER H 131 -43.37 -4.33 -37.12
C SER H 131 -42.69 -4.26 -38.48
N VAL H 132 -42.87 -3.13 -39.17
CA VAL H 132 -42.47 -2.95 -40.60
C VAL H 132 -41.36 -1.90 -40.62
N VAL H 133 -40.48 -2.00 -41.60
CA VAL H 133 -39.10 -1.43 -41.55
C VAL H 133 -38.91 -0.46 -42.71
N CYS H 134 -37.94 0.44 -42.56
CA CYS H 134 -37.44 1.34 -43.62
C CYS H 134 -36.07 1.87 -43.20
N LEU H 135 -35.08 1.74 -44.07
CA LEU H 135 -33.67 1.99 -43.75
C LEU H 135 -33.13 3.03 -44.75
N LEU H 136 -32.81 4.24 -44.27
CA LEU H 136 -32.13 5.32 -45.05
C LEU H 136 -30.63 5.17 -44.82
N ASN H 137 -29.82 5.10 -45.86
CA ASN H 137 -28.38 4.77 -45.69
C ASN H 137 -27.52 5.94 -46.15
N ASN H 138 -26.20 5.83 -45.89
CA ASN H 138 -25.12 6.84 -46.02
C ASN H 138 -25.57 8.17 -46.65
N PHE H 139 -26.31 8.99 -45.89
CA PHE H 139 -26.89 10.27 -46.37
C PHE H 139 -26.38 11.44 -45.53
N TYR H 140 -26.71 12.67 -45.95
CA TYR H 140 -26.34 13.97 -45.31
C TYR H 140 -27.14 15.09 -45.98
N PRO H 141 -27.65 16.11 -45.25
CA PRO H 141 -27.54 16.22 -43.80
C PRO H 141 -28.41 15.25 -42.97
N ARG H 142 -28.33 15.39 -41.65
CA ARG H 142 -29.01 14.52 -40.64
C ARG H 142 -30.52 14.50 -40.90
N GLU H 143 -31.12 15.70 -40.96
CA GLU H 143 -32.58 15.96 -41.06
C GLU H 143 -33.16 15.17 -42.23
N ALA H 144 -34.29 14.50 -42.03
CA ALA H 144 -35.06 13.74 -43.05
C ALA H 144 -36.48 13.53 -42.54
N LYS H 145 -37.35 12.95 -43.37
CA LYS H 145 -38.75 12.60 -42.99
C LYS H 145 -39.12 11.25 -43.61
N VAL H 146 -39.72 10.37 -42.81
CA VAL H 146 -40.27 9.07 -43.30
C VAL H 146 -41.80 9.06 -43.09
N GLN H 147 -42.55 8.69 -44.13
CA GLN H 147 -44.03 8.62 -44.13
C GLN H 147 -44.39 7.15 -44.33
N TRP H 148 -45.53 6.71 -43.79
CA TRP H 148 -45.91 5.27 -43.77
C TRP H 148 -47.17 5.05 -44.59
N LYS H 149 -47.10 4.11 -45.54
CA LYS H 149 -48.19 3.78 -46.49
C LYS H 149 -48.45 2.29 -46.45
N VAL H 150 -49.58 1.89 -45.87
CA VAL H 150 -50.11 0.50 -45.94
C VAL H 150 -51.37 0.56 -46.80
N ASP H 151 -51.29 0.13 -48.06
CA ASP H 151 -52.38 0.28 -49.06
C ASP H 151 -52.74 1.77 -49.21
N ASN H 152 -51.72 2.63 -49.29
CA ASN H 152 -51.82 4.12 -49.41
C ASN H 152 -52.53 4.69 -48.17
N ALA H 153 -52.48 4.00 -47.02
CA ALA H 153 -53.08 4.46 -45.74
C ALA H 153 -51.96 4.96 -44.84
N LEU H 154 -51.86 6.29 -44.75
CA LEU H 154 -50.98 7.02 -43.80
C LEU H 154 -51.43 6.66 -42.39
N GLN H 155 -50.50 6.61 -41.44
CA GLN H 155 -50.79 6.32 -40.02
C GLN H 155 -50.17 7.42 -39.15
N SER H 156 -50.54 7.45 -37.86
CA SER H 156 -50.18 8.48 -36.85
C SER H 156 -49.93 7.82 -35.48
N GLY H 157 -48.82 8.18 -34.82
CA GLY H 157 -48.40 7.60 -33.52
C GLY H 157 -48.03 6.14 -33.64
N ASN H 158 -48.15 5.54 -34.82
CA ASN H 158 -47.95 4.08 -35.06
C ASN H 158 -46.49 3.78 -35.43
N SER H 159 -45.58 4.76 -35.37
CA SER H 159 -44.22 4.68 -35.99
C SER H 159 -43.14 5.04 -34.98
N GLN H 160 -41.89 4.65 -35.25
CA GLN H 160 -40.69 5.04 -34.45
C GLN H 160 -39.46 5.15 -35.36
N GLU H 161 -38.69 6.23 -35.19
CA GLU H 161 -37.48 6.52 -36.00
C GLU H 161 -36.26 6.48 -35.07
N SER H 162 -35.08 6.26 -35.63
CA SER H 162 -33.79 6.25 -34.90
C SER H 162 -32.62 6.50 -35.87
N VAL H 163 -31.74 7.44 -35.54
CA VAL H 163 -30.61 7.87 -36.42
C VAL H 163 -29.30 7.30 -35.87
N THR H 164 -28.32 7.07 -36.75
CA THR H 164 -26.93 6.70 -36.39
C THR H 164 -26.20 7.93 -35.82
N GLU H 165 -24.90 7.81 -35.62
CA GLU H 165 -24.02 8.97 -35.35
C GLU H 165 -23.20 9.15 -36.63
N GLN H 166 -22.88 10.40 -36.97
CA GLN H 166 -22.05 10.76 -38.15
C GLN H 166 -20.85 9.82 -38.22
N ASP H 167 -20.66 9.11 -39.33
CA ASP H 167 -19.57 8.12 -39.54
C ASP H 167 -18.20 8.81 -39.50
N SER H 168 -17.16 8.01 -39.26
CA SER H 168 -15.77 8.49 -39.06
C SER H 168 -14.92 8.45 -40.34
N LYS H 169 -15.53 8.33 -41.54
CA LYS H 169 -14.76 8.11 -42.80
C LYS H 169 -15.42 8.84 -43.97
N ASP H 170 -16.76 8.75 -44.05
CA ASP H 170 -17.59 9.46 -45.07
C ASP H 170 -18.49 10.50 -44.38
N SER H 171 -18.54 10.53 -43.05
CA SER H 171 -19.29 11.56 -42.27
C SER H 171 -20.78 11.57 -42.68
N THR H 172 -21.39 10.39 -42.76
CA THR H 172 -22.80 10.22 -43.19
C THR H 172 -23.62 9.73 -42.01
N TYR H 173 -24.95 9.80 -42.14
CA TYR H 173 -25.92 9.24 -41.18
C TYR H 173 -26.55 7.99 -41.80
N SER H 174 -27.46 7.35 -41.06
CA SER H 174 -28.19 6.14 -41.50
C SER H 174 -29.39 5.94 -40.57
N LEU H 175 -30.58 6.29 -41.04
CA LEU H 175 -31.82 6.29 -40.22
C LEU H 175 -32.46 4.90 -40.31
N SER H 176 -33.30 4.56 -39.34
CA SER H 176 -34.20 3.38 -39.38
C SER H 176 -35.58 3.82 -38.92
N SER H 177 -36.59 3.51 -39.72
CA SER H 177 -38.02 3.73 -39.37
C SER H 177 -38.71 2.39 -39.28
N THR H 178 -39.55 2.21 -38.25
CA THR H 178 -40.33 0.97 -37.99
C THR H 178 -41.57 1.32 -37.16
N LEU H 179 -42.05 0.32 -36.39
CA LEU H 179 -43.29 0.27 -35.58
C LEU H 179 -44.50 0.12 -36.51
N THR H 180 -45.19 -1.02 -36.38
CA THR H 180 -46.51 -1.31 -37.00
C THR H 180 -47.50 -1.58 -35.86
N LEU H 181 -48.54 -2.37 -36.10
CA LEU H 181 -49.77 -2.41 -35.26
C LEU H 181 -49.85 -3.77 -34.54
N SER H 182 -50.80 -4.63 -34.90
CA SER H 182 -51.06 -5.94 -34.25
C SER H 182 -51.02 -7.04 -35.31
N LYS H 183 -51.34 -8.27 -34.93
CA LYS H 183 -51.45 -9.42 -35.88
C LYS H 183 -52.59 -9.16 -36.86
N ALA H 184 -53.65 -8.47 -36.41
CA ALA H 184 -54.96 -8.35 -37.11
C ALA H 184 -54.92 -7.26 -38.18
N ASP H 185 -53.77 -6.60 -38.37
CA ASP H 185 -53.61 -5.47 -39.34
C ASP H 185 -52.63 -5.82 -40.46
N TYR H 186 -51.65 -6.73 -40.25
CA TYR H 186 -50.54 -6.94 -41.22
C TYR H 186 -51.00 -7.69 -42.49
N GLU H 187 -51.56 -8.90 -42.36
CA GLU H 187 -51.98 -9.71 -43.53
C GLU H 187 -53.39 -9.28 -43.99
N LYS H 188 -53.97 -8.28 -43.33
CA LYS H 188 -55.20 -7.57 -43.81
C LYS H 188 -54.85 -6.73 -45.05
N HIS H 189 -53.57 -6.40 -45.24
CA HIS H 189 -53.05 -5.60 -46.40
C HIS H 189 -51.86 -6.34 -47.05
N LYS H 190 -51.33 -5.80 -48.15
CA LYS H 190 -50.39 -6.55 -49.04
C LYS H 190 -49.36 -5.65 -49.72
N VAL H 191 -49.58 -4.34 -49.84
CA VAL H 191 -48.59 -3.42 -50.47
C VAL H 191 -48.10 -2.43 -49.40
N TYR H 192 -46.83 -2.54 -49.04
CA TYR H 192 -46.19 -1.68 -48.02
C TYR H 192 -45.20 -0.76 -48.71
N ALA H 193 -45.15 0.49 -48.25
CA ALA H 193 -44.26 1.53 -48.79
C ALA H 193 -43.89 2.52 -47.69
N CYS H 194 -42.61 2.90 -47.64
CA CYS H 194 -42.14 4.06 -46.86
C CYS H 194 -41.73 5.17 -47.83
N GLU H 195 -42.03 6.42 -47.45
CA GLU H 195 -41.76 7.63 -48.25
C GLU H 195 -40.61 8.41 -47.58
N VAL H 196 -39.53 8.64 -48.32
CA VAL H 196 -38.29 9.27 -47.80
C VAL H 196 -38.14 10.64 -48.47
N THR H 197 -38.61 11.70 -47.80
CA THR H 197 -38.54 13.10 -48.31
C THR H 197 -37.29 13.75 -47.71
N HIS H 198 -36.21 13.81 -48.50
CA HIS H 198 -34.88 14.40 -48.15
C HIS H 198 -34.45 15.39 -49.23
N GLN H 199 -33.65 16.41 -48.89
CA GLN H 199 -33.16 17.41 -49.87
C GLN H 199 -32.19 16.72 -50.85
N GLY H 200 -31.64 15.57 -50.46
CA GLY H 200 -30.68 14.76 -51.25
C GLY H 200 -31.29 14.21 -52.53
N LEU H 201 -32.62 14.16 -52.63
CA LEU H 201 -33.32 13.62 -53.84
C LEU H 201 -34.26 14.67 -54.46
N SER H 202 -34.52 14.50 -55.75
CA SER H 202 -35.47 15.29 -56.57
C SER H 202 -36.85 15.30 -55.91
N SER H 203 -37.51 14.15 -55.84
CA SER H 203 -38.92 14.01 -55.40
C SER H 203 -39.02 12.90 -54.35
N PRO H 204 -40.07 12.91 -53.49
CA PRO H 204 -40.21 11.91 -52.45
C PRO H 204 -40.07 10.49 -53.01
N VAL H 205 -38.99 9.79 -52.65
CA VAL H 205 -38.73 8.40 -53.09
C VAL H 205 -39.65 7.48 -52.26
N THR H 206 -40.28 6.52 -52.94
CA THR H 206 -41.14 5.48 -52.32
C THR H 206 -40.45 4.12 -52.50
N LYS H 207 -40.21 3.40 -51.39
CA LYS H 207 -39.76 1.98 -51.42
C LYS H 207 -40.91 1.11 -50.90
N SER H 208 -41.25 0.08 -51.67
CA SER H 208 -42.46 -0.75 -51.50
C SER H 208 -42.11 -2.21 -51.76
N PHE H 209 -42.98 -3.09 -51.28
CA PHE H 209 -42.97 -4.54 -51.62
C PHE H 209 -44.40 -5.05 -51.50
N ASN H 210 -44.71 -6.05 -52.33
CA ASN H 210 -46.01 -6.76 -52.33
C ASN H 210 -45.90 -7.88 -51.30
N ARG H 211 -46.81 -7.96 -50.32
CA ARG H 211 -46.89 -9.06 -49.33
C ARG H 211 -46.94 -10.37 -50.11
N GLY H 212 -45.75 -10.94 -50.38
CA GLY H 212 -45.51 -12.02 -51.36
C GLY H 212 -44.06 -12.02 -51.83
N GLU H 213 -43.54 -10.82 -52.15
CA GLU H 213 -42.09 -10.56 -52.42
C GLU H 213 -41.89 -9.06 -52.60
C1 NAG I . -10.94 -9.16 -1.09
C2 NAG I . -11.16 -9.36 0.42
C3 NAG I . -10.71 -10.71 0.94
C4 NAG I . -11.19 -11.88 0.08
C5 NAG I . -11.22 -11.69 -1.43
C6 NAG I . -12.42 -12.52 -1.86
C7 NAG I . -11.17 -7.36 1.85
C8 NAG I . -10.33 -6.37 2.60
N2 NAG I . -10.51 -8.31 1.20
O3 NAG I . -11.33 -10.87 2.23
O4 NAG I . -10.40 -13.04 0.42
O5 NAG I . -11.27 -10.32 -1.89
O6 NAG I . -12.18 -12.98 -3.19
O7 NAG I . -12.39 -7.28 1.84
C1 NAG I . -11.15 -13.64 1.60
C2 NAG I . -10.75 -15.10 1.51
C3 NAG I . -11.43 -15.92 2.61
C4 NAG I . -11.27 -15.27 3.97
C5 NAG I . -11.67 -13.81 3.89
C6 NAG I . -11.43 -13.04 5.17
C7 NAG I . -10.22 -16.24 -0.61
C8 NAG I . -10.76 -16.73 -1.91
N2 NAG I . -11.09 -15.63 0.20
O3 NAG I . -10.86 -17.22 2.59
O4 NAG I . -12.13 -15.92 4.92
O5 NAG I . -10.90 -13.16 2.88
O6 NAG I . -11.76 -11.67 4.99
O7 NAG I . -9.03 -16.39 -0.30
C1 FUC I . -12.16 -12.66 -4.47
C2 FUC I . -13.44 -13.53 -4.47
C3 FUC I . -14.69 -12.89 -3.85
C4 FUC I . -14.76 -11.40 -4.14
C5 FUC I . -13.46 -10.66 -3.82
C6 FUC I . -13.61 -9.20 -4.18
O2 FUC I . -13.22 -14.80 -3.80
O3 FUC I . -15.85 -13.57 -4.34
O4 FUC I . -15.14 -11.20 -5.51
O5 FUC I . -12.30 -11.24 -4.44
C1 NAG J . 3.11 -21.46 -26.48
C2 NAG J . 2.76 -21.66 -27.96
C3 NAG J . 3.80 -20.96 -28.82
C4 NAG J . 3.93 -19.50 -28.39
C5 NAG J . 4.22 -19.39 -26.89
C6 NAG J . 4.28 -17.94 -26.40
C7 NAG J . 1.58 -23.67 -28.71
C8 NAG J . 1.70 -25.15 -28.90
N2 NAG J . 2.69 -23.08 -28.29
O3 NAG J . 3.40 -21.05 -30.18
O4 NAG J . 5.02 -18.91 -29.09
O5 NAG J . 3.20 -20.06 -26.16
O6 NAG J . 4.78 -17.96 -25.06
O7 NAG J . 0.53 -23.09 -28.91
C1 NAG K . 0.65 -8.94 -13.53
C2 NAG K . -0.07 -7.60 -13.70
C3 NAG K . -0.83 -7.26 -12.44
C4 NAG K . -1.92 -8.30 -12.21
C5 NAG K . -1.39 -9.74 -12.31
C6 NAG K . -2.14 -10.54 -13.37
C7 NAG K . 1.39 -6.39 -15.25
C8 NAG K . 2.48 -5.35 -15.35
N2 NAG K . 0.90 -6.56 -14.02
O3 NAG K . -1.40 -5.95 -12.58
O4 NAG K . -2.55 -8.09 -10.95
O5 NAG K . 0.02 -9.85 -12.61
O6 NAG K . -2.55 -11.81 -12.84
O7 NAG K . 1.03 -7.04 -16.22
C1 NAG L . -13.20 -33.00 -6.26
C2 NAG L . -12.87 -34.37 -5.69
C3 NAG L . -14.05 -34.91 -4.86
C4 NAG L . -14.54 -33.87 -3.85
C5 NAG L . -14.88 -32.58 -4.58
C6 NAG L . -15.36 -31.45 -3.70
C7 NAG L . -11.73 -36.34 -6.62
C8 NAG L . -11.47 -37.14 -7.85
N2 NAG L . -12.51 -35.27 -6.77
O3 NAG L . -13.66 -36.13 -4.19
O4 NAG L . -15.69 -34.35 -3.14
O5 NAG L . -13.72 -32.13 -5.26
O6 NAG L . -15.70 -30.34 -4.55
O7 NAG L . -11.24 -36.67 -5.55
C1 NAG M . 7.78 -32.12 -33.59
C2 NAG M . 9.30 -32.02 -33.68
C3 NAG M . 9.81 -32.47 -35.04
C4 NAG M . 9.30 -33.90 -35.25
C5 NAG M . 7.77 -33.85 -35.26
C6 NAG M . 7.10 -35.17 -35.62
C7 NAG M . 10.53 -30.37 -32.35
C8 NAG M . 10.91 -28.93 -32.20
N2 NAG M . 9.76 -30.66 -33.40
O3 NAG M . 11.24 -32.40 -35.12
O4 NAG M . 9.82 -34.47 -36.46
O5 NAG M . 7.37 -33.44 -33.95
O6 NAG M . 7.61 -36.25 -34.82
O7 NAG M . 10.93 -31.23 -31.57
C1 NAG N . -13.70 -18.70 -22.79
C2 NAG N . -14.36 -17.33 -22.88
C3 NAG N . -15.32 -17.35 -24.06
C4 NAG N . -14.51 -17.60 -25.33
C5 NAG N . -13.73 -18.92 -25.18
C6 NAG N . -12.86 -19.21 -26.41
C7 NAG N . -15.92 -17.41 -20.90
C8 NAG N . -16.75 -18.56 -21.43
N2 NAG N . -14.92 -16.88 -21.61
O3 NAG N . -16.06 -16.12 -24.15
O4 NAG N . -15.35 -17.65 -26.49
O5 NAG N . -12.95 -18.88 -23.99
O6 NAG N . -11.49 -19.27 -26.05
O7 NAG N . -16.16 -16.97 -19.79
C1 NAG O . -26.05 -36.12 -7.47
C2 NAG O . -26.61 -34.94 -6.67
C3 NAG O . -27.95 -35.29 -6.00
C4 NAG O . -28.07 -36.75 -5.58
C5 NAG O . -27.66 -37.73 -6.69
C6 NAG O . -28.82 -38.60 -7.16
C7 NAG O . -25.08 -33.26 -5.71
C8 NAG O . -24.18 -32.95 -4.55
N2 NAG O . -25.65 -34.48 -5.68
O3 NAG O . -29.01 -34.97 -6.91
O4 NAG O . -27.24 -36.96 -4.43
O5 NAG O . -27.12 -37.00 -7.82
O6 NAG O . -28.39 -39.52 -8.18
O7 NAG O . -25.28 -32.45 -6.61
C1 NAG P . -28.58 -27.14 -16.93
C2 NAG P . -29.57 -26.91 -15.80
C3 NAG P . -30.47 -25.71 -16.07
C4 NAG P . -29.67 -24.50 -16.54
C5 NAG P . -28.80 -24.87 -17.72
C6 NAG P . -27.96 -23.70 -18.27
C7 NAG P . -30.58 -28.70 -14.45
C8 NAG P . -31.62 -29.78 -14.40
N2 NAG P . -30.40 -28.09 -15.63
O3 NAG P . -31.15 -25.36 -14.86
O4 NAG P . -30.59 -23.46 -16.90
O5 NAG P . -27.92 -25.92 -17.29
O6 NAG P . -27.33 -22.95 -17.22
O7 NAG P . -29.98 -28.38 -13.44
C1 NAG Q . -19.40 -46.93 -24.58
C2 NAG Q . -18.54 -48.13 -24.91
C3 NAG Q . -18.74 -48.53 -26.37
C4 NAG Q . -20.22 -48.65 -26.75
C5 NAG Q . -21.12 -47.57 -26.15
C6 NAG Q . -22.58 -48.05 -26.17
C7 NAG Q . -16.37 -48.43 -23.80
C8 NAG Q . -14.89 -48.14 -23.88
N2 NAG Q . -17.14 -47.82 -24.71
O3 NAG Q . -18.11 -49.80 -26.62
O4 NAG Q . -20.29 -48.60 -28.18
O5 NAG Q . -20.78 -47.26 -24.80
O6 NAG Q . -23.47 -46.96 -26.43
O7 NAG Q . -16.81 -49.20 -22.97
C1 NAG R . -25.77 -38.03 -29.19
C2 NAG R . -26.38 -38.97 -28.14
C3 NAG R . -27.89 -38.81 -28.06
C4 NAG R . -28.54 -38.91 -29.44
C5 NAG R . -27.82 -38.02 -30.46
C6 NAG R . -28.76 -37.08 -31.23
C7 NAG R . -24.86 -40.90 -28.04
C8 NAG R . -24.64 -42.33 -28.45
N2 NAG R . -26.01 -40.36 -28.44
O3 NAG R . -28.22 -37.52 -27.49
O4 NAG R . -28.50 -40.27 -29.85
O5 NAG R . -26.81 -37.23 -29.80
O6 NAG R . -28.48 -37.14 -32.63
O7 NAG R . -24.01 -40.28 -27.40
C1 NAG S . -15.53 -26.36 -7.70
C2 NAG S . -15.63 -24.87 -8.01
C3 NAG S . -16.29 -24.06 -6.89
C4 NAG S . -17.56 -24.74 -6.37
C5 NAG S . -17.28 -26.22 -6.06
C6 NAG S . -18.54 -26.93 -5.58
C7 NAG S . -13.74 -24.40 -9.50
C8 NAG S . -12.32 -23.96 -9.59
N2 NAG S . -14.28 -24.39 -8.26
O3 NAG S . -16.60 -22.75 -7.38
O4 NAG S . -18.06 -24.07 -5.20
O5 NAG S . -16.77 -26.89 -7.23
O6 NAG S . -18.41 -27.27 -4.19
O7 NAG S . -14.39 -24.78 -10.46
C1 NAG T . 2.44 -34.60 -43.04
C2 NAG T . 2.33 -33.12 -42.56
C3 NAG T . 2.87 -32.81 -41.17
C4 NAG T . 3.12 -34.04 -40.32
C5 NAG T . 3.87 -35.08 -41.12
C6 NAG T . 4.36 -36.25 -40.27
C7 NAG T . 2.59 -31.87 -44.68
C8 NAG T . 3.34 -30.77 -45.33
N2 NAG T . 3.01 -32.17 -43.45
O3 NAG T . 1.95 -31.91 -40.53
O4 NAG T . 3.93 -33.61 -39.23
O5 NAG T . 3.01 -35.57 -42.15
O6 NAG T . 5.75 -36.12 -39.98
O7 NAG T . 1.65 -32.42 -45.22
C1 NAG U . -3.55 8.16 11.53
C2 NAG U . -5.05 8.14 11.21
C3 NAG U . -5.52 9.58 10.98
C4 NAG U . -5.26 10.41 12.24
C5 NAG U . -3.76 10.31 12.62
C6 NAG U . -3.44 11.03 13.93
C7 NAG U . -5.89 6.08 10.16
C8 NAG U . -6.22 5.38 8.87
N2 NAG U . -5.36 7.30 10.05
O3 NAG U . -6.91 9.59 10.62
O4 NAG U . -5.65 11.79 12.05
O5 NAG U . -3.37 8.93 12.72
O6 NAG U . -2.24 11.79 13.75
O7 NAG U . -6.12 5.55 11.25
C1 NAG V . 17.11 2.97 -5.40
C2 NAG V . 17.22 1.53 -4.93
C3 NAG V . 17.06 0.60 -6.12
C4 NAG V . 15.72 0.87 -6.80
C5 NAG V . 15.61 2.35 -7.16
C6 NAG V . 14.25 2.72 -7.77
C7 NAG V . 18.59 1.43 -2.88
C8 NAG V . 19.89 0.99 -2.28
N2 NAG V . 18.47 1.28 -4.21
O3 NAG V . 17.12 -0.77 -5.70
O4 NAG V . 15.62 0.08 -7.98
O5 NAG V . 15.84 3.16 -6.01
O6 NAG V . 14.46 3.61 -8.88
O7 NAG V . 17.70 1.87 -2.16
C1 NAG W . 24.18 23.44 7.01
C2 NAG W . 25.44 23.75 7.85
C3 NAG W . 26.66 23.45 7.01
C4 NAG W . 26.64 22.02 6.49
C5 NAG W . 25.30 21.66 5.86
C6 NAG W . 25.19 20.16 5.56
C7 NAG W . 25.09 25.56 9.50
C8 NAG W . 24.98 27.04 9.67
N2 NAG W . 25.44 25.15 8.27
O3 NAG W . 27.82 23.66 7.80
O4 NAG W . 27.66 21.87 5.50
O5 NAG W . 24.22 22.04 6.74
O6 NAG W . 23.83 19.78 5.30
O7 NAG W . 24.83 24.79 10.41
C1 NAG X . 11.87 10.12 4.64
C2 NAG X . 12.01 8.76 5.33
C3 NAG X . 10.66 8.26 5.82
C4 NAG X . 10.12 9.23 6.84
C5 NAG X . 10.11 10.68 6.35
C6 NAG X . 10.81 11.57 7.36
C7 NAG X . 13.80 7.32 4.43
C8 NAG X . 14.10 6.26 3.40
N2 NAG X . 12.54 7.76 4.41
O3 NAG X . 10.83 6.98 6.45
O4 NAG X . 8.79 8.84 7.19
O5 NAG X . 10.70 10.87 5.05
O6 NAG X . 9.84 12.46 7.95
O7 NAG X . 14.65 7.73 5.22
C1 NAG Y . -1.32 33.08 16.29
C2 NAG Y . -1.74 34.50 15.92
C3 NAG Y . -2.85 35.01 16.83
C4 NAG Y . -4.03 34.07 16.70
C5 NAG Y . -3.67 32.60 16.89
C6 NAG Y . -4.78 31.76 16.28
C7 NAG Y . -0.54 36.47 15.19
C8 NAG Y . 0.72 37.26 15.36
N2 NAG Y . -0.61 35.39 15.96
O3 NAG Y . -3.29 36.31 16.41
O4 NAG Y . -5.03 34.44 17.64
O5 NAG Y . -2.44 32.18 16.29
O6 NAG Y . -4.31 30.42 16.16
O7 NAG Y . -1.42 36.83 14.41
C1 NAG Z . 31.61 33.40 6.17
C2 NAG Z . 32.27 33.33 4.80
C3 NAG Z . 33.79 33.34 4.97
C4 NAG Z . 34.24 34.56 5.79
C5 NAG Z . 33.41 34.76 7.06
C6 NAG Z . 33.56 36.17 7.61
C7 NAG Z . 31.59 32.14 2.77
C8 NAG Z . 31.12 30.82 2.22
N2 NAG Z . 31.82 32.15 4.09
O3 NAG Z . 34.41 33.35 3.68
O4 NAG Z . 35.62 34.42 6.16
O5 NAG Z . 32.03 34.62 6.78
O6 NAG Z . 32.62 37.03 6.95
O7 NAG Z . 31.74 33.11 2.04
C1 NAG AA . 14.54 19.17 21.52
C2 NAG AA . 14.25 17.73 21.94
C3 NAG AA . 15.08 17.37 23.17
C4 NAG AA . 16.55 17.61 22.87
C5 NAG AA . 16.79 19.03 22.33
C6 NAG AA . 18.24 19.22 21.90
C7 NAG AA . 11.91 17.95 22.90
C8 NAG AA . 12.28 19.02 23.90
N2 NAG AA . 12.81 17.43 22.06
O3 NAG AA . 14.88 16.00 23.53
O4 NAG AA . 17.30 17.43 24.07
O5 NAG AA . 15.93 19.28 21.22
O6 NAG AA . 18.29 20.14 20.81
O7 NAG AA . 10.75 17.58 22.84
C1 NAG BA . -4.73 35.52 28.73
C2 NAG BA . -5.70 34.35 28.90
C3 NAG BA . -6.67 34.56 30.06
C4 NAG BA . -7.18 35.99 30.15
C5 NAG BA . -6.04 37.01 30.12
C6 NAG BA . -6.01 37.80 31.43
C7 NAG BA . -5.89 33.61 26.55
C8 NAG BA . -6.83 33.44 25.39
N2 NAG BA . -6.44 34.10 27.67
O3 NAG BA . -6.03 34.23 31.29
O4 NAG BA . -8.06 36.22 29.06
O5 NAG BA . -4.78 36.37 29.89
O6 NAG BA . -5.05 38.85 31.35
O7 NAG BA . -4.71 33.29 26.47
C1 NAG CA . 4.15 26.07 33.81
C2 NAG CA . 2.88 25.63 34.56
C3 NAG CA . 3.24 24.61 35.63
C4 NAG CA . 4.00 23.45 34.99
C5 NAG CA . 5.23 23.97 34.25
C6 NAG CA . 6.10 22.89 33.57
C7 NAG CA . 0.91 27.03 34.92
C8 NAG CA . 0.39 28.33 35.48
N2 NAG CA . 2.21 26.77 35.16
O3 NAG CA . 2.01 24.16 36.22
O4 NAG CA . 4.42 22.50 35.98
O5 NAG CA . 4.83 24.94 33.25
O6 NAG CA . 5.29 21.92 32.92
O7 NAG CA . 0.19 26.31 34.28
C1 NAG DA . 13.23 47.51 27.98
C2 NAG DA . 13.59 48.96 27.69
C3 NAG DA . 14.95 49.32 28.30
C4 NAG DA . 15.21 48.74 29.70
C5 NAG DA . 14.49 47.41 30.01
C6 NAG DA . 14.32 47.19 31.51
C7 NAG DA . 12.55 49.49 25.53
C8 NAG DA . 12.77 49.75 24.07
N2 NAG DA . 13.64 49.19 26.25
O3 NAG DA . 15.05 50.76 28.35
O4 NAG DA . 16.62 48.52 29.82
O5 NAG DA . 13.20 47.37 29.40
O6 NAG DA . 13.75 45.90 31.75
O7 NAG DA . 11.45 49.53 26.04
C1 NAG EA . 15.64 37.72 36.32
C2 NAG EA . 14.26 38.24 36.77
C3 NAG EA . 13.89 37.77 38.17
C4 NAG EA . 15.06 37.83 39.14
C5 NAG EA . 16.31 37.13 38.55
C6 NAG EA . 16.78 35.94 39.38
C7 NAG EA . 13.95 40.29 35.47
C8 NAG EA . 13.81 41.79 35.53
N2 NAG EA . 14.18 39.69 36.64
O3 NAG EA . 13.40 36.42 38.12
O4 NAG EA . 15.34 39.20 39.44
O5 NAG EA . 16.06 36.68 37.21
O6 NAG EA . 18.14 36.12 39.79
O7 NAG EA . 13.82 39.67 34.42
C1 NAG FA . 0.61 25.99 20.83
C2 NAG FA . -0.80 26.18 20.29
C3 NAG FA . -1.72 25.04 20.75
C4 NAG FA . -1.11 23.69 20.37
C5 NAG FA . 0.32 23.60 20.89
C6 NAG FA . 0.98 22.29 20.48
C7 NAG FA . -1.96 28.28 19.85
C8 NAG FA . -2.36 29.62 20.41
N2 NAG FA . -1.32 27.47 20.70
O3 NAG FA . -3.03 25.18 20.17
O4 NAG FA . -1.90 22.63 20.90
O5 NAG FA . 1.09 24.71 20.41
O6 NAG FA . 2.27 22.53 19.90
O7 NAG FA . -2.19 27.98 18.69
CL CL GA . 0.28 34.89 -7.01
CL CL HA . -6.95 9.88 -31.50
#